data_1HUF
# 
_entry.id   1HUF 
# 
_audit_conform.dict_name       mmcif_pdbx.dic 
_audit_conform.dict_version    5.386 
_audit_conform.dict_location   http://mmcif.pdb.org/dictionaries/ascii/mmcif_pdbx.dic 
# 
loop_
_database_2.database_id 
_database_2.database_code 
_database_2.pdbx_database_accession 
_database_2.pdbx_DOI 
PDB   1HUF         pdb_00001huf 10.2210/pdb1huf/pdb 
RCSB  RCSB012595   ?            ?                   
WWPDB D_1000012595 ?            ?                   
# 
loop_
_pdbx_audit_revision_history.ordinal 
_pdbx_audit_revision_history.data_content_type 
_pdbx_audit_revision_history.major_revision 
_pdbx_audit_revision_history.minor_revision 
_pdbx_audit_revision_history.revision_date 
1 'Structure model' 1 0 2001-05-23 
2 'Structure model' 1 1 2008-04-27 
3 'Structure model' 1 2 2011-07-13 
4 'Structure model' 1 3 2024-02-07 
# 
_pdbx_audit_revision_details.ordinal             1 
_pdbx_audit_revision_details.revision_ordinal    1 
_pdbx_audit_revision_details.data_content_type   'Structure model' 
_pdbx_audit_revision_details.provider            repository 
_pdbx_audit_revision_details.type                'Initial release' 
_pdbx_audit_revision_details.description         ? 
_pdbx_audit_revision_details.details             ? 
# 
loop_
_pdbx_audit_revision_group.ordinal 
_pdbx_audit_revision_group.revision_ordinal 
_pdbx_audit_revision_group.data_content_type 
_pdbx_audit_revision_group.group 
1 2 'Structure model' 'Version format compliance' 
2 3 'Structure model' 'Version format compliance' 
3 4 'Structure model' 'Data collection'           
4 4 'Structure model' 'Database references'       
# 
loop_
_pdbx_audit_revision_category.ordinal 
_pdbx_audit_revision_category.revision_ordinal 
_pdbx_audit_revision_category.data_content_type 
_pdbx_audit_revision_category.category 
1 4 'Structure model' chem_comp_atom     
2 4 'Structure model' chem_comp_bond     
3 4 'Structure model' database_2         
4 4 'Structure model' struct_ref_seq_dif 
# 
loop_
_pdbx_audit_revision_item.ordinal 
_pdbx_audit_revision_item.revision_ordinal 
_pdbx_audit_revision_item.data_content_type 
_pdbx_audit_revision_item.item 
1 4 'Structure model' '_database_2.pdbx_DOI'                
2 4 'Structure model' '_database_2.pdbx_database_accession' 
3 4 'Structure model' '_struct_ref_seq_dif.details'         
# 
_pdbx_database_status.status_code                     REL 
_pdbx_database_status.entry_id                        1HUF 
_pdbx_database_status.recvd_initial_deposition_date   2001-01-04 
_pdbx_database_status.deposit_site                    RCSB 
_pdbx_database_status.process_site                    RCSB 
_pdbx_database_status.status_code_sf                  REL 
_pdbx_database_status.SG_entry                        . 
_pdbx_database_status.pdb_format_compatible           Y 
_pdbx_database_status.status_code_mr                  ? 
_pdbx_database_status.status_code_cs                  ? 
_pdbx_database_status.status_code_nmr_data            ? 
_pdbx_database_status.methods_development_category    ? 
# 
_pdbx_database_related.db_name        PDB 
_pdbx_database_related.db_id          1YPT 
_pdbx_database_related.details        'C-Terminal Domain of YopH' 
_pdbx_database_related.content_type   unspecified 
# 
loop_
_audit_author.name 
_audit_author.pdbx_ordinal 
'Evdokimov, A.G.' 1 
'Waugh, D.S.'     2 
# 
_citation.id                        primary 
_citation.title                     'Structure of the N-terminal domain of Yersinia pestis YopH at 2.0 A resolution.' 
_citation.journal_abbrev            'Acta Crystallogr.,Sect.D' 
_citation.journal_volume            57 
_citation.page_first                793 
_citation.page_last                 799 
_citation.year                      2001 
_citation.journal_id_ASTM           ABCRE6 
_citation.country                   DK 
_citation.journal_id_ISSN           0907-4449 
_citation.journal_id_CSD            0766 
_citation.book_publisher            ? 
_citation.pdbx_database_id_PubMed   11375498 
_citation.pdbx_database_id_DOI      10.1107/S0907444901004875 
# 
loop_
_citation_author.citation_id 
_citation_author.name 
_citation_author.ordinal 
_citation_author.identifier_ORCID 
primary 'Evdokimov, A.G.' 1 ? 
primary 'Tropea, J.E.'    2 ? 
primary 'Routzahn, K.M.'  3 ? 
primary 'Copeland, T.D.'  4 ? 
primary 'Waugh, D.S.'     5 ? 
# 
loop_
_entity.id 
_entity.type 
_entity.src_method 
_entity.pdbx_description 
_entity.formula_weight 
_entity.pdbx_number_of_molecules 
_entity.pdbx_ec 
_entity.pdbx_mutation 
_entity.pdbx_fragment 
_entity.details 
1 polymer man 'TYROSINE PHOSPHATASE YOPH' 15080.780 1  3.1.3.48 ? 'N-TERMINAL DOMAIN' ? 
2 water   nat water                       18.015    94 ?        ? ?                   ? 
# 
_entity_name_com.entity_id   1 
_entity_name_com.name        'VIRULENCE PROTEIN' 
# 
_entity_name_sys.entity_id   1 
_entity_name_sys.name        'EC 3.1.3.48 HYDROLASE' 
# 
_entity_poly.entity_id                      1 
_entity_poly.type                           'polypeptide(L)' 
_entity_poly.nstd_linkage                   no 
_entity_poly.nstd_monomer                   no 
_entity_poly.pdbx_seq_one_letter_code       
;GGGGGMNLSLSDLHRQVSRLVQQESGDCTGKLRGNVAANKETTFQGLTIASGARESEKVFAQTVLSHVANVVLTQEDTAK
LLQSTVKHNLNNYDLRSVGNGNSVLVSLRSDQMTLQDAKVLLEAALRQESGARGHHHHHH
;
_entity_poly.pdbx_seq_one_letter_code_can   
;GGGGGMNLSLSDLHRQVSRLVQQESGDCTGKLRGNVAANKETTFQGLTIASGARESEKVFAQTVLSHVANVVLTQEDTAK
LLQSTVKHNLNNYDLRSVGNGNSVLVSLRSDQMTLQDAKVLLEAALRQESGARGHHHHHH
;
_entity_poly.pdbx_strand_id                 A 
_entity_poly.pdbx_target_identifier         ? 
# 
_pdbx_entity_nonpoly.entity_id   2 
_pdbx_entity_nonpoly.name        water 
_pdbx_entity_nonpoly.comp_id     HOH 
# 
loop_
_entity_poly_seq.entity_id 
_entity_poly_seq.num 
_entity_poly_seq.mon_id 
_entity_poly_seq.hetero 
1 1   GLY n 
1 2   GLY n 
1 3   GLY n 
1 4   GLY n 
1 5   GLY n 
1 6   MET n 
1 7   ASN n 
1 8   LEU n 
1 9   SER n 
1 10  LEU n 
1 11  SER n 
1 12  ASP n 
1 13  LEU n 
1 14  HIS n 
1 15  ARG n 
1 16  GLN n 
1 17  VAL n 
1 18  SER n 
1 19  ARG n 
1 20  LEU n 
1 21  VAL n 
1 22  GLN n 
1 23  GLN n 
1 24  GLU n 
1 25  SER n 
1 26  GLY n 
1 27  ASP n 
1 28  CYS n 
1 29  THR n 
1 30  GLY n 
1 31  LYS n 
1 32  LEU n 
1 33  ARG n 
1 34  GLY n 
1 35  ASN n 
1 36  VAL n 
1 37  ALA n 
1 38  ALA n 
1 39  ASN n 
1 40  LYS n 
1 41  GLU n 
1 42  THR n 
1 43  THR n 
1 44  PHE n 
1 45  GLN n 
1 46  GLY n 
1 47  LEU n 
1 48  THR n 
1 49  ILE n 
1 50  ALA n 
1 51  SER n 
1 52  GLY n 
1 53  ALA n 
1 54  ARG n 
1 55  GLU n 
1 56  SER n 
1 57  GLU n 
1 58  LYS n 
1 59  VAL n 
1 60  PHE n 
1 61  ALA n 
1 62  GLN n 
1 63  THR n 
1 64  VAL n 
1 65  LEU n 
1 66  SER n 
1 67  HIS n 
1 68  VAL n 
1 69  ALA n 
1 70  ASN n 
1 71  VAL n 
1 72  VAL n 
1 73  LEU n 
1 74  THR n 
1 75  GLN n 
1 76  GLU n 
1 77  ASP n 
1 78  THR n 
1 79  ALA n 
1 80  LYS n 
1 81  LEU n 
1 82  LEU n 
1 83  GLN n 
1 84  SER n 
1 85  THR n 
1 86  VAL n 
1 87  LYS n 
1 88  HIS n 
1 89  ASN n 
1 90  LEU n 
1 91  ASN n 
1 92  ASN n 
1 93  TYR n 
1 94  ASP n 
1 95  LEU n 
1 96  ARG n 
1 97  SER n 
1 98  VAL n 
1 99  GLY n 
1 100 ASN n 
1 101 GLY n 
1 102 ASN n 
1 103 SER n 
1 104 VAL n 
1 105 LEU n 
1 106 VAL n 
1 107 SER n 
1 108 LEU n 
1 109 ARG n 
1 110 SER n 
1 111 ASP n 
1 112 GLN n 
1 113 MET n 
1 114 THR n 
1 115 LEU n 
1 116 GLN n 
1 117 ASP n 
1 118 ALA n 
1 119 LYS n 
1 120 VAL n 
1 121 LEU n 
1 122 LEU n 
1 123 GLU n 
1 124 ALA n 
1 125 ALA n 
1 126 LEU n 
1 127 ARG n 
1 128 GLN n 
1 129 GLU n 
1 130 SER n 
1 131 GLY n 
1 132 ALA n 
1 133 ARG n 
1 134 GLY n 
1 135 HIS n 
1 136 HIS n 
1 137 HIS n 
1 138 HIS n 
1 139 HIS n 
1 140 HIS n 
# 
_entity_src_gen.entity_id                          1 
_entity_src_gen.pdbx_src_id                        1 
_entity_src_gen.pdbx_alt_source_flag               sample 
_entity_src_gen.pdbx_seq_type                      ? 
_entity_src_gen.pdbx_beg_seq_num                   ? 
_entity_src_gen.pdbx_end_seq_num                   ? 
_entity_src_gen.gene_src_common_name               ? 
_entity_src_gen.gene_src_genus                     Yersinia 
_entity_src_gen.pdbx_gene_src_gene                 YOPH 
_entity_src_gen.gene_src_species                   ? 
_entity_src_gen.gene_src_strain                    ? 
_entity_src_gen.gene_src_tissue                    ? 
_entity_src_gen.gene_src_tissue_fraction           ? 
_entity_src_gen.gene_src_details                   ? 
_entity_src_gen.pdbx_gene_src_fragment             ? 
_entity_src_gen.pdbx_gene_src_scientific_name      'Yersinia pestis' 
_entity_src_gen.pdbx_gene_src_ncbi_taxonomy_id     632 
_entity_src_gen.pdbx_gene_src_variant              ? 
_entity_src_gen.pdbx_gene_src_cell_line            ? 
_entity_src_gen.pdbx_gene_src_atcc                 ? 
_entity_src_gen.pdbx_gene_src_organ                ? 
_entity_src_gen.pdbx_gene_src_organelle            ? 
_entity_src_gen.pdbx_gene_src_cell                 ? 
_entity_src_gen.pdbx_gene_src_cellular_location    ? 
_entity_src_gen.host_org_common_name               ? 
_entity_src_gen.pdbx_host_org_scientific_name      'Escherichia coli' 
_entity_src_gen.pdbx_host_org_ncbi_taxonomy_id     562 
_entity_src_gen.host_org_genus                     Escherichia 
_entity_src_gen.pdbx_host_org_gene                 ? 
_entity_src_gen.pdbx_host_org_organ                ? 
_entity_src_gen.host_org_species                   ? 
_entity_src_gen.pdbx_host_org_tissue               ? 
_entity_src_gen.pdbx_host_org_tissue_fraction      ? 
_entity_src_gen.pdbx_host_org_strain               'BL21(DE3)-RIL' 
_entity_src_gen.pdbx_host_org_variant              ? 
_entity_src_gen.pdbx_host_org_cell_line            ? 
_entity_src_gen.pdbx_host_org_atcc                 ? 
_entity_src_gen.pdbx_host_org_culture_collection   ? 
_entity_src_gen.pdbx_host_org_cell                 ? 
_entity_src_gen.pdbx_host_org_organelle            ? 
_entity_src_gen.pdbx_host_org_cellular_location    ? 
_entity_src_gen.pdbx_host_org_vector_type          PDONR201 
_entity_src_gen.pdbx_host_org_vector               ? 
_entity_src_gen.host_org_details                   ? 
_entity_src_gen.expression_system_id               ? 
_entity_src_gen.plasmid_name                       PKM904 
_entity_src_gen.plasmid_details                    ? 
_entity_src_gen.pdbx_description                   ? 
# 
loop_
_chem_comp.id 
_chem_comp.type 
_chem_comp.mon_nstd_flag 
_chem_comp.name 
_chem_comp.pdbx_synonyms 
_chem_comp.formula 
_chem_comp.formula_weight 
ALA 'L-peptide linking' y ALANINE         ? 'C3 H7 N O2'     89.093  
ARG 'L-peptide linking' y ARGININE        ? 'C6 H15 N4 O2 1' 175.209 
ASN 'L-peptide linking' y ASPARAGINE      ? 'C4 H8 N2 O3'    132.118 
ASP 'L-peptide linking' y 'ASPARTIC ACID' ? 'C4 H7 N O4'     133.103 
CYS 'L-peptide linking' y CYSTEINE        ? 'C3 H7 N O2 S'   121.158 
GLN 'L-peptide linking' y GLUTAMINE       ? 'C5 H10 N2 O3'   146.144 
GLU 'L-peptide linking' y 'GLUTAMIC ACID' ? 'C5 H9 N O4'     147.129 
GLY 'peptide linking'   y GLYCINE         ? 'C2 H5 N O2'     75.067  
HIS 'L-peptide linking' y HISTIDINE       ? 'C6 H10 N3 O2 1' 156.162 
HOH non-polymer         . WATER           ? 'H2 O'           18.015  
ILE 'L-peptide linking' y ISOLEUCINE      ? 'C6 H13 N O2'    131.173 
LEU 'L-peptide linking' y LEUCINE         ? 'C6 H13 N O2'    131.173 
LYS 'L-peptide linking' y LYSINE          ? 'C6 H15 N2 O2 1' 147.195 
MET 'L-peptide linking' y METHIONINE      ? 'C5 H11 N O2 S'  149.211 
PHE 'L-peptide linking' y PHENYLALANINE   ? 'C9 H11 N O2'    165.189 
SER 'L-peptide linking' y SERINE          ? 'C3 H7 N O3'     105.093 
THR 'L-peptide linking' y THREONINE       ? 'C4 H9 N O3'     119.119 
TYR 'L-peptide linking' y TYROSINE        ? 'C9 H11 N O3'    181.189 
VAL 'L-peptide linking' y VALINE          ? 'C5 H11 N O2'    117.146 
# 
loop_
_pdbx_poly_seq_scheme.asym_id 
_pdbx_poly_seq_scheme.entity_id 
_pdbx_poly_seq_scheme.seq_id 
_pdbx_poly_seq_scheme.mon_id 
_pdbx_poly_seq_scheme.ndb_seq_num 
_pdbx_poly_seq_scheme.pdb_seq_num 
_pdbx_poly_seq_scheme.auth_seq_num 
_pdbx_poly_seq_scheme.pdb_mon_id 
_pdbx_poly_seq_scheme.auth_mon_id 
_pdbx_poly_seq_scheme.pdb_strand_id 
_pdbx_poly_seq_scheme.pdb_ins_code 
_pdbx_poly_seq_scheme.hetero 
A 1 1   GLY 1   -4  ?   ?   ?   A . n 
A 1 2   GLY 2   -3  ?   ?   ?   A . n 
A 1 3   GLY 3   -2  ?   ?   ?   A . n 
A 1 4   GLY 4   -1  ?   ?   ?   A . n 
A 1 5   GLY 5   0   ?   ?   ?   A . n 
A 1 6   MET 6   1   ?   ?   ?   A . n 
A 1 7   ASN 7   2   ?   ?   ?   A . n 
A 1 8   LEU 8   3   3   LEU LEU A . n 
A 1 9   SER 9   4   4   SER SER A . n 
A 1 10  LEU 10  5   5   LEU LEU A . n 
A 1 11  SER 11  6   6   SER SER A . n 
A 1 12  ASP 12  7   7   ASP ASP A . n 
A 1 13  LEU 13  8   8   LEU LEU A . n 
A 1 14  HIS 14  9   9   HIS HIS A . n 
A 1 15  ARG 15  10  10  ARG ARG A . n 
A 1 16  GLN 16  11  11  GLN GLN A . n 
A 1 17  VAL 17  12  12  VAL VAL A . n 
A 1 18  SER 18  13  13  SER SER A . n 
A 1 19  ARG 19  14  14  ARG ARG A . n 
A 1 20  LEU 20  15  15  LEU LEU A . n 
A 1 21  VAL 21  16  16  VAL VAL A . n 
A 1 22  GLN 22  17  17  GLN GLN A . n 
A 1 23  GLN 23  18  18  GLN GLN A . n 
A 1 24  GLU 24  19  19  GLU GLU A . n 
A 1 25  SER 25  20  20  SER SER A . n 
A 1 26  GLY 26  21  21  GLY GLY A . n 
A 1 27  ASP 27  22  22  ASP ASP A . n 
A 1 28  CYS 28  23  23  CYS CYS A . n 
A 1 29  THR 29  24  24  THR THR A . n 
A 1 30  GLY 30  25  25  GLY GLY A . n 
A 1 31  LYS 31  26  26  LYS LYS A . n 
A 1 32  LEU 32  27  27  LEU LEU A . n 
A 1 33  ARG 33  28  28  ARG ARG A . n 
A 1 34  GLY 34  29  29  GLY GLY A . n 
A 1 35  ASN 35  30  30  ASN ASN A . n 
A 1 36  VAL 36  31  31  VAL VAL A . n 
A 1 37  ALA 37  32  32  ALA ALA A . n 
A 1 38  ALA 38  33  33  ALA ALA A . n 
A 1 39  ASN 39  34  34  ASN ASN A . n 
A 1 40  LYS 40  35  35  LYS LYS A . n 
A 1 41  GLU 41  36  36  GLU GLU A . n 
A 1 42  THR 42  37  37  THR THR A . n 
A 1 43  THR 43  38  38  THR THR A . n 
A 1 44  PHE 44  39  39  PHE PHE A . n 
A 1 45  GLN 45  40  40  GLN GLN A . n 
A 1 46  GLY 46  41  41  GLY GLY A . n 
A 1 47  LEU 47  42  42  LEU LEU A . n 
A 1 48  THR 48  43  43  THR THR A . n 
A 1 49  ILE 49  44  44  ILE ILE A . n 
A 1 50  ALA 50  45  45  ALA ALA A . n 
A 1 51  SER 51  46  46  SER SER A . n 
A 1 52  GLY 52  47  47  GLY GLY A . n 
A 1 53  ALA 53  48  48  ALA ALA A . n 
A 1 54  ARG 54  49  49  ARG ARG A . n 
A 1 55  GLU 55  50  50  GLU GLU A . n 
A 1 56  SER 56  51  51  SER SER A . n 
A 1 57  GLU 57  52  52  GLU GLU A . n 
A 1 58  LYS 58  53  53  LYS LYS A . n 
A 1 59  VAL 59  54  54  VAL VAL A . n 
A 1 60  PHE 60  55  55  PHE PHE A . n 
A 1 61  ALA 61  56  56  ALA ALA A . n 
A 1 62  GLN 62  57  57  GLN GLN A . n 
A 1 63  THR 63  58  58  THR THR A . n 
A 1 64  VAL 64  59  59  VAL VAL A . n 
A 1 65  LEU 65  60  60  LEU LEU A . n 
A 1 66  SER 66  61  61  SER SER A . n 
A 1 67  HIS 67  62  62  HIS HIS A . n 
A 1 68  VAL 68  63  63  VAL VAL A . n 
A 1 69  ALA 69  64  64  ALA ALA A . n 
A 1 70  ASN 70  65  65  ASN ASN A . n 
A 1 71  VAL 71  66  66  VAL VAL A . n 
A 1 72  VAL 72  67  67  VAL VAL A . n 
A 1 73  LEU 73  68  68  LEU LEU A . n 
A 1 74  THR 74  69  69  THR THR A . n 
A 1 75  GLN 75  70  70  GLN GLN A . n 
A 1 76  GLU 76  71  71  GLU GLU A . n 
A 1 77  ASP 77  72  72  ASP ASP A . n 
A 1 78  THR 78  73  73  THR THR A . n 
A 1 79  ALA 79  74  74  ALA ALA A . n 
A 1 80  LYS 80  75  75  LYS LYS A . n 
A 1 81  LEU 81  76  76  LEU LEU A . n 
A 1 82  LEU 82  77  77  LEU LEU A . n 
A 1 83  GLN 83  78  78  GLN GLN A . n 
A 1 84  SER 84  79  79  SER SER A . n 
A 1 85  THR 85  80  80  THR THR A . n 
A 1 86  VAL 86  81  81  VAL VAL A . n 
A 1 87  LYS 87  82  82  LYS LYS A . n 
A 1 88  HIS 88  83  83  HIS HIS A . n 
A 1 89  ASN 89  84  84  ASN ASN A . n 
A 1 90  LEU 90  85  85  LEU LEU A . n 
A 1 91  ASN 91  86  86  ASN ASN A . n 
A 1 92  ASN 92  87  87  ASN ASN A . n 
A 1 93  TYR 93  88  88  TYR TYR A . n 
A 1 94  ASP 94  89  89  ASP ASP A . n 
A 1 95  LEU 95  90  90  LEU LEU A . n 
A 1 96  ARG 96  91  91  ARG ARG A . n 
A 1 97  SER 97  92  92  SER SER A . n 
A 1 98  VAL 98  93  93  VAL VAL A . n 
A 1 99  GLY 99  94  94  GLY GLY A . n 
A 1 100 ASN 100 95  95  ASN ASN A . n 
A 1 101 GLY 101 96  96  GLY GLY A . n 
A 1 102 ASN 102 97  97  ASN ASN A . n 
A 1 103 SER 103 98  98  SER SER A . n 
A 1 104 VAL 104 99  99  VAL VAL A . n 
A 1 105 LEU 105 100 100 LEU LEU A . n 
A 1 106 VAL 106 101 101 VAL VAL A . n 
A 1 107 SER 107 102 102 SER SER A . n 
A 1 108 LEU 108 103 103 LEU LEU A . n 
A 1 109 ARG 109 104 104 ARG ARG A . n 
A 1 110 SER 110 105 105 SER SER A . n 
A 1 111 ASP 111 106 106 ASP ASP A . n 
A 1 112 GLN 112 107 107 GLN GLN A . n 
A 1 113 MET 113 108 108 MET MET A . n 
A 1 114 THR 114 109 109 THR THR A . n 
A 1 115 LEU 115 110 110 LEU LEU A . n 
A 1 116 GLN 116 111 111 GLN GLN A . n 
A 1 117 ASP 117 112 112 ASP ASP A . n 
A 1 118 ALA 118 113 113 ALA ALA A . n 
A 1 119 LYS 119 114 114 LYS LYS A . n 
A 1 120 VAL 120 115 115 VAL VAL A . n 
A 1 121 LEU 121 116 116 LEU LEU A . n 
A 1 122 LEU 122 117 117 LEU LEU A . n 
A 1 123 GLU 123 118 118 GLU GLU A . n 
A 1 124 ALA 124 119 119 ALA ALA A . n 
A 1 125 ALA 125 120 120 ALA ALA A . n 
A 1 126 LEU 126 121 121 LEU LEU A . n 
A 1 127 ARG 127 122 122 ARG ARG A . n 
A 1 128 GLN 128 123 123 GLN GLN A . n 
A 1 129 GLU 129 124 124 GLU GLU A . n 
A 1 130 SER 130 125 125 SER SER A . n 
A 1 131 GLY 131 126 ?   ?   ?   A . n 
A 1 132 ALA 132 127 ?   ?   ?   A . n 
A 1 133 ARG 133 128 ?   ?   ?   A . n 
A 1 134 GLY 134 129 ?   ?   ?   A . n 
A 1 135 HIS 135 130 ?   ?   ?   A . n 
A 1 136 HIS 136 131 ?   ?   ?   A . n 
A 1 137 HIS 137 132 ?   ?   ?   A . n 
A 1 138 HIS 138 133 ?   ?   ?   A . n 
A 1 139 HIS 139 134 ?   ?   ?   A . n 
A 1 140 HIS 140 135 ?   ?   ?   A . n 
# 
loop_
_pdbx_nonpoly_scheme.asym_id 
_pdbx_nonpoly_scheme.entity_id 
_pdbx_nonpoly_scheme.mon_id 
_pdbx_nonpoly_scheme.ndb_seq_num 
_pdbx_nonpoly_scheme.pdb_seq_num 
_pdbx_nonpoly_scheme.auth_seq_num 
_pdbx_nonpoly_scheme.pdb_mon_id 
_pdbx_nonpoly_scheme.auth_mon_id 
_pdbx_nonpoly_scheme.pdb_strand_id 
_pdbx_nonpoly_scheme.pdb_ins_code 
B 2 HOH 1  2001 2001 HOH HOH A . 
B 2 HOH 2  2002 2002 HOH HOH A . 
B 2 HOH 3  2003 2003 HOH HOH A . 
B 2 HOH 4  2004 2004 HOH HOH A . 
B 2 HOH 5  2005 2005 HOH HOH A . 
B 2 HOH 6  2006 2006 HOH HOH A . 
B 2 HOH 7  2007 2007 HOH HOH A . 
B 2 HOH 8  2008 2008 HOH HOH A . 
B 2 HOH 9  2009 2009 HOH HOH A . 
B 2 HOH 10 2010 2010 HOH HOH A . 
B 2 HOH 11 2011 2011 HOH HOH A . 
B 2 HOH 12 2012 2012 HOH HOH A . 
B 2 HOH 13 2013 2013 HOH HOH A . 
B 2 HOH 14 2014 2014 HOH HOH A . 
B 2 HOH 15 2015 2015 HOH HOH A . 
B 2 HOH 16 2016 2016 HOH HOH A . 
B 2 HOH 17 2017 2017 HOH HOH A . 
B 2 HOH 18 2018 2018 HOH HOH A . 
B 2 HOH 19 2019 2019 HOH HOH A . 
B 2 HOH 20 2020 2020 HOH HOH A . 
B 2 HOH 21 2021 2021 HOH HOH A . 
B 2 HOH 22 2022 2022 HOH HOH A . 
B 2 HOH 23 2023 2023 HOH HOH A . 
B 2 HOH 24 2024 2024 HOH HOH A . 
B 2 HOH 25 2025 2025 HOH HOH A . 
B 2 HOH 26 2026 2026 HOH HOH A . 
B 2 HOH 27 2027 2027 HOH HOH A . 
B 2 HOH 28 2028 2028 HOH HOH A . 
B 2 HOH 29 2029 2029 HOH HOH A . 
B 2 HOH 30 2030 2030 HOH HOH A . 
B 2 HOH 31 2031 2031 HOH HOH A . 
B 2 HOH 32 2032 2032 HOH HOH A . 
B 2 HOH 33 2033 2033 HOH HOH A . 
B 2 HOH 34 2034 2034 HOH HOH A . 
B 2 HOH 35 2035 2035 HOH HOH A . 
B 2 HOH 36 2036 2036 HOH HOH A . 
B 2 HOH 37 2037 2037 HOH HOH A . 
B 2 HOH 38 2038 2038 HOH HOH A . 
B 2 HOH 39 2039 2039 HOH HOH A . 
B 2 HOH 40 2040 2040 HOH HOH A . 
B 2 HOH 41 2041 2041 HOH HOH A . 
B 2 HOH 42 2042 2042 HOH HOH A . 
B 2 HOH 43 2043 2043 HOH HOH A . 
B 2 HOH 44 2044 2044 HOH HOH A . 
B 2 HOH 45 2045 2045 HOH HOH A . 
B 2 HOH 46 2046 2046 HOH HOH A . 
B 2 HOH 47 2047 2047 HOH HOH A . 
B 2 HOH 48 2048 2048 HOH HOH A . 
B 2 HOH 49 2049 2049 HOH HOH A . 
B 2 HOH 50 2050 2050 HOH HOH A . 
B 2 HOH 51 2051 2051 HOH HOH A . 
B 2 HOH 52 2052 2052 HOH HOH A . 
B 2 HOH 53 2053 2053 HOH HOH A . 
B 2 HOH 54 2054 2054 HOH HOH A . 
B 2 HOH 55 2055 2055 HOH HOH A . 
B 2 HOH 56 2056 2056 HOH HOH A . 
B 2 HOH 57 2057 2057 HOH HOH A . 
B 2 HOH 58 2058 2058 HOH HOH A . 
B 2 HOH 59 2059 2059 HOH HOH A . 
B 2 HOH 60 2060 2060 HOH HOH A . 
B 2 HOH 61 2061 2061 HOH HOH A . 
B 2 HOH 62 2062 2062 HOH HOH A . 
B 2 HOH 63 2063 2063 HOH HOH A . 
B 2 HOH 64 2064 2064 HOH HOH A . 
B 2 HOH 65 2065 2065 HOH HOH A . 
B 2 HOH 66 2066 2066 HOH HOH A . 
B 2 HOH 67 2067 2067 HOH HOH A . 
B 2 HOH 68 2068 2068 HOH HOH A . 
B 2 HOH 69 2069 2069 HOH HOH A . 
B 2 HOH 70 2070 2070 HOH HOH A . 
B 2 HOH 71 2071 2071 HOH HOH A . 
B 2 HOH 72 2072 2072 HOH HOH A . 
B 2 HOH 73 2073 2073 HOH HOH A . 
B 2 HOH 74 2074 2074 HOH HOH A . 
B 2 HOH 75 2075 2075 HOH HOH A . 
B 2 HOH 76 2076 2076 HOH HOH A . 
B 2 HOH 77 2077 2077 HOH HOH A . 
B 2 HOH 78 2078 2078 HOH HOH A . 
B 2 HOH 79 2079 2079 HOH HOH A . 
B 2 HOH 80 2080 2080 HOH HOH A . 
B 2 HOH 81 2081 2081 HOH HOH A . 
B 2 HOH 82 2082 2082 HOH HOH A . 
B 2 HOH 83 2083 2083 HOH HOH A . 
B 2 HOH 84 2084 2084 HOH HOH A . 
B 2 HOH 85 2085 2085 HOH HOH A . 
B 2 HOH 86 2086 2086 HOH HOH A . 
B 2 HOH 87 2087 2087 HOH HOH A . 
B 2 HOH 88 2088 2088 HOH HOH A . 
B 2 HOH 89 2089 2089 HOH HOH A . 
B 2 HOH 90 2090 2090 HOH HOH A . 
B 2 HOH 91 2091 2091 HOH HOH A . 
B 2 HOH 92 2092 2092 HOH HOH A . 
B 2 HOH 93 2093 2093 HOH HOH A . 
B 2 HOH 94 2094 2094 HOH HOH A . 
# 
loop_
_software.name 
_software.classification 
_software.version 
_software.citation_id 
_software.pdbx_ordinal 
SOLVE     phasing          . ? 1 
CNS       refinement       . ? 2 
SHELXL-97 refinement       . ? 3 
DENZO     'data reduction' . ? 4 
SCALEPACK 'data scaling'   . ? 5 
CNS       phasing          . ? 6 
# 
_cell.entry_id           1HUF 
_cell.length_a           48.063 
_cell.length_b           120.651 
_cell.length_c           49.036 
_cell.angle_alpha        90.00 
_cell.angle_beta         90.00 
_cell.angle_gamma        90.00 
_cell.Z_PDB              8 
_cell.pdbx_unique_axis   ? 
# 
_symmetry.entry_id                         1HUF 
_symmetry.space_group_name_H-M             'C 2 2 21' 
_symmetry.pdbx_full_space_group_name_H-M   ? 
_symmetry.cell_setting                     ? 
_symmetry.Int_Tables_number                20 
# 
_exptl.entry_id          1HUF 
_exptl.method            'X-RAY DIFFRACTION' 
_exptl.crystals_number   1 
# 
_exptl_crystal.id                    1 
_exptl_crystal.density_meas          ? 
_exptl_crystal.density_Matthews      2.46 
_exptl_crystal.density_percent_sol   49.71 
_exptl_crystal.description           ? 
# 
_exptl_crystal_grow.crystal_id      1 
_exptl_crystal_grow.method          'VAPOR DIFFUSION, HANGING DROP' 
_exptl_crystal_grow.temp            293 
_exptl_crystal_grow.temp_details    ? 
_exptl_crystal_grow.pH              9 
_exptl_crystal_grow.pdbx_details    'PEG4000, bicine, pH 9, VAPOR DIFFUSION, HANGING DROP, temperature 293K' 
_exptl_crystal_grow.pdbx_pH_range   . 
# 
_diffrn.id                     1 
_diffrn.ambient_temp           100 
_diffrn.ambient_temp_details   ? 
_diffrn.crystal_id             1 
# 
_diffrn_detector.diffrn_id              1 
_diffrn_detector.detector               'IMAGE PLATE' 
_diffrn_detector.type                   MARRESEARCH 
_diffrn_detector.pdbx_collection_date   2000-11-05 
_diffrn_detector.details                'Osmic mirrors' 
# 
_diffrn_radiation.diffrn_id                        1 
_diffrn_radiation.wavelength_id                    1 
_diffrn_radiation.pdbx_monochromatic_or_laue_m_l   M 
_diffrn_radiation.monochromator                    graphite 
_diffrn_radiation.pdbx_diffrn_protocol             'SINGLE WAVELENGTH' 
_diffrn_radiation.pdbx_scattering_type             x-ray 
# 
_diffrn_radiation_wavelength.id           1 
_diffrn_radiation_wavelength.wavelength   1.54178 
_diffrn_radiation_wavelength.wt           1.0 
# 
_diffrn_source.diffrn_id                   1 
_diffrn_source.source                      'ROTATING ANODE' 
_diffrn_source.type                        RIGAKU 
_diffrn_source.pdbx_synchrotron_site       ? 
_diffrn_source.pdbx_synchrotron_beamline   ? 
_diffrn_source.pdbx_wavelength             1.54178 
_diffrn_source.pdbx_wavelength_list        ? 
# 
_reflns.entry_id                     1HUF 
_reflns.observed_criterion_sigma_I   2 
_reflns.observed_criterion_sigma_F   2 
_reflns.d_resolution_low             100 
_reflns.d_resolution_high            2.0 
_reflns.number_obs                   8860 
_reflns.number_all                   9659 
_reflns.percent_possible_obs         83.3 
_reflns.pdbx_Rmerge_I_obs            0.0720000 
_reflns.pdbx_Rsym_value              0.0450000 
_reflns.pdbx_netI_over_sigmaI        15.3 
_reflns.B_iso_Wilson_estimate        21.2 
_reflns.pdbx_redundancy              4.01 
_reflns.R_free_details               ? 
_reflns.limit_h_max                  ? 
_reflns.limit_h_min                  ? 
_reflns.limit_k_max                  ? 
_reflns.limit_k_min                  ? 
_reflns.limit_l_max                  ? 
_reflns.limit_l_min                  ? 
_reflns.observed_criterion_F_max     ? 
_reflns.observed_criterion_F_min     ? 
_reflns.pdbx_diffrn_id               1 
_reflns.pdbx_ordinal                 1 
# 
_reflns_shell.d_res_high             2.01 
_reflns_shell.d_res_low              2.08 
_reflns_shell.percent_possible_all   75.3 
_reflns_shell.Rmerge_I_obs           0.3400000 
_reflns_shell.pdbx_Rsym_value        ? 
_reflns_shell.meanI_over_sigI_obs    3.6 
_reflns_shell.pdbx_redundancy        3.6 
_reflns_shell.percent_possible_obs   ? 
_reflns_shell.number_unique_all      711 
_reflns_shell.pdbx_diffrn_id         ? 
_reflns_shell.pdbx_ordinal           1 
# 
_refine.entry_id                                 1HUF 
_refine.ls_number_reflns_obs                     8860 
_refine.ls_number_reflns_all                     9659 
_refine.pdbx_ls_sigma_I                          2 
_refine.pdbx_ls_sigma_F                          2 
_refine.pdbx_data_cutoff_high_absF               ? 
_refine.pdbx_data_cutoff_low_absF                ? 
_refine.ls_d_res_low                             100 
_refine.ls_d_res_high                            2.0 
_refine.ls_percent_reflns_obs                    97.4 
_refine.ls_R_factor_obs                          0.1921000 
_refine.ls_R_factor_all                          0.2187000 
_refine.ls_R_factor_R_work                       0.1892000 
_refine.ls_R_factor_R_free                       0.2600000 
_refine.ls_R_factor_R_free_error                 ? 
_refine.ls_R_factor_R_free_error_details         ? 
_refine.ls_percent_reflns_R_free                 8.0 
_refine.ls_number_reflns_R_free                  773 
_refine.ls_number_parameters                     ? 
_refine.ls_number_restraints                     ? 
_refine.occupancy_min                            ? 
_refine.occupancy_max                            ? 
_refine.B_iso_mean                               31 
_refine.aniso_B[1][1]                            ? 
_refine.aniso_B[2][2]                            ? 
_refine.aniso_B[3][3]                            ? 
_refine.aniso_B[1][2]                            ? 
_refine.aniso_B[1][3]                            ? 
_refine.aniso_B[2][3]                            ? 
_refine.solvent_model_details                    'Babinet (SHELXL)' 
_refine.solvent_model_param_ksol                 0.83 
_refine.solvent_model_param_bsol                 250.00 
_refine.pdbx_ls_cross_valid_method               THROUGHOUT 
_refine.details                                  
;One simulated annealing run (CNS) followed by conjugate-gradient least squares procedure. Data cutoff of 2 sigma is 8046 reflections.
;
_refine.pdbx_starting_model                      ? 
_refine.pdbx_method_to_determine_struct          MIR 
_refine.pdbx_isotropic_thermal_model             'isotropic one B factor per atom' 
_refine.pdbx_stereochemistry_target_values       'Engh & Huber' 
_refine.pdbx_stereochem_target_val_spec_case     ? 
_refine.pdbx_R_Free_selection_details            random 
_refine.pdbx_overall_ESU_R_Free                  ? 
_refine.overall_SU_B                             ? 
_refine.ls_redundancy_reflns_obs                 ? 
_refine.B_iso_min                                ? 
_refine.B_iso_max                                ? 
_refine.correlation_coeff_Fo_to_Fc               ? 
_refine.correlation_coeff_Fo_to_Fc_free          ? 
_refine.overall_SU_R_Cruickshank_DPI             ? 
_refine.overall_SU_R_free                        ? 
_refine.overall_SU_ML                            ? 
_refine.pdbx_overall_ESU_R                       ? 
_refine.pdbx_data_cutoff_high_rms_absF           ? 
_refine.pdbx_refine_id                           'X-RAY DIFFRACTION' 
_refine.pdbx_diffrn_id                           1 
_refine.pdbx_TLS_residual_ADP_flag               ? 
_refine.pdbx_solvent_vdw_probe_radii             ? 
_refine.pdbx_solvent_ion_probe_radii             ? 
_refine.pdbx_solvent_shrinkage_radii             ? 
_refine.pdbx_overall_phase_error                 ? 
_refine.pdbx_overall_SU_R_free_Cruickshank_DPI   ? 
_refine.pdbx_overall_SU_R_Blow_DPI               ? 
_refine.pdbx_overall_SU_R_free_Blow_DPI          ? 
# 
_refine_hist.pdbx_refine_id                   'X-RAY DIFFRACTION' 
_refine_hist.cycle_id                         LAST 
_refine_hist.pdbx_number_atoms_protein        936 
_refine_hist.pdbx_number_atoms_nucleic_acid   0 
_refine_hist.pdbx_number_atoms_ligand         0 
_refine_hist.number_atoms_solvent             94 
_refine_hist.number_atoms_total               1030 
_refine_hist.d_res_high                       2.0 
_refine_hist.d_res_low                        100 
# 
loop_
_refine_ls_restr.type 
_refine_ls_restr.dev_ideal 
_refine_ls_restr.dev_ideal_target 
_refine_ls_restr.weight 
_refine_ls_restr.number 
_refine_ls_restr.pdbx_refine_id 
_refine_ls_restr.pdbx_restraint_function 
c_bond_d              0.007 ? ? ? 'X-RAY DIFFRACTION' ? 
c_angle_deg           0.026 ? ? ? 'X-RAY DIFFRACTION' ? 
s_from_restr_planes   0.02  ? ? ? 'X-RAY DIFFRACTION' ? 
s_non_zero_chiral_vol 0.041 ? ? ? 'X-RAY DIFFRACTION' ? 
s_anti_bump_dis_restr 0.008 ? ? ? 'X-RAY DIFFRACTION' ? 
# 
_struct.entry_id                  1HUF 
_struct.title                     
'CRYSTAL STRUCTURE OF THE N-TERMINAL DOMAIN OF THE TYROSINE PHOSPHATASE YOPH FROM YERSINIA PESTIS.' 
_struct.pdbx_model_details        ? 
_struct.pdbx_CASP_flag            ? 
_struct.pdbx_model_type_details   ? 
# 
_struct_keywords.entry_id        1HUF 
_struct_keywords.pdbx_keywords   HYDROLASE 
_struct_keywords.text            'helical bundle, beta hairpin, HYDROLASE' 
# 
loop_
_struct_asym.id 
_struct_asym.pdbx_blank_PDB_chainid_flag 
_struct_asym.pdbx_modified 
_struct_asym.entity_id 
_struct_asym.details 
A N N 1 ? 
B N N 2 ? 
# 
_struct_ref.id                         1 
_struct_ref.db_name                    UNP 
_struct_ref.db_code                    O68720_YERPE 
_struct_ref.entity_id                  1 
_struct_ref.pdbx_seq_one_letter_code   
;MNLSLSDLHRQVSRLVQQESGDCTGKLRGNVAANKETTFQGLTIASGARESEKVFAQTVLSHVANVVLTQEDTAKLLQST
VKHNLNNYDLRSVGNGNSVLVSLRSDQMTLQDAKVLLEAALRQESGARGH
;
_struct_ref.pdbx_align_begin           1 
_struct_ref.pdbx_db_accession          O68720 
_struct_ref.pdbx_db_isoform            ? 
# 
_struct_ref_seq.align_id                      1 
_struct_ref_seq.ref_id                        1 
_struct_ref_seq.pdbx_PDB_id_code              1HUF 
_struct_ref_seq.pdbx_strand_id                A 
_struct_ref_seq.seq_align_beg                 6 
_struct_ref_seq.pdbx_seq_align_beg_ins_code   ? 
_struct_ref_seq.seq_align_end                 135 
_struct_ref_seq.pdbx_seq_align_end_ins_code   ? 
_struct_ref_seq.pdbx_db_accession             O68720 
_struct_ref_seq.db_align_beg                  1 
_struct_ref_seq.pdbx_db_align_beg_ins_code    ? 
_struct_ref_seq.db_align_end                  130 
_struct_ref_seq.pdbx_db_align_end_ins_code    ? 
_struct_ref_seq.pdbx_auth_seq_align_beg       1 
_struct_ref_seq.pdbx_auth_seq_align_end       130 
# 
loop_
_struct_ref_seq_dif.align_id 
_struct_ref_seq_dif.pdbx_pdb_id_code 
_struct_ref_seq_dif.mon_id 
_struct_ref_seq_dif.pdbx_pdb_strand_id 
_struct_ref_seq_dif.seq_num 
_struct_ref_seq_dif.pdbx_pdb_ins_code 
_struct_ref_seq_dif.pdbx_seq_db_name 
_struct_ref_seq_dif.pdbx_seq_db_accession_code 
_struct_ref_seq_dif.db_mon_id 
_struct_ref_seq_dif.pdbx_seq_db_seq_num 
_struct_ref_seq_dif.details 
_struct_ref_seq_dif.pdbx_auth_seq_num 
_struct_ref_seq_dif.pdbx_ordinal 
1 1HUF GLY A 1   ? UNP O68720 ? ? 'cloning artifact' -4  1  
1 1HUF GLY A 2   ? UNP O68720 ? ? 'cloning artifact' -3  2  
1 1HUF GLY A 3   ? UNP O68720 ? ? 'cloning artifact' -2  3  
1 1HUF GLY A 4   ? UNP O68720 ? ? 'cloning artifact' -1  4  
1 1HUF GLY A 5   ? UNP O68720 ? ? 'cloning artifact' 0   5  
1 1HUF HIS A 136 ? UNP O68720 ? ? 'expression tag'   131 6  
1 1HUF HIS A 137 ? UNP O68720 ? ? 'expression tag'   132 7  
1 1HUF HIS A 138 ? UNP O68720 ? ? 'expression tag'   133 8  
1 1HUF HIS A 139 ? UNP O68720 ? ? 'expression tag'   134 9  
1 1HUF HIS A 140 ? UNP O68720 ? ? 'expression tag'   135 10 
# 
_pdbx_struct_assembly.id                   1 
_pdbx_struct_assembly.details              author_defined_assembly 
_pdbx_struct_assembly.method_details       ? 
_pdbx_struct_assembly.oligomeric_details   monomeric 
_pdbx_struct_assembly.oligomeric_count     1 
# 
_pdbx_struct_assembly_gen.assembly_id       1 
_pdbx_struct_assembly_gen.oper_expression   1 
_pdbx_struct_assembly_gen.asym_id_list      A,B 
# 
_pdbx_struct_oper_list.id                   1 
_pdbx_struct_oper_list.type                 'identity operation' 
_pdbx_struct_oper_list.name                 1_555 
_pdbx_struct_oper_list.symmetry_operation   x,y,z 
_pdbx_struct_oper_list.matrix[1][1]         1.0000000000 
_pdbx_struct_oper_list.matrix[1][2]         0.0000000000 
_pdbx_struct_oper_list.matrix[1][3]         0.0000000000 
_pdbx_struct_oper_list.vector[1]            0.0000000000 
_pdbx_struct_oper_list.matrix[2][1]         0.0000000000 
_pdbx_struct_oper_list.matrix[2][2]         1.0000000000 
_pdbx_struct_oper_list.matrix[2][3]         0.0000000000 
_pdbx_struct_oper_list.vector[2]            0.0000000000 
_pdbx_struct_oper_list.matrix[3][1]         0.0000000000 
_pdbx_struct_oper_list.matrix[3][2]         0.0000000000 
_pdbx_struct_oper_list.matrix[3][3]         1.0000000000 
_pdbx_struct_oper_list.vector[3]            0.0000000000 
# 
loop_
_struct_conf.conf_type_id 
_struct_conf.id 
_struct_conf.pdbx_PDB_helix_id 
_struct_conf.beg_label_comp_id 
_struct_conf.beg_label_asym_id 
_struct_conf.beg_label_seq_id 
_struct_conf.pdbx_beg_PDB_ins_code 
_struct_conf.end_label_comp_id 
_struct_conf.end_label_asym_id 
_struct_conf.end_label_seq_id 
_struct_conf.pdbx_end_PDB_ins_code 
_struct_conf.beg_auth_comp_id 
_struct_conf.beg_auth_asym_id 
_struct_conf.beg_auth_seq_id 
_struct_conf.end_auth_comp_id 
_struct_conf.end_auth_asym_id 
_struct_conf.end_auth_seq_id 
_struct_conf.pdbx_PDB_helix_class 
_struct_conf.details 
_struct_conf.pdbx_PDB_helix_length 
HELX_P HELX_P1 1 SER A 9   ? GLN A 23  ? SER A 4   GLN A 18  1 ? 15 
HELX_P HELX_P2 2 THR A 48  ? GLY A 52  ? THR A 43  GLY A 47  5 ? 5  
HELX_P HELX_P3 3 ARG A 54  ? VAL A 68  ? ARG A 49  VAL A 63  1 ? 15 
HELX_P HELX_P4 4 THR A 74  ? ASN A 89  ? THR A 69  ASN A 84  1 ? 16 
HELX_P HELX_P5 5 THR A 114 ? SER A 130 ? THR A 109 SER A 125 1 ? 17 
# 
_struct_conf_type.id          HELX_P 
_struct_conf_type.criteria    ? 
_struct_conf_type.reference   ? 
# 
loop_
_struct_sheet.id 
_struct_sheet.type 
_struct_sheet.number_strands 
_struct_sheet.details 
A ? 2 ? 
B ? 2 ? 
# 
loop_
_struct_sheet_order.sheet_id 
_struct_sheet_order.range_id_1 
_struct_sheet_order.range_id_2 
_struct_sheet_order.offset 
_struct_sheet_order.sense 
A 1 2 ? anti-parallel 
B 1 2 ? anti-parallel 
# 
loop_
_struct_sheet_range.sheet_id 
_struct_sheet_range.id 
_struct_sheet_range.beg_label_comp_id 
_struct_sheet_range.beg_label_asym_id 
_struct_sheet_range.beg_label_seq_id 
_struct_sheet_range.pdbx_beg_PDB_ins_code 
_struct_sheet_range.end_label_comp_id 
_struct_sheet_range.end_label_asym_id 
_struct_sheet_range.end_label_seq_id 
_struct_sheet_range.pdbx_end_PDB_ins_code 
_struct_sheet_range.beg_auth_comp_id 
_struct_sheet_range.beg_auth_asym_id 
_struct_sheet_range.beg_auth_seq_id 
_struct_sheet_range.end_auth_comp_id 
_struct_sheet_range.end_auth_asym_id 
_struct_sheet_range.end_auth_seq_id 
A 1 GLY A 30  ? LEU A 32  ? GLY A 25 LEU A 27  
A 2 VAL A 36  ? ALA A 38  ? VAL A 31 ALA A 33  
B 1 TYR A 93  ? GLY A 99  ? TYR A 88 GLY A 94  
B 2 ASN A 102 ? LEU A 108 ? ASN A 97 LEU A 103 
# 
loop_
_pdbx_struct_sheet_hbond.sheet_id 
_pdbx_struct_sheet_hbond.range_id_1 
_pdbx_struct_sheet_hbond.range_id_2 
_pdbx_struct_sheet_hbond.range_1_label_atom_id 
_pdbx_struct_sheet_hbond.range_1_label_comp_id 
_pdbx_struct_sheet_hbond.range_1_label_asym_id 
_pdbx_struct_sheet_hbond.range_1_label_seq_id 
_pdbx_struct_sheet_hbond.range_1_PDB_ins_code 
_pdbx_struct_sheet_hbond.range_1_auth_atom_id 
_pdbx_struct_sheet_hbond.range_1_auth_comp_id 
_pdbx_struct_sheet_hbond.range_1_auth_asym_id 
_pdbx_struct_sheet_hbond.range_1_auth_seq_id 
_pdbx_struct_sheet_hbond.range_2_label_atom_id 
_pdbx_struct_sheet_hbond.range_2_label_comp_id 
_pdbx_struct_sheet_hbond.range_2_label_asym_id 
_pdbx_struct_sheet_hbond.range_2_label_seq_id 
_pdbx_struct_sheet_hbond.range_2_PDB_ins_code 
_pdbx_struct_sheet_hbond.range_2_auth_atom_id 
_pdbx_struct_sheet_hbond.range_2_auth_comp_id 
_pdbx_struct_sheet_hbond.range_2_auth_asym_id 
_pdbx_struct_sheet_hbond.range_2_auth_seq_id 
A 1 2 N LYS A 31 ? N LYS A 26 O ALA A 37  ? O ALA A 32 
B 1 2 N VAL A 98 ? N VAL A 93 O ASN A 102 ? O ASN A 97 
# 
loop_
_pdbx_validate_rmsd_angle.id 
_pdbx_validate_rmsd_angle.PDB_model_num 
_pdbx_validate_rmsd_angle.auth_atom_id_1 
_pdbx_validate_rmsd_angle.auth_asym_id_1 
_pdbx_validate_rmsd_angle.auth_comp_id_1 
_pdbx_validate_rmsd_angle.auth_seq_id_1 
_pdbx_validate_rmsd_angle.PDB_ins_code_1 
_pdbx_validate_rmsd_angle.label_alt_id_1 
_pdbx_validate_rmsd_angle.auth_atom_id_2 
_pdbx_validate_rmsd_angle.auth_asym_id_2 
_pdbx_validate_rmsd_angle.auth_comp_id_2 
_pdbx_validate_rmsd_angle.auth_seq_id_2 
_pdbx_validate_rmsd_angle.PDB_ins_code_2 
_pdbx_validate_rmsd_angle.label_alt_id_2 
_pdbx_validate_rmsd_angle.auth_atom_id_3 
_pdbx_validate_rmsd_angle.auth_asym_id_3 
_pdbx_validate_rmsd_angle.auth_comp_id_3 
_pdbx_validate_rmsd_angle.auth_seq_id_3 
_pdbx_validate_rmsd_angle.PDB_ins_code_3 
_pdbx_validate_rmsd_angle.label_alt_id_3 
_pdbx_validate_rmsd_angle.angle_value 
_pdbx_validate_rmsd_angle.angle_target_value 
_pdbx_validate_rmsd_angle.angle_deviation 
_pdbx_validate_rmsd_angle.angle_standard_deviation 
_pdbx_validate_rmsd_angle.linker_flag 
1 1 NE A ARG 28  ? ? CZ A ARG 28  ? ? NH2 A ARG 28  ? ? 124.16 120.30 3.86  0.50 N 
2 1 NE A ARG 122 ? ? CZ A ARG 122 ? ? NH1 A ARG 122 ? ? 124.67 120.30 4.37  0.50 N 
3 1 NE A ARG 122 ? ? CZ A ARG 122 ? ? NH2 A ARG 122 ? ? 116.83 120.30 -3.47 0.50 N 
# 
loop_
_pdbx_validate_torsion.id 
_pdbx_validate_torsion.PDB_model_num 
_pdbx_validate_torsion.auth_comp_id 
_pdbx_validate_torsion.auth_asym_id 
_pdbx_validate_torsion.auth_seq_id 
_pdbx_validate_torsion.PDB_ins_code 
_pdbx_validate_torsion.label_alt_id 
_pdbx_validate_torsion.phi 
_pdbx_validate_torsion.psi 
1 1 GLU A 19 ? ? 72.88   35.08 
2 1 ARG A 28 ? ? -157.75 8.41  
# 
loop_
_pdbx_struct_special_symmetry.id 
_pdbx_struct_special_symmetry.PDB_model_num 
_pdbx_struct_special_symmetry.auth_asym_id 
_pdbx_struct_special_symmetry.auth_comp_id 
_pdbx_struct_special_symmetry.auth_seq_id 
_pdbx_struct_special_symmetry.PDB_ins_code 
_pdbx_struct_special_symmetry.label_asym_id 
_pdbx_struct_special_symmetry.label_comp_id 
_pdbx_struct_special_symmetry.label_seq_id 
1 1 A HOH 2018 ? B HOH . 
2 1 A HOH 2034 ? B HOH . 
3 1 A HOH 2086 ? B HOH . 
# 
loop_
_pdbx_unobs_or_zero_occ_residues.id 
_pdbx_unobs_or_zero_occ_residues.PDB_model_num 
_pdbx_unobs_or_zero_occ_residues.polymer_flag 
_pdbx_unobs_or_zero_occ_residues.occupancy_flag 
_pdbx_unobs_or_zero_occ_residues.auth_asym_id 
_pdbx_unobs_or_zero_occ_residues.auth_comp_id 
_pdbx_unobs_or_zero_occ_residues.auth_seq_id 
_pdbx_unobs_or_zero_occ_residues.PDB_ins_code 
_pdbx_unobs_or_zero_occ_residues.label_asym_id 
_pdbx_unobs_or_zero_occ_residues.label_comp_id 
_pdbx_unobs_or_zero_occ_residues.label_seq_id 
1  1 Y 1 A GLY -4  ? A GLY 1   
2  1 Y 1 A GLY -3  ? A GLY 2   
3  1 Y 1 A GLY -2  ? A GLY 3   
4  1 Y 1 A GLY -1  ? A GLY 4   
5  1 Y 1 A GLY 0   ? A GLY 5   
6  1 Y 1 A MET 1   ? A MET 6   
7  1 Y 1 A ASN 2   ? A ASN 7   
8  1 Y 1 A GLY 126 ? A GLY 131 
9  1 Y 1 A ALA 127 ? A ALA 132 
10 1 Y 1 A ARG 128 ? A ARG 133 
11 1 Y 1 A GLY 129 ? A GLY 134 
12 1 Y 1 A HIS 130 ? A HIS 135 
13 1 Y 1 A HIS 131 ? A HIS 136 
14 1 Y 1 A HIS 132 ? A HIS 137 
15 1 Y 1 A HIS 133 ? A HIS 138 
16 1 Y 1 A HIS 134 ? A HIS 139 
17 1 Y 1 A HIS 135 ? A HIS 140 
# 
loop_
_chem_comp_atom.comp_id 
_chem_comp_atom.atom_id 
_chem_comp_atom.type_symbol 
_chem_comp_atom.pdbx_aromatic_flag 
_chem_comp_atom.pdbx_stereo_config 
_chem_comp_atom.pdbx_ordinal 
ALA N    N N N 1   
ALA CA   C N S 2   
ALA C    C N N 3   
ALA O    O N N 4   
ALA CB   C N N 5   
ALA OXT  O N N 6   
ALA H    H N N 7   
ALA H2   H N N 8   
ALA HA   H N N 9   
ALA HB1  H N N 10  
ALA HB2  H N N 11  
ALA HB3  H N N 12  
ALA HXT  H N N 13  
ARG N    N N N 14  
ARG CA   C N S 15  
ARG C    C N N 16  
ARG O    O N N 17  
ARG CB   C N N 18  
ARG CG   C N N 19  
ARG CD   C N N 20  
ARG NE   N N N 21  
ARG CZ   C N N 22  
ARG NH1  N N N 23  
ARG NH2  N N N 24  
ARG OXT  O N N 25  
ARG H    H N N 26  
ARG H2   H N N 27  
ARG HA   H N N 28  
ARG HB2  H N N 29  
ARG HB3  H N N 30  
ARG HG2  H N N 31  
ARG HG3  H N N 32  
ARG HD2  H N N 33  
ARG HD3  H N N 34  
ARG HE   H N N 35  
ARG HH11 H N N 36  
ARG HH12 H N N 37  
ARG HH21 H N N 38  
ARG HH22 H N N 39  
ARG HXT  H N N 40  
ASN N    N N N 41  
ASN CA   C N S 42  
ASN C    C N N 43  
ASN O    O N N 44  
ASN CB   C N N 45  
ASN CG   C N N 46  
ASN OD1  O N N 47  
ASN ND2  N N N 48  
ASN OXT  O N N 49  
ASN H    H N N 50  
ASN H2   H N N 51  
ASN HA   H N N 52  
ASN HB2  H N N 53  
ASN HB3  H N N 54  
ASN HD21 H N N 55  
ASN HD22 H N N 56  
ASN HXT  H N N 57  
ASP N    N N N 58  
ASP CA   C N S 59  
ASP C    C N N 60  
ASP O    O N N 61  
ASP CB   C N N 62  
ASP CG   C N N 63  
ASP OD1  O N N 64  
ASP OD2  O N N 65  
ASP OXT  O N N 66  
ASP H    H N N 67  
ASP H2   H N N 68  
ASP HA   H N N 69  
ASP HB2  H N N 70  
ASP HB3  H N N 71  
ASP HD2  H N N 72  
ASP HXT  H N N 73  
CYS N    N N N 74  
CYS CA   C N R 75  
CYS C    C N N 76  
CYS O    O N N 77  
CYS CB   C N N 78  
CYS SG   S N N 79  
CYS OXT  O N N 80  
CYS H    H N N 81  
CYS H2   H N N 82  
CYS HA   H N N 83  
CYS HB2  H N N 84  
CYS HB3  H N N 85  
CYS HG   H N N 86  
CYS HXT  H N N 87  
GLN N    N N N 88  
GLN CA   C N S 89  
GLN C    C N N 90  
GLN O    O N N 91  
GLN CB   C N N 92  
GLN CG   C N N 93  
GLN CD   C N N 94  
GLN OE1  O N N 95  
GLN NE2  N N N 96  
GLN OXT  O N N 97  
GLN H    H N N 98  
GLN H2   H N N 99  
GLN HA   H N N 100 
GLN HB2  H N N 101 
GLN HB3  H N N 102 
GLN HG2  H N N 103 
GLN HG3  H N N 104 
GLN HE21 H N N 105 
GLN HE22 H N N 106 
GLN HXT  H N N 107 
GLU N    N N N 108 
GLU CA   C N S 109 
GLU C    C N N 110 
GLU O    O N N 111 
GLU CB   C N N 112 
GLU CG   C N N 113 
GLU CD   C N N 114 
GLU OE1  O N N 115 
GLU OE2  O N N 116 
GLU OXT  O N N 117 
GLU H    H N N 118 
GLU H2   H N N 119 
GLU HA   H N N 120 
GLU HB2  H N N 121 
GLU HB3  H N N 122 
GLU HG2  H N N 123 
GLU HG3  H N N 124 
GLU HE2  H N N 125 
GLU HXT  H N N 126 
GLY N    N N N 127 
GLY CA   C N N 128 
GLY C    C N N 129 
GLY O    O N N 130 
GLY OXT  O N N 131 
GLY H    H N N 132 
GLY H2   H N N 133 
GLY HA2  H N N 134 
GLY HA3  H N N 135 
GLY HXT  H N N 136 
HIS N    N N N 137 
HIS CA   C N S 138 
HIS C    C N N 139 
HIS O    O N N 140 
HIS CB   C N N 141 
HIS CG   C Y N 142 
HIS ND1  N Y N 143 
HIS CD2  C Y N 144 
HIS CE1  C Y N 145 
HIS NE2  N Y N 146 
HIS OXT  O N N 147 
HIS H    H N N 148 
HIS H2   H N N 149 
HIS HA   H N N 150 
HIS HB2  H N N 151 
HIS HB3  H N N 152 
HIS HD1  H N N 153 
HIS HD2  H N N 154 
HIS HE1  H N N 155 
HIS HE2  H N N 156 
HIS HXT  H N N 157 
HOH O    O N N 158 
HOH H1   H N N 159 
HOH H2   H N N 160 
ILE N    N N N 161 
ILE CA   C N S 162 
ILE C    C N N 163 
ILE O    O N N 164 
ILE CB   C N S 165 
ILE CG1  C N N 166 
ILE CG2  C N N 167 
ILE CD1  C N N 168 
ILE OXT  O N N 169 
ILE H    H N N 170 
ILE H2   H N N 171 
ILE HA   H N N 172 
ILE HB   H N N 173 
ILE HG12 H N N 174 
ILE HG13 H N N 175 
ILE HG21 H N N 176 
ILE HG22 H N N 177 
ILE HG23 H N N 178 
ILE HD11 H N N 179 
ILE HD12 H N N 180 
ILE HD13 H N N 181 
ILE HXT  H N N 182 
LEU N    N N N 183 
LEU CA   C N S 184 
LEU C    C N N 185 
LEU O    O N N 186 
LEU CB   C N N 187 
LEU CG   C N N 188 
LEU CD1  C N N 189 
LEU CD2  C N N 190 
LEU OXT  O N N 191 
LEU H    H N N 192 
LEU H2   H N N 193 
LEU HA   H N N 194 
LEU HB2  H N N 195 
LEU HB3  H N N 196 
LEU HG   H N N 197 
LEU HD11 H N N 198 
LEU HD12 H N N 199 
LEU HD13 H N N 200 
LEU HD21 H N N 201 
LEU HD22 H N N 202 
LEU HD23 H N N 203 
LEU HXT  H N N 204 
LYS N    N N N 205 
LYS CA   C N S 206 
LYS C    C N N 207 
LYS O    O N N 208 
LYS CB   C N N 209 
LYS CG   C N N 210 
LYS CD   C N N 211 
LYS CE   C N N 212 
LYS NZ   N N N 213 
LYS OXT  O N N 214 
LYS H    H N N 215 
LYS H2   H N N 216 
LYS HA   H N N 217 
LYS HB2  H N N 218 
LYS HB3  H N N 219 
LYS HG2  H N N 220 
LYS HG3  H N N 221 
LYS HD2  H N N 222 
LYS HD3  H N N 223 
LYS HE2  H N N 224 
LYS HE3  H N N 225 
LYS HZ1  H N N 226 
LYS HZ2  H N N 227 
LYS HZ3  H N N 228 
LYS HXT  H N N 229 
MET N    N N N 230 
MET CA   C N S 231 
MET C    C N N 232 
MET O    O N N 233 
MET CB   C N N 234 
MET CG   C N N 235 
MET SD   S N N 236 
MET CE   C N N 237 
MET OXT  O N N 238 
MET H    H N N 239 
MET H2   H N N 240 
MET HA   H N N 241 
MET HB2  H N N 242 
MET HB3  H N N 243 
MET HG2  H N N 244 
MET HG3  H N N 245 
MET HE1  H N N 246 
MET HE2  H N N 247 
MET HE3  H N N 248 
MET HXT  H N N 249 
PHE N    N N N 250 
PHE CA   C N S 251 
PHE C    C N N 252 
PHE O    O N N 253 
PHE CB   C N N 254 
PHE CG   C Y N 255 
PHE CD1  C Y N 256 
PHE CD2  C Y N 257 
PHE CE1  C Y N 258 
PHE CE2  C Y N 259 
PHE CZ   C Y N 260 
PHE OXT  O N N 261 
PHE H    H N N 262 
PHE H2   H N N 263 
PHE HA   H N N 264 
PHE HB2  H N N 265 
PHE HB3  H N N 266 
PHE HD1  H N N 267 
PHE HD2  H N N 268 
PHE HE1  H N N 269 
PHE HE2  H N N 270 
PHE HZ   H N N 271 
PHE HXT  H N N 272 
SER N    N N N 273 
SER CA   C N S 274 
SER C    C N N 275 
SER O    O N N 276 
SER CB   C N N 277 
SER OG   O N N 278 
SER OXT  O N N 279 
SER H    H N N 280 
SER H2   H N N 281 
SER HA   H N N 282 
SER HB2  H N N 283 
SER HB3  H N N 284 
SER HG   H N N 285 
SER HXT  H N N 286 
THR N    N N N 287 
THR CA   C N S 288 
THR C    C N N 289 
THR O    O N N 290 
THR CB   C N R 291 
THR OG1  O N N 292 
THR CG2  C N N 293 
THR OXT  O N N 294 
THR H    H N N 295 
THR H2   H N N 296 
THR HA   H N N 297 
THR HB   H N N 298 
THR HG1  H N N 299 
THR HG21 H N N 300 
THR HG22 H N N 301 
THR HG23 H N N 302 
THR HXT  H N N 303 
TYR N    N N N 304 
TYR CA   C N S 305 
TYR C    C N N 306 
TYR O    O N N 307 
TYR CB   C N N 308 
TYR CG   C Y N 309 
TYR CD1  C Y N 310 
TYR CD2  C Y N 311 
TYR CE1  C Y N 312 
TYR CE2  C Y N 313 
TYR CZ   C Y N 314 
TYR OH   O N N 315 
TYR OXT  O N N 316 
TYR H    H N N 317 
TYR H2   H N N 318 
TYR HA   H N N 319 
TYR HB2  H N N 320 
TYR HB3  H N N 321 
TYR HD1  H N N 322 
TYR HD2  H N N 323 
TYR HE1  H N N 324 
TYR HE2  H N N 325 
TYR HH   H N N 326 
TYR HXT  H N N 327 
VAL N    N N N 328 
VAL CA   C N S 329 
VAL C    C N N 330 
VAL O    O N N 331 
VAL CB   C N N 332 
VAL CG1  C N N 333 
VAL CG2  C N N 334 
VAL OXT  O N N 335 
VAL H    H N N 336 
VAL H2   H N N 337 
VAL HA   H N N 338 
VAL HB   H N N 339 
VAL HG11 H N N 340 
VAL HG12 H N N 341 
VAL HG13 H N N 342 
VAL HG21 H N N 343 
VAL HG22 H N N 344 
VAL HG23 H N N 345 
VAL HXT  H N N 346 
# 
loop_
_chem_comp_bond.comp_id 
_chem_comp_bond.atom_id_1 
_chem_comp_bond.atom_id_2 
_chem_comp_bond.value_order 
_chem_comp_bond.pdbx_aromatic_flag 
_chem_comp_bond.pdbx_stereo_config 
_chem_comp_bond.pdbx_ordinal 
ALA N   CA   sing N N 1   
ALA N   H    sing N N 2   
ALA N   H2   sing N N 3   
ALA CA  C    sing N N 4   
ALA CA  CB   sing N N 5   
ALA CA  HA   sing N N 6   
ALA C   O    doub N N 7   
ALA C   OXT  sing N N 8   
ALA CB  HB1  sing N N 9   
ALA CB  HB2  sing N N 10  
ALA CB  HB3  sing N N 11  
ALA OXT HXT  sing N N 12  
ARG N   CA   sing N N 13  
ARG N   H    sing N N 14  
ARG N   H2   sing N N 15  
ARG CA  C    sing N N 16  
ARG CA  CB   sing N N 17  
ARG CA  HA   sing N N 18  
ARG C   O    doub N N 19  
ARG C   OXT  sing N N 20  
ARG CB  CG   sing N N 21  
ARG CB  HB2  sing N N 22  
ARG CB  HB3  sing N N 23  
ARG CG  CD   sing N N 24  
ARG CG  HG2  sing N N 25  
ARG CG  HG3  sing N N 26  
ARG CD  NE   sing N N 27  
ARG CD  HD2  sing N N 28  
ARG CD  HD3  sing N N 29  
ARG NE  CZ   sing N N 30  
ARG NE  HE   sing N N 31  
ARG CZ  NH1  sing N N 32  
ARG CZ  NH2  doub N N 33  
ARG NH1 HH11 sing N N 34  
ARG NH1 HH12 sing N N 35  
ARG NH2 HH21 sing N N 36  
ARG NH2 HH22 sing N N 37  
ARG OXT HXT  sing N N 38  
ASN N   CA   sing N N 39  
ASN N   H    sing N N 40  
ASN N   H2   sing N N 41  
ASN CA  C    sing N N 42  
ASN CA  CB   sing N N 43  
ASN CA  HA   sing N N 44  
ASN C   O    doub N N 45  
ASN C   OXT  sing N N 46  
ASN CB  CG   sing N N 47  
ASN CB  HB2  sing N N 48  
ASN CB  HB3  sing N N 49  
ASN CG  OD1  doub N N 50  
ASN CG  ND2  sing N N 51  
ASN ND2 HD21 sing N N 52  
ASN ND2 HD22 sing N N 53  
ASN OXT HXT  sing N N 54  
ASP N   CA   sing N N 55  
ASP N   H    sing N N 56  
ASP N   H2   sing N N 57  
ASP CA  C    sing N N 58  
ASP CA  CB   sing N N 59  
ASP CA  HA   sing N N 60  
ASP C   O    doub N N 61  
ASP C   OXT  sing N N 62  
ASP CB  CG   sing N N 63  
ASP CB  HB2  sing N N 64  
ASP CB  HB3  sing N N 65  
ASP CG  OD1  doub N N 66  
ASP CG  OD2  sing N N 67  
ASP OD2 HD2  sing N N 68  
ASP OXT HXT  sing N N 69  
CYS N   CA   sing N N 70  
CYS N   H    sing N N 71  
CYS N   H2   sing N N 72  
CYS CA  C    sing N N 73  
CYS CA  CB   sing N N 74  
CYS CA  HA   sing N N 75  
CYS C   O    doub N N 76  
CYS C   OXT  sing N N 77  
CYS CB  SG   sing N N 78  
CYS CB  HB2  sing N N 79  
CYS CB  HB3  sing N N 80  
CYS SG  HG   sing N N 81  
CYS OXT HXT  sing N N 82  
GLN N   CA   sing N N 83  
GLN N   H    sing N N 84  
GLN N   H2   sing N N 85  
GLN CA  C    sing N N 86  
GLN CA  CB   sing N N 87  
GLN CA  HA   sing N N 88  
GLN C   O    doub N N 89  
GLN C   OXT  sing N N 90  
GLN CB  CG   sing N N 91  
GLN CB  HB2  sing N N 92  
GLN CB  HB3  sing N N 93  
GLN CG  CD   sing N N 94  
GLN CG  HG2  sing N N 95  
GLN CG  HG3  sing N N 96  
GLN CD  OE1  doub N N 97  
GLN CD  NE2  sing N N 98  
GLN NE2 HE21 sing N N 99  
GLN NE2 HE22 sing N N 100 
GLN OXT HXT  sing N N 101 
GLU N   CA   sing N N 102 
GLU N   H    sing N N 103 
GLU N   H2   sing N N 104 
GLU CA  C    sing N N 105 
GLU CA  CB   sing N N 106 
GLU CA  HA   sing N N 107 
GLU C   O    doub N N 108 
GLU C   OXT  sing N N 109 
GLU CB  CG   sing N N 110 
GLU CB  HB2  sing N N 111 
GLU CB  HB3  sing N N 112 
GLU CG  CD   sing N N 113 
GLU CG  HG2  sing N N 114 
GLU CG  HG3  sing N N 115 
GLU CD  OE1  doub N N 116 
GLU CD  OE2  sing N N 117 
GLU OE2 HE2  sing N N 118 
GLU OXT HXT  sing N N 119 
GLY N   CA   sing N N 120 
GLY N   H    sing N N 121 
GLY N   H2   sing N N 122 
GLY CA  C    sing N N 123 
GLY CA  HA2  sing N N 124 
GLY CA  HA3  sing N N 125 
GLY C   O    doub N N 126 
GLY C   OXT  sing N N 127 
GLY OXT HXT  sing N N 128 
HIS N   CA   sing N N 129 
HIS N   H    sing N N 130 
HIS N   H2   sing N N 131 
HIS CA  C    sing N N 132 
HIS CA  CB   sing N N 133 
HIS CA  HA   sing N N 134 
HIS C   O    doub N N 135 
HIS C   OXT  sing N N 136 
HIS CB  CG   sing N N 137 
HIS CB  HB2  sing N N 138 
HIS CB  HB3  sing N N 139 
HIS CG  ND1  sing Y N 140 
HIS CG  CD2  doub Y N 141 
HIS ND1 CE1  doub Y N 142 
HIS ND1 HD1  sing N N 143 
HIS CD2 NE2  sing Y N 144 
HIS CD2 HD2  sing N N 145 
HIS CE1 NE2  sing Y N 146 
HIS CE1 HE1  sing N N 147 
HIS NE2 HE2  sing N N 148 
HIS OXT HXT  sing N N 149 
HOH O   H1   sing N N 150 
HOH O   H2   sing N N 151 
ILE N   CA   sing N N 152 
ILE N   H    sing N N 153 
ILE N   H2   sing N N 154 
ILE CA  C    sing N N 155 
ILE CA  CB   sing N N 156 
ILE CA  HA   sing N N 157 
ILE C   O    doub N N 158 
ILE C   OXT  sing N N 159 
ILE CB  CG1  sing N N 160 
ILE CB  CG2  sing N N 161 
ILE CB  HB   sing N N 162 
ILE CG1 CD1  sing N N 163 
ILE CG1 HG12 sing N N 164 
ILE CG1 HG13 sing N N 165 
ILE CG2 HG21 sing N N 166 
ILE CG2 HG22 sing N N 167 
ILE CG2 HG23 sing N N 168 
ILE CD1 HD11 sing N N 169 
ILE CD1 HD12 sing N N 170 
ILE CD1 HD13 sing N N 171 
ILE OXT HXT  sing N N 172 
LEU N   CA   sing N N 173 
LEU N   H    sing N N 174 
LEU N   H2   sing N N 175 
LEU CA  C    sing N N 176 
LEU CA  CB   sing N N 177 
LEU CA  HA   sing N N 178 
LEU C   O    doub N N 179 
LEU C   OXT  sing N N 180 
LEU CB  CG   sing N N 181 
LEU CB  HB2  sing N N 182 
LEU CB  HB3  sing N N 183 
LEU CG  CD1  sing N N 184 
LEU CG  CD2  sing N N 185 
LEU CG  HG   sing N N 186 
LEU CD1 HD11 sing N N 187 
LEU CD1 HD12 sing N N 188 
LEU CD1 HD13 sing N N 189 
LEU CD2 HD21 sing N N 190 
LEU CD2 HD22 sing N N 191 
LEU CD2 HD23 sing N N 192 
LEU OXT HXT  sing N N 193 
LYS N   CA   sing N N 194 
LYS N   H    sing N N 195 
LYS N   H2   sing N N 196 
LYS CA  C    sing N N 197 
LYS CA  CB   sing N N 198 
LYS CA  HA   sing N N 199 
LYS C   O    doub N N 200 
LYS C   OXT  sing N N 201 
LYS CB  CG   sing N N 202 
LYS CB  HB2  sing N N 203 
LYS CB  HB3  sing N N 204 
LYS CG  CD   sing N N 205 
LYS CG  HG2  sing N N 206 
LYS CG  HG3  sing N N 207 
LYS CD  CE   sing N N 208 
LYS CD  HD2  sing N N 209 
LYS CD  HD3  sing N N 210 
LYS CE  NZ   sing N N 211 
LYS CE  HE2  sing N N 212 
LYS CE  HE3  sing N N 213 
LYS NZ  HZ1  sing N N 214 
LYS NZ  HZ2  sing N N 215 
LYS NZ  HZ3  sing N N 216 
LYS OXT HXT  sing N N 217 
MET N   CA   sing N N 218 
MET N   H    sing N N 219 
MET N   H2   sing N N 220 
MET CA  C    sing N N 221 
MET CA  CB   sing N N 222 
MET CA  HA   sing N N 223 
MET C   O    doub N N 224 
MET C   OXT  sing N N 225 
MET CB  CG   sing N N 226 
MET CB  HB2  sing N N 227 
MET CB  HB3  sing N N 228 
MET CG  SD   sing N N 229 
MET CG  HG2  sing N N 230 
MET CG  HG3  sing N N 231 
MET SD  CE   sing N N 232 
MET CE  HE1  sing N N 233 
MET CE  HE2  sing N N 234 
MET CE  HE3  sing N N 235 
MET OXT HXT  sing N N 236 
PHE N   CA   sing N N 237 
PHE N   H    sing N N 238 
PHE N   H2   sing N N 239 
PHE CA  C    sing N N 240 
PHE CA  CB   sing N N 241 
PHE CA  HA   sing N N 242 
PHE C   O    doub N N 243 
PHE C   OXT  sing N N 244 
PHE CB  CG   sing N N 245 
PHE CB  HB2  sing N N 246 
PHE CB  HB3  sing N N 247 
PHE CG  CD1  doub Y N 248 
PHE CG  CD2  sing Y N 249 
PHE CD1 CE1  sing Y N 250 
PHE CD1 HD1  sing N N 251 
PHE CD2 CE2  doub Y N 252 
PHE CD2 HD2  sing N N 253 
PHE CE1 CZ   doub Y N 254 
PHE CE1 HE1  sing N N 255 
PHE CE2 CZ   sing Y N 256 
PHE CE2 HE2  sing N N 257 
PHE CZ  HZ   sing N N 258 
PHE OXT HXT  sing N N 259 
SER N   CA   sing N N 260 
SER N   H    sing N N 261 
SER N   H2   sing N N 262 
SER CA  C    sing N N 263 
SER CA  CB   sing N N 264 
SER CA  HA   sing N N 265 
SER C   O    doub N N 266 
SER C   OXT  sing N N 267 
SER CB  OG   sing N N 268 
SER CB  HB2  sing N N 269 
SER CB  HB3  sing N N 270 
SER OG  HG   sing N N 271 
SER OXT HXT  sing N N 272 
THR N   CA   sing N N 273 
THR N   H    sing N N 274 
THR N   H2   sing N N 275 
THR CA  C    sing N N 276 
THR CA  CB   sing N N 277 
THR CA  HA   sing N N 278 
THR C   O    doub N N 279 
THR C   OXT  sing N N 280 
THR CB  OG1  sing N N 281 
THR CB  CG2  sing N N 282 
THR CB  HB   sing N N 283 
THR OG1 HG1  sing N N 284 
THR CG2 HG21 sing N N 285 
THR CG2 HG22 sing N N 286 
THR CG2 HG23 sing N N 287 
THR OXT HXT  sing N N 288 
TYR N   CA   sing N N 289 
TYR N   H    sing N N 290 
TYR N   H2   sing N N 291 
TYR CA  C    sing N N 292 
TYR CA  CB   sing N N 293 
TYR CA  HA   sing N N 294 
TYR C   O    doub N N 295 
TYR C   OXT  sing N N 296 
TYR CB  CG   sing N N 297 
TYR CB  HB2  sing N N 298 
TYR CB  HB3  sing N N 299 
TYR CG  CD1  doub Y N 300 
TYR CG  CD2  sing Y N 301 
TYR CD1 CE1  sing Y N 302 
TYR CD1 HD1  sing N N 303 
TYR CD2 CE2  doub Y N 304 
TYR CD2 HD2  sing N N 305 
TYR CE1 CZ   doub Y N 306 
TYR CE1 HE1  sing N N 307 
TYR CE2 CZ   sing Y N 308 
TYR CE2 HE2  sing N N 309 
TYR CZ  OH   sing N N 310 
TYR OH  HH   sing N N 311 
TYR OXT HXT  sing N N 312 
VAL N   CA   sing N N 313 
VAL N   H    sing N N 314 
VAL N   H2   sing N N 315 
VAL CA  C    sing N N 316 
VAL CA  CB   sing N N 317 
VAL CA  HA   sing N N 318 
VAL C   O    doub N N 319 
VAL C   OXT  sing N N 320 
VAL CB  CG1  sing N N 321 
VAL CB  CG2  sing N N 322 
VAL CB  HB   sing N N 323 
VAL CG1 HG11 sing N N 324 
VAL CG1 HG12 sing N N 325 
VAL CG1 HG13 sing N N 326 
VAL CG2 HG21 sing N N 327 
VAL CG2 HG22 sing N N 328 
VAL CG2 HG23 sing N N 329 
VAL OXT HXT  sing N N 330 
# 
_atom_sites.entry_id                    1HUF 
_atom_sites.fract_transf_matrix[1][1]   0.00464658 
_atom_sites.fract_transf_matrix[1][2]   -0.00878924 
_atom_sites.fract_transf_matrix[1][3]   0.01827699 
_atom_sites.fract_transf_matrix[2][1]   0.00104722 
_atom_sites.fract_transf_matrix[2][2]   -0.00730222 
_atom_sites.fract_transf_matrix[2][3]   -0.00377781 
_atom_sites.fract_transf_matrix[3][1]   0.01971022 
_atom_sites.fract_transf_matrix[3][2]   0.00433946 
_atom_sites.fract_transf_matrix[3][3]   -0.00292414 
_atom_sites.fract_transf_vector[1]      0.294873 
_atom_sites.fract_transf_vector[2]      0.361900 
_atom_sites.fract_transf_vector[3]      0.439201 
# 
loop_
_atom_type.symbol 
C 
N 
O 
S 
# 
loop_
_atom_site.group_PDB 
_atom_site.id 
_atom_site.type_symbol 
_atom_site.label_atom_id 
_atom_site.label_alt_id 
_atom_site.label_comp_id 
_atom_site.label_asym_id 
_atom_site.label_entity_id 
_atom_site.label_seq_id 
_atom_site.pdbx_PDB_ins_code 
_atom_site.Cartn_x 
_atom_site.Cartn_y 
_atom_site.Cartn_z 
_atom_site.occupancy 
_atom_site.B_iso_or_equiv 
_atom_site.pdbx_formal_charge 
_atom_site.auth_seq_id 
_atom_site.auth_comp_id 
_atom_site.auth_asym_id 
_atom_site.auth_atom_id 
_atom_site.pdbx_PDB_model_num 
ATOM   1    N N   . LEU A 1 8   ? -10.506 -0.987  10.168  1.00 39.75  ? 3    LEU A N   1 
ATOM   2    C CA  . LEU A 1 8   ? -11.608 -0.226  9.558   1.00 38.93  ? 3    LEU A CA  1 
ATOM   3    C C   . LEU A 1 8   ? -12.139 -0.909  8.311   1.00 21.35  ? 3    LEU A C   1 
ATOM   4    O O   . LEU A 1 8   ? -11.518 -1.826  7.763   1.00 23.36  ? 3    LEU A O   1 
ATOM   5    C CB  . LEU A 1 8   ? -11.136 1.195   9.256   1.00 47.17  ? 3    LEU A CB  1 
ATOM   6    C CG  . LEU A 1 8   ? -9.607  1.335   9.217   1.00 57.08  ? 3    LEU A CG  1 
ATOM   7    C CD1 . LEU A 1 8   ? -9.045  0.542   8.045   1.00 85.78  ? 3    LEU A CD1 1 
ATOM   8    C CD2 . LEU A 1 8   ? -9.191  2.793   9.147   1.00 33.11  ? 3    LEU A CD2 1 
ATOM   9    N N   . SER A 1 9   ? -13.336 -0.537  7.826   1.00 18.20  ? 4    SER A N   1 
ATOM   10   C CA  . SER A 1 9   ? -13.846 -1.362  6.725   1.00 21.22  ? 4    SER A CA  1 
ATOM   11   C C   . SER A 1 9   ? -13.079 -1.029  5.449   1.00 20.53  ? 4    SER A C   1 
ATOM   12   O O   . SER A 1 9   ? -12.531 0.065   5.350   1.00 20.29  ? 4    SER A O   1 
ATOM   13   C CB  . SER A 1 9   ? -15.346 -1.142  6.482   1.00 17.70  ? 4    SER A CB  1 
ATOM   14   O OG  . SER A 1 9   ? -15.499 0.157   5.890   1.00 15.35  ? 4    SER A OG  1 
ATOM   15   N N   . LEU A 1 10  ? -13.093 -1.944  4.502   1.00 19.69  ? 5    LEU A N   1 
ATOM   16   C CA  . LEU A 1 10  ? -12.464 -1.788  3.208   1.00 21.28  ? 5    LEU A CA  1 
ATOM   17   C C   . LEU A 1 10  ? -12.801 -0.432  2.611   1.00 22.51  ? 5    LEU A C   1 
ATOM   18   O O   . LEU A 1 10  ? -11.861 0.315   2.343   1.00 21.37  ? 5    LEU A O   1 
ATOM   19   C CB  . LEU A 1 10  ? -12.893 -2.921  2.258   1.00 15.29  ? 5    LEU A CB  1 
ATOM   20   C CG  . LEU A 1 10  ? -12.383 -2.771  0.831   1.00 16.89  ? 5    LEU A CG  1 
ATOM   21   C CD1 . LEU A 1 10  ? -10.871 -2.635  0.856   1.00 27.01  ? 5    LEU A CD1 1 
ATOM   22   C CD2 . LEU A 1 10  ? -12.815 -3.946  -0.056  1.00 15.22  ? 5    LEU A CD2 1 
ATOM   23   N N   . SER A 1 11  ? -14.077 -0.104  2.412   1.00 17.05  ? 6    SER A N   1 
ATOM   24   C CA  . SER A 1 11  ? -14.428 1.160   1.769   1.00 23.04  ? 6    SER A CA  1 
ATOM   25   C C   . SER A 1 11  ? -14.079 2.377   2.608   1.00 30.07  ? 6    SER A C   1 
ATOM   26   O O   . SER A 1 11  ? -13.729 3.427   2.057   1.00 21.62  ? 6    SER A O   1 
ATOM   27   C CB  . SER A 1 11  ? -15.938 1.227   1.456   1.00 26.15  ? 6    SER A CB  1 
ATOM   28   O OG  . SER A 1 11  ? -16.636 1.117   2.688   1.00 24.67  ? 6    SER A OG  1 
ATOM   29   N N   . ASP A 1 12  ? -14.142 2.321   3.946   1.00 21.43  ? 7    ASP A N   1 
ATOM   30   C CA  . ASP A 1 12  ? -13.758 3.595   4.598   1.00 24.32  ? 7    ASP A CA  1 
ATOM   31   C C   . ASP A 1 12  ? -12.254 3.713   4.730   1.00 29.02  ? 7    ASP A C   1 
ATOM   32   O O   . ASP A 1 12  ? -11.676 4.816   4.692   1.00 18.33  ? 7    ASP A O   1 
ATOM   33   C CB  . ASP A 1 12  ? -14.535 3.718   5.903   1.00 32.28  ? 7    ASP A CB  1 
ATOM   34   C CG  . ASP A 1 12  ? -15.968 4.164   5.597   1.00 40.60  ? 7    ASP A CG  1 
ATOM   35   O OD1 . ASP A 1 12  ? -16.203 4.899   4.608   1.00 46.28  ? 7    ASP A OD1 1 
ATOM   36   O OD2 . ASP A 1 12  ? -16.888 3.783   6.348   1.00 55.62  ? 7    ASP A OD2 1 
ATOM   37   N N   . LEU A 1 13  ? -11.506 2.620   4.843   1.00 13.02  ? 8    LEU A N   1 
ATOM   38   C CA  . LEU A 1 13  ? -10.057 2.715   4.745   1.00 18.27  ? 8    LEU A CA  1 
ATOM   39   C C   . LEU A 1 13  ? -9.643  3.373   3.427   1.00 20.32  ? 8    LEU A C   1 
ATOM   40   O O   . LEU A 1 13  ? -8.782  4.253   3.370   1.00 18.31  ? 8    LEU A O   1 
ATOM   41   C CB  . LEU A 1 13  ? -9.420  1.334   4.868   1.00 16.41  ? 8    LEU A CB  1 
ATOM   42   C CG  . LEU A 1 13  ? -7.913  1.278   4.622   1.00 28.45  ? 8    LEU A CG  1 
ATOM   43   C CD1 . LEU A 1 13  ? -7.165  2.197   5.576   1.00 18.82  ? 8    LEU A CD1 1 
ATOM   44   C CD2 . LEU A 1 13  ? -7.449  -0.166  4.762   1.00 25.25  ? 8    LEU A CD2 1 
ATOM   45   N N   . HIS A 1 14  ? -10.279 2.944   2.336   1.00 19.92  ? 9    HIS A N   1 
ATOM   46   C CA  . HIS A 1 14  ? -9.996  3.485   1.013   1.00 20.33  ? 9    HIS A CA  1 
ATOM   47   C C   . HIS A 1 14  ? -10.368 4.964   0.925   1.00 22.91  ? 9    HIS A C   1 
ATOM   48   O O   . HIS A 1 14  ? -9.664  5.761   0.309   1.00 16.52  ? 9    HIS A O   1 
ATOM   49   C CB  . HIS A 1 14  ? -10.752 2.713   -0.076  1.00 20.65  ? 9    HIS A CB  1 
ATOM   50   C CG  . HIS A 1 14  ? -10.759 3.442   -1.400  1.00 23.88  ? 9    HIS A CG  1 
ATOM   51   N ND1 . HIS A 1 14  ? -11.879 4.083   -1.889  1.00 23.83  ? 9    HIS A ND1 1 
ATOM   52   C CD2 . HIS A 1 14  ? -9.791  3.623   -2.326  1.00 18.53  ? 9    HIS A CD2 1 
ATOM   53   C CE1 . HIS A 1 14  ? -11.594 4.633   -3.063  1.00 23.66  ? 9    HIS A CE1 1 
ATOM   54   N NE2 . HIS A 1 14  ? -10.339 4.365   -3.356  1.00 22.44  ? 9    HIS A NE2 1 
ATOM   55   N N   . ARG A 1 15  ? -11.478 5.352   1.546   1.00 14.82  ? 10   ARG A N   1 
ATOM   56   C CA  . ARG A 1 15  ? -11.924 6.728   1.595   1.00 17.02  ? 10   ARG A CA  1 
ATOM   57   C C   . ARG A 1 15  ? -10.891 7.594   2.294   1.00 20.27  ? 10   ARG A C   1 
ATOM   58   O O   . ARG A 1 15  ? -10.481 8.674   1.870   1.00 17.87  ? 10   ARG A O   1 
ATOM   59   C CB  . ARG A 1 15  ? -13.252 6.859   2.352   1.00 18.08  ? 10   ARG A CB  1 
ATOM   60   C CG  . ARG A 1 15  ? -14.430 7.237   1.495   1.00 31.42  ? 10   ARG A CG  1 
ATOM   61   C CD  . ARG A 1 15  ? -15.770 6.875   2.140   1.00 32.58  ? 10   ARG A CD  1 
ATOM   62   N NE  . ARG A 1 15  ? -16.620 6.298   1.089   1.00 38.45  ? 10   ARG A NE  1 
ATOM   63   C CZ  . ARG A 1 15  ? -17.369 5.217   1.251   1.00 42.16  ? 10   ARG A CZ  1 
ATOM   64   N NH1 . ARG A 1 15  ? -17.379 4.597   2.425   1.00 45.90  ? 10   ARG A NH1 1 
ATOM   65   N NH2 . ARG A 1 15  ? -18.101 4.774   0.237   1.00 41.76  ? 10   ARG A NH2 1 
ATOM   66   N N   . GLN A 1 16  ? -10.472 7.059   3.439   1.00 19.18  ? 11   GLN A N   1 
ATOM   67   C CA  . GLN A 1 16  ? -9.496  7.787   4.238   1.00 14.57  ? 11   GLN A CA  1 
ATOM   68   C C   . GLN A 1 16  ? -8.193  7.943   3.453   1.00 18.16  ? 11   GLN A C   1 
ATOM   69   O O   . GLN A 1 16  ? -7.612  9.024   3.426   1.00 16.60  ? 11   GLN A O   1 
ATOM   70   C CB  . GLN A 1 16  ? -9.249  7.064   5.564   1.00 14.03  ? 11   GLN A CB  1 
ATOM   71   C CG  . GLN A 1 16  ? -10.330 7.259   6.606   1.00 15.85  ? 11   GLN A CG  1 
ATOM   72   C CD  . GLN A 1 16  ? -9.863  6.883   7.997   1.00 14.37  ? 11   GLN A CD  1 
ATOM   73   O OE1 . GLN A 1 16  ? -8.832  7.376   8.458   1.00 18.09  ? 11   GLN A OE1 1 
ATOM   74   N NE2 . GLN A 1 16  ? -10.618 6.007   8.660   1.00 18.63  ? 11   GLN A NE2 1 
ATOM   75   N N   . VAL A 1 17  ? -7.723  6.864   2.831   1.00 16.36  ? 12   VAL A N   1 
ATOM   76   C CA  . VAL A 1 17  ? -6.469  6.954   2.076   1.00 14.16  ? 12   VAL A CA  1 
ATOM   77   C C   . VAL A 1 17  ? -6.620  7.885   0.874   1.00 20.22  ? 12   VAL A C   1 
ATOM   78   O O   . VAL A 1 17  ? -5.757  8.721   0.609   1.00 16.74  ? 12   VAL A O   1 
ATOM   79   C CB  . VAL A 1 17  ? -6.007  5.555   1.622   1.00 8.16   ? 12   VAL A CB  1 
ATOM   80   C CG1 . VAL A 1 17  ? -4.843  5.668   0.638   1.00 13.95  ? 12   VAL A CG1 1 
ATOM   81   C CG2 . VAL A 1 17  ? -5.635  4.753   2.866   1.00 7.05   ? 12   VAL A CG2 1 
ATOM   82   N N   . SER A 1 18  ? -7.708  7.756   0.126   1.00 14.97  ? 13   SER A N   1 
ATOM   83   C CA  . SER A 1 18  ? -7.903  8.555   -1.082  1.00 13.71  ? 13   SER A CA  1 
ATOM   84   C C   . SER A 1 18  ? -7.872  10.032  -0.733  1.00 21.76  ? 13   SER A C   1 
ATOM   85   O O   . SER A 1 18  ? -7.328  10.865  -1.460  1.00 20.97  ? 13   SER A O   1 
ATOM   86   C CB  . SER A 1 18  ? -9.233  8.193   -1.745  1.00 21.54  ? 13   SER A CB  1 
ATOM   87   O OG  . SER A 1 18  ? -9.097  6.902   -2.329  1.00 36.47  ? 13   SER A OG  1 
ATOM   88   N N   . ARG A 1 19  ? -8.474  10.272  0.434   1.00 15.82  ? 14   ARG A N   1 
ATOM   89   C CA  . ARG A 1 19  ? -8.535  11.646  0.911   1.00 27.96  ? 14   ARG A CA  1 
ATOM   90   C C   . ARG A 1 19  ? -7.140  12.210  1.122   1.00 19.06  ? 14   ARG A C   1 
ATOM   91   O O   . ARG A 1 19  ? -6.865  13.323  0.666   1.00 17.14  ? 14   ARG A O   1 
ATOM   92   C CB  . ARG A 1 19  ? -9.395  11.756  2.175   1.00 28.96  ? 14   ARG A CB  1 
ATOM   93   C CG  . ARG A 1 19  ? -10.834 12.089  1.786   1.00 55.20  ? 14   ARG A CG  1 
ATOM   94   C CD  . ARG A 1 19  ? -11.794 12.156  2.953   1.00 78.17  ? 14   ARG A CD  1 
ATOM   95   N NE  . ARG A 1 19  ? -12.267 10.851  3.396   1.00 89.07  ? 14   ARG A NE  1 
ATOM   96   C CZ  . ARG A 1 19  ? -13.470 10.541  3.855   1.00 84.75  ? 14   ARG A CZ  1 
ATOM   97   N NH1 . ARG A 1 19  ? -14.416 11.465  3.945   1.00 51.71  ? 14   ARG A NH1 1 
ATOM   98   N NH2 . ARG A 1 19  ? -13.740 9.292   4.221   1.00 86.87  ? 14   ARG A NH2 1 
ATOM   99   N N   . LEU A 1 20  ? -6.270  11.462  1.790   1.00 20.36  ? 15   LEU A N   1 
ATOM   100  C CA  . LEU A 1 20  ? -4.902  11.923  1.998   1.00 17.71  ? 15   LEU A CA  1 
ATOM   101  C C   . LEU A 1 20  ? -4.141  12.055  0.689   1.00 22.32  ? 15   LEU A C   1 
ATOM   102  O O   . LEU A 1 20  ? -3.345  12.983  0.496   1.00 17.84  ? 15   LEU A O   1 
ATOM   103  C CB  . LEU A 1 20  ? -4.194  10.947  2.944   1.00 12.15  ? 15   LEU A CB  1 
ATOM   104  C CG  . LEU A 1 20  ? -4.860  10.884  4.320   1.00 14.18  ? 15   LEU A CG  1 
ATOM   105  C CD1 . LEU A 1 20  ? -4.379  9.717   5.156   1.00 17.72  ? 15   LEU A CD1 1 
ATOM   106  C CD2 . LEU A 1 20  ? -4.606  12.226  5.005   1.00 20.60  ? 15   LEU A CD2 1 
ATOM   107  N N   . VAL A 1 21  ? -4.383  11.127  -0.243  1.00 18.92  ? 16   VAL A N   1 
ATOM   108  C CA  . VAL A 1 21  ? -3.708  11.238  -1.540  1.00 14.55  ? 16   VAL A CA  1 
ATOM   109  C C   . VAL A 1 21  ? -4.179  12.545  -2.182  1.00 17.78  ? 16   VAL A C   1 
ATOM   110  O O   . VAL A 1 21  ? -3.370  13.284  -2.728  1.00 16.55  ? 16   VAL A O   1 
ATOM   111  C CB  . VAL A 1 21  ? -4.001  10.039  -2.459  1.00 24.90  ? 16   VAL A CB  1 
ATOM   112  C CG1 . VAL A 1 21  ? -3.613  10.307  -3.910  1.00 22.34  ? 16   VAL A CG1 1 
ATOM   113  C CG2 . VAL A 1 21  ? -3.285  8.799   -1.941  1.00 13.74  ? 16   VAL A CG2 1 
ATOM   114  N N   . GLN A 1 22  ? -5.484  12.817  -2.066  1.00 18.34  ? 17   GLN A N   1 
ATOM   115  C CA  . GLN A 1 22  ? -6.034  13.996  -2.759  1.00 23.79  ? 17   GLN A CA  1 
ATOM   116  C C   . GLN A 1 22  ? -5.455  15.303  -2.231  1.00 25.39  ? 17   GLN A C   1 
ATOM   117  O O   . GLN A 1 22  ? -5.344  16.263  -3.003  1.00 17.79  ? 17   GLN A O   1 
ATOM   118  C CB  . GLN A 1 22  ? -7.561  13.984  -2.664  1.00 19.72  ? 17   GLN A CB  1 
ATOM   119  C CG  . GLN A 1 22  ? -8.192  12.907  -3.546  1.00 30.27  ? 17   GLN A CG  1 
ATOM   120  C CD  . GLN A 1 22  ? -9.572  12.428  -3.154  1.00 49.95  ? 17   GLN A CD  1 
ATOM   121  O OE1 . GLN A 1 22  ? -10.251 12.915  -2.239  1.00 44.33  ? 17   GLN A OE1 1 
ATOM   122  N NE2 . GLN A 1 22  ? -10.050 11.407  -3.880  1.00 49.19  ? 17   GLN A NE2 1 
ATOM   123  N N   . GLN A 1 23  ? -5.117  15.317  -0.954  1.00 19.82  ? 18   GLN A N   1 
ATOM   124  C CA  . GLN A 1 23  ? -4.511  16.395  -0.196  1.00 17.27  ? 18   GLN A CA  1 
ATOM   125  C C   . GLN A 1 23  ? -3.009  16.479  -0.495  1.00 21.50  ? 18   GLN A C   1 
ATOM   126  O O   . GLN A 1 23  ? -2.338  17.271  0.148   1.00 22.07  ? 18   GLN A O   1 
ATOM   127  C CB  . GLN A 1 23  ? -4.652  16.195  1.309   1.00 17.37  ? 18   GLN A CB  1 
ATOM   128  C CG  . GLN A 1 23  ? -6.036  16.535  1.868   1.00 19.08  ? 18   GLN A CG  1 
ATOM   129  C CD  . GLN A 1 23  ? -6.197  15.983  3.280   1.00 33.08  ? 18   GLN A CD  1 
ATOM   130  O OE1 . GLN A 1 23  ? -5.246  15.749  4.032   1.00 31.31  ? 18   GLN A OE1 1 
ATOM   131  N NE2 . GLN A 1 23  ? -7.453  15.772  3.637   1.00 28.12  ? 18   GLN A NE2 1 
ATOM   132  N N   . GLU A 1 24  ? -2.569  15.657  -1.441  1.00 16.38  ? 19   GLU A N   1 
ATOM   133  C CA  . GLU A 1 24  ? -1.186  15.647  -1.892  1.00 22.19  ? 19   GLU A CA  1 
ATOM   134  C C   . GLU A 1 24  ? -0.220  15.036  -0.892  1.00 27.09  ? 19   GLU A C   1 
ATOM   135  O O   . GLU A 1 24  ? 0.932   15.470  -0.794  1.00 23.00  ? 19   GLU A O   1 
ATOM   136  C CB  . GLU A 1 24  ? -0.763  17.086  -2.232  1.00 17.07  ? 19   GLU A CB  1 
ATOM   137  C CG  . GLU A 1 24  ? -1.624  17.692  -3.325  1.00 10.62  ? 19   GLU A CG  1 
ATOM   138  C CD  . GLU A 1 24  ? -1.366  19.159  -3.597  1.00 16.38  ? 19   GLU A CD  1 
ATOM   139  O OE1 . GLU A 1 24  ? -0.977  19.961  -2.717  1.00 19.63  ? 19   GLU A OE1 1 
ATOM   140  O OE2 . GLU A 1 24  ? -1.554  19.516  -4.773  1.00 19.33  ? 19   GLU A OE2 1 
ATOM   141  N N   . SER A 1 25  ? -0.641  14.019  -0.157  1.00 17.96  ? 20   SER A N   1 
ATOM   142  C CA  . SER A 1 25  ? 0.248   13.282  0.715   1.00 14.13  ? 20   SER A CA  1 
ATOM   143  C C   . SER A 1 25  ? 0.524   11.874  0.208   1.00 19.46  ? 20   SER A C   1 
ATOM   144  O O   . SER A 1 25  ? 0.994   11.019  0.967   1.00 19.89  ? 20   SER A O   1 
ATOM   145  C CB  . SER A 1 25  ? -0.368  13.170  2.116   1.00 26.59  ? 20   SER A CB  1 
ATOM   146  O OG  . SER A 1 25  ? -0.460  14.444  2.719   1.00 21.65  ? 20   SER A OG  1 
ATOM   147  N N   . GLY A 1 26  ? 0.252   11.601  -1.060  1.00 19.78  ? 21   GLY A N   1 
ATOM   148  C CA  . GLY A 1 26  ? 0.419   10.265  -1.607  1.00 17.75  ? 21   GLY A CA  1 
ATOM   149  C C   . GLY A 1 26  ? 1.780   9.626   -1.411  1.00 23.75  ? 21   GLY A C   1 
ATOM   150  O O   . GLY A 1 26  ? 1.878   8.399   -1.219  1.00 29.37  ? 21   GLY A O   1 
ATOM   151  N N   . ASP A 1 27  ? 2.849   10.417  -1.457  1.00 18.09  ? 22   ASP A N   1 
ATOM   152  C CA  . ASP A 1 27  ? 4.223   9.929   -1.363  1.00 18.56  ? 22   ASP A CA  1 
ATOM   153  C C   . ASP A 1 27  ? 4.582   9.623   0.075   1.00 21.01  ? 22   ASP A C   1 
ATOM   154  O O   . ASP A 1 27  ? 5.623   9.044   0.384   1.00 23.93  ? 22   ASP A O   1 
ATOM   155  C CB  . ASP A 1 27  ? 5.149   11.029  -1.933  1.00 24.84  ? 22   ASP A CB  1 
ATOM   156  C CG  . ASP A 1 27  ? 4.242   12.264  -2.039  1.00 60.49  ? 22   ASP A CG  1 
ATOM   157  O OD1 . ASP A 1 27  ? 3.849   12.803  -0.981  1.00 62.34  ? 22   ASP A OD1 1 
ATOM   158  O OD2 . ASP A 1 27  ? 3.909   12.648  -3.179  1.00 99.47  ? 22   ASP A OD2 1 
ATOM   159  N N   . CYS A 1 28  ? 3.679   10.047  0.966   1.00 19.26  ? 23   CYS A N   1 
ATOM   160  C CA  . CYS A 1 28  ? 3.922   9.809   2.393   1.00 18.64  ? 23   CYS A CA  1 
ATOM   161  C C   . CYS A 1 28  ? 3.571   8.384   2.767   1.00 24.63  ? 23   CYS A C   1 
ATOM   162  O O   . CYS A 1 28  ? 2.630   7.804   2.214   1.00 21.23  ? 23   CYS A O   1 
ATOM   163  C CB  . CYS A 1 28  ? 3.088   10.770  3.237   1.00 24.26  ? 23   CYS A CB  1 
ATOM   164  S SG  . CYS A 1 28  ? 3.539   12.524  3.072   1.00 25.43  ? 23   CYS A SG  1 
ATOM   165  N N   . THR A 1 29  ? 4.300   7.792   3.711   1.00 15.60  ? 24   THR A N   1 
ATOM   166  C CA  . THR A 1 29  ? 3.805   6.512   4.228   1.00 15.51  ? 24   THR A CA  1 
ATOM   167  C C   . THR A 1 29  ? 2.555   6.706   5.073   1.00 18.31  ? 24   THR A C   1 
ATOM   168  O O   . THR A 1 29  ? 2.270   7.745   5.674   1.00 13.81  ? 24   THR A O   1 
ATOM   169  C CB  . THR A 1 29  ? 4.869   5.777   5.073   1.00 24.59  ? 24   THR A CB  1 
ATOM   170  O OG1 . THR A 1 29  ? 5.223   6.509   6.250   1.00 16.23  ? 24   THR A OG1 1 
ATOM   171  C CG2 . THR A 1 29  ? 6.158   5.651   4.275   1.00 12.65  ? 24   THR A CG2 1 
ATOM   172  N N   . GLY A 1 30  ? 1.739   5.653   5.134   1.00 16.01  ? 25   GLY A N   1 
ATOM   173  C CA  . GLY A 1 30  ? 0.539   5.734   5.960   1.00 11.68  ? 25   GLY A CA  1 
ATOM   174  C C   . GLY A 1 30  ? 0.822   5.228   7.361   1.00 10.20  ? 25   GLY A C   1 
ATOM   175  O O   . GLY A 1 30  ? 1.627   4.333   7.604   1.00 14.00  ? 25   GLY A O   1 
ATOM   176  N N   . LYS A 1 31  ? 0.104   5.828   8.283   1.00 11.42  ? 26   LYS A N   1 
ATOM   177  C CA  . LYS A 1 31  ? 0.162   5.533   9.701   1.00 16.98  ? 26   LYS A CA  1 
ATOM   178  C C   . LYS A 1 31  ? -1.240  5.188   10.184  1.00 16.20  ? 26   LYS A C   1 
ATOM   179  O O   . LYS A 1 31  ? -2.201  5.917   9.888   1.00 15.26  ? 26   LYS A O   1 
ATOM   180  C CB  . LYS A 1 31  ? 0.699   6.770   10.420  1.00 13.50  ? 26   LYS A CB  1 
ATOM   181  C CG  . LYS A 1 31  ? 2.215   6.923   10.291  1.00 22.65  ? 26   LYS A CG  1 
ATOM   182  C CD  . LYS A 1 31  ? 2.712   8.067   11.181  1.00 24.66  ? 26   LYS A CD  1 
ATOM   183  C CE  . LYS A 1 31  ? 4.213   7.933   11.400  1.00 29.99  ? 26   LYS A CE  1 
ATOM   184  N NZ  . LYS A 1 31  ? 4.766   8.918   12.366  1.00 55.98  ? 26   LYS A NZ  1 
ATOM   185  N N   . LEU A 1 32  ? -1.407  4.095   10.910  1.00 15.08  ? 27   LEU A N   1 
ATOM   186  C CA  . LEU A 1 32  ? -2.752  3.715   11.349  1.00 17.51  ? 27   LEU A CA  1 
ATOM   187  C C   . LEU A 1 32  ? -2.781  3.223   12.787  1.00 15.48  ? 27   LEU A C   1 
ATOM   188  O O   . LEU A 1 32  ? -1.926  2.424   13.204  1.00 14.60  ? 27   LEU A O   1 
ATOM   189  C CB  . LEU A 1 32  ? -3.368  2.656   10.434  1.00 10.87  ? 27   LEU A CB  1 
ATOM   190  C CG  . LEU A 1 32  ? -4.602  1.991   11.046  1.00 12.97  ? 27   LEU A CG  1 
ATOM   191  C CD1 . LEU A 1 32  ? -5.756  2.969   11.275  1.00 29.66  ? 27   LEU A CD1 1 
ATOM   192  C CD2 . LEU A 1 32  ? -5.173  0.873   10.173  1.00 13.87  ? 27   LEU A CD2 1 
ATOM   193  N N   . ARG A 1 33  ? -3.795  3.751   13.453  1.00 20.73  ? 28   ARG A N   1 
ATOM   194  C CA  . ARG A 1 33  ? -4.102  3.475   14.858  1.00 39.69  ? 28   ARG A CA  1 
ATOM   195  C C   . ARG A 1 33  ? -5.591  3.785   15.135  1.00 40.81  ? 28   ARG A C   1 
ATOM   196  O O   . ARG A 1 33  ? -6.046  3.771   16.284  1.00 37.78  ? 28   ARG A O   1 
ATOM   197  C CB  . ARG A 1 33  ? -3.217  4.344   15.760  1.00 50.99  ? 28   ARG A CB  1 
ATOM   198  C CG  . ARG A 1 33  ? -2.465  3.537   16.823  1.00 44.55  ? 28   ARG A CG  1 
ATOM   199  C CD  . ARG A 1 33  ? -3.301  3.295   18.079  1.00 34.29  ? 28   ARG A CD  1 
ATOM   200  N NE  . ARG A 1 33  ? -2.540  2.698   19.188  1.00 48.88  ? 28   ARG A NE  1 
ATOM   201  C CZ  . ARG A 1 33  ? -2.786  2.953   20.481  1.00 57.35  ? 28   ARG A CZ  1 
ATOM   202  N NH1 . ARG A 1 33  ? -3.764  3.798   20.842  1.00 52.13  ? 28   ARG A NH1 1 
ATOM   203  N NH2 . ARG A 1 33  ? -2.106  2.408   21.497  1.00 72.08  ? 28   ARG A NH2 1 
ATOM   204  N N   . GLY A 1 34  ? -6.322  4.056   14.055  1.00 45.63  ? 29   GLY A N   1 
ATOM   205  C CA  . GLY A 1 34  ? -7.774  4.382   14.106  1.00 55.28  ? 29   GLY A CA  1 
ATOM   206  C C   . GLY A 1 34  ? -8.168  5.092   12.811  1.00 48.30  ? 29   GLY A C   1 
ATOM   207  O O   . GLY A 1 34  ? -8.810  4.515   11.923  1.00 33.61  ? 29   GLY A O   1 
ATOM   208  N N   . ASN A 1 35  ? -7.780  6.340   12.758  1.00 31.91  ? 30   ASN A N   1 
ATOM   209  C CA  . ASN A 1 35  ? -7.917  7.144   11.554  1.00 13.04  ? 30   ASN A CA  1 
ATOM   210  C C   . ASN A 1 35  ? -6.560  7.049   10.874  1.00 25.50  ? 30   ASN A C   1 
ATOM   211  O O   . ASN A 1 35  ? -5.519  6.975   11.539  1.00 31.16  ? 30   ASN A O   1 
ATOM   212  C CB  . ASN A 1 35  ? -8.263  8.595   11.923  1.00 22.88  ? 30   ASN A CB  1 
ATOM   213  C CG  . ASN A 1 35  ? -9.763  8.907   11.847  1.00 50.42  ? 30   ASN A CG  1 
ATOM   214  O OD1 . ASN A 1 35  ? -10.589 8.010   12.010  1.00 63.38  ? 30   ASN A OD1 1 
ATOM   215  N ND2 . ASN A 1 35  ? -10.174 10.142  11.609  1.00 74.94  ? 30   ASN A ND2 1 
ATOM   216  N N   . VAL A 1 36  ? -6.552  7.012   9.570   1.00 14.83  ? 31   VAL A N   1 
ATOM   217  C CA  . VAL A 1 36  ? -5.284  6.951   8.838   1.00 16.64  ? 31   VAL A CA  1 
ATOM   218  C C   . VAL A 1 36  ? -4.644  8.340   8.886   1.00 18.62  ? 31   VAL A C   1 
ATOM   219  O O   . VAL A 1 36  ? -5.361  9.338   8.738   1.00 17.12  ? 31   VAL A O   1 
ATOM   220  C CB  . VAL A 1 36  ? -5.534  6.544   7.386   1.00 15.83  ? 31   VAL A CB  1 
ATOM   221  C CG1 . VAL A 1 36  ? -4.284  6.659   6.512   1.00 23.68  ? 31   VAL A CG1 1 
ATOM   222  C CG2 . VAL A 1 36  ? -6.010  5.097   7.245   1.00 23.46  ? 31   VAL A CG2 1 
ATOM   223  N N   . ALA A 1 37  ? -3.339  8.398   9.073   1.00 14.28  ? 32   ALA A N   1 
ATOM   224  C CA  . ALA A 1 37  ? -2.545  9.615   9.062   1.00 10.80  ? 32   ALA A CA  1 
ATOM   225  C C   . ALA A 1 37  ? -1.432  9.466   8.016   1.00 14.48  ? 32   ALA A C   1 
ATOM   226  O O   . ALA A 1 37  ? -0.933  8.368   7.797   1.00 19.31  ? 32   ALA A O   1 
ATOM   227  C CB  . ALA A 1 37  ? -1.934  9.919   10.419  1.00 10.47  ? 32   ALA A CB  1 
ATOM   228  N N   . ALA A 1 38  ? -1.055  10.557  7.378   1.00 17.81  ? 33   ALA A N   1 
ATOM   229  C CA  . ALA A 1 38  ? 0.096   10.608  6.486   1.00 18.67  ? 33   ALA A CA  1 
ATOM   230  C C   . ALA A 1 38  ? 1.353   10.860  7.301   1.00 21.42  ? 33   ALA A C   1 
ATOM   231  O O   . ALA A 1 38  ? 1.384   11.778  8.128   1.00 15.78  ? 33   ALA A O   1 
ATOM   232  C CB  . ALA A 1 38  ? -0.081  11.726  5.460   1.00 12.80  ? 33   ALA A CB  1 
ATOM   233  N N   . ASN A 1 39  ? 2.403   10.080  7.113   1.00 19.56  ? 34   ASN A N   1 
ATOM   234  C CA  . ASN A 1 39  ? 3.649   10.317  7.843   1.00 16.21  ? 34   ASN A CA  1 
ATOM   235  C C   . ASN A 1 39  ? 4.324   11.587  7.335   1.00 22.39  ? 34   ASN A C   1 
ATOM   236  O O   . ASN A 1 39  ? 4.866   11.553  6.226   1.00 16.15  ? 34   ASN A O   1 
ATOM   237  C CB  . ASN A 1 39  ? 4.600   9.142   7.635   1.00 15.83  ? 34   ASN A CB  1 
ATOM   238  C CG  . ASN A 1 39  ? 5.980   9.378   8.198   1.00 24.00  ? 34   ASN A CG  1 
ATOM   239  O OD1 . ASN A 1 39  ? 6.254   10.333  8.926   1.00 21.76  ? 34   ASN A OD1 1 
ATOM   240  N ND2 . ASN A 1 39  ? 6.881   8.479   7.831   1.00 27.78  ? 34   ASN A ND2 1 
ATOM   241  N N   . LYS A 1 40  ? 4.301   12.671  8.099   1.00 16.67  ? 35   LYS A N   1 
ATOM   242  C CA  . LYS A 1 40  ? 4.981   13.869  7.599   1.00 31.38  ? 35   LYS A CA  1 
ATOM   243  C C   . LYS A 1 40  ? 6.463   13.847  7.995   1.00 34.99  ? 35   LYS A C   1 
ATOM   244  O O   . LYS A 1 40  ? 7.266   14.462  7.301   1.00 53.83  ? 35   LYS A O   1 
ATOM   245  C CB  . LYS A 1 40  ? 4.309   15.133  8.124   1.00 31.04  ? 35   LYS A CB  1 
ATOM   246  C CG  . LYS A 1 40  ? 3.012   15.474  7.419   1.00 35.78  ? 35   LYS A CG  1 
ATOM   247  C CD  . LYS A 1 40  ? 3.204   15.643  5.925   1.00 48.67  ? 35   LYS A CD  1 
ATOM   248  C CE  . LYS A 1 40  ? 1.880   15.910  5.221   1.00 57.49  ? 35   LYS A CE  1 
ATOM   249  N NZ  . LYS A 1 40  ? 0.730   15.883  6.170   1.00 70.31  ? 35   LYS A NZ  1 
ATOM   250  N N   . GLU A 1 41  ? 6.767   13.151  9.073   1.00 30.59  ? 36   GLU A N   1 
ATOM   251  C CA  . GLU A 1 41  ? 8.012   13.041  9.802   1.00 30.00  ? 36   GLU A CA  1 
ATOM   252  C C   . GLU A 1 41  ? 9.112   12.433  8.945   1.00 38.30  ? 36   GLU A C   1 
ATOM   253  O O   . GLU A 1 41  ? 10.091  13.094  8.615   1.00 54.45  ? 36   GLU A O   1 
ATOM   254  C CB  . GLU A 1 41  ? 7.817   12.194  11.075  1.00 39.84  ? 36   GLU A CB  1 
ATOM   255  C CG  . GLU A 1 41  ? 8.609   12.627  12.286  1.00 46.51  ? 36   GLU A CG  1 
ATOM   256  C CD  . GLU A 1 41  ? 8.736   11.634  13.418  1.00 51.09  ? 36   GLU A CD  1 
ATOM   257  O OE1 . GLU A 1 41  ? 8.593   10.408  13.246  1.00 41.79  ? 36   GLU A OE1 1 
ATOM   258  O OE2 . GLU A 1 41  ? 9.002   12.083  14.561  1.00 74.56  ? 36   GLU A OE2 1 
ATOM   259  N N   . THR A 1 42  ? 8.926   11.162  8.598   1.00 32.23  ? 37   THR A N   1 
ATOM   260  C CA  . THR A 1 42  ? 9.964   10.401  7.913   1.00 27.20  ? 37   THR A CA  1 
ATOM   261  C C   . THR A 1 42  ? 9.441   9.998   6.542   1.00 24.19  ? 37   THR A C   1 
ATOM   262  O O   . THR A 1 42  ? 8.225   9.999   6.367   1.00 28.14  ? 37   THR A O   1 
ATOM   263  C CB  . THR A 1 42  ? 10.376  9.181   8.746   1.00 32.68  ? 37   THR A CB  1 
ATOM   264  O OG1 . THR A 1 42  ? 9.249   8.312   8.982   1.00 29.00  ? 37   THR A OG1 1 
ATOM   265  C CG2 . THR A 1 42  ? 10.834  9.602   10.141  1.00 29.16  ? 37   THR A CG2 1 
ATOM   266  N N   . THR A 1 43  ? 10.326  9.684   5.618   1.00 26.00  ? 38   THR A N   1 
ATOM   267  C CA  . THR A 1 43  ? 10.020  9.289   4.261   1.00 25.66  ? 38   THR A CA  1 
ATOM   268  C C   . THR A 1 43  ? 9.962   7.779   4.097   1.00 15.84  ? 38   THR A C   1 
ATOM   269  O O   . THR A 1 43  ? 10.347  7.037   4.994   1.00 32.22  ? 38   THR A O   1 
ATOM   270  C CB  . THR A 1 43  ? 11.070  9.799   3.247   1.00 35.03  ? 38   THR A CB  1 
ATOM   271  O OG1 . THR A 1 43  ? 12.282  9.059   3.409   1.00 47.67  ? 38   THR A OG1 1 
ATOM   272  C CG2 . THR A 1 43  ? 11.414  11.256  3.513   1.00 43.17  ? 38   THR A CG2 1 
ATOM   273  N N   . PHE A 1 44  ? 9.514   7.344   2.922   1.00 20.06  ? 39   PHE A N   1 
ATOM   274  C CA  . PHE A 1 44  ? 9.562   5.936   2.585   1.00 24.86  ? 39   PHE A CA  1 
ATOM   275  C C   . PHE A 1 44  ? 10.990  5.501   2.223   1.00 34.89  ? 39   PHE A C   1 
ATOM   276  O O   . PHE A 1 44  ? 11.484  6.095   1.258   1.00 22.18  ? 39   PHE A O   1 
ATOM   277  C CB  . PHE A 1 44  ? 8.685   5.598   1.386   1.00 22.19  ? 39   PHE A CB  1 
ATOM   278  C CG  . PHE A 1 44  ? 8.815   4.135   0.977   1.00 29.47  ? 39   PHE A CG  1 
ATOM   279  C CD1 . PHE A 1 44  ? 8.271   3.143   1.786   1.00 24.22  ? 39   PHE A CD1 1 
ATOM   280  C CD2 . PHE A 1 44  ? 9.464   3.786   -0.193  1.00 28.04  ? 39   PHE A CD2 1 
ATOM   281  C CE1 . PHE A 1 44  ? 8.386   1.815   1.422   1.00 27.17  ? 39   PHE A CE1 1 
ATOM   282  C CE2 . PHE A 1 44  ? 9.573   2.460   -0.567  1.00 30.37  ? 39   PHE A CE2 1 
ATOM   283  C CZ  . PHE A 1 44  ? 9.027   1.483   0.243   1.00 31.41  ? 39   PHE A CZ  1 
ATOM   284  N N   . GLN A 1 45  ? 11.505  4.529   2.973   1.00 30.16  ? 40   GLN A N   1 
ATOM   285  C CA  . GLN A 1 45  ? 12.837  3.970   2.819   1.00 22.58  ? 40   GLN A CA  1 
ATOM   286  C C   . GLN A 1 45  ? 12.920  2.455   2.880   1.00 27.11  ? 40   GLN A C   1 
ATOM   287  O O   . GLN A 1 45  ? 14.007  1.884   3.013   1.00 49.63  ? 40   GLN A O   1 
ATOM   288  C CB  . GLN A 1 45  ? 13.735  4.526   3.942   1.00 22.78  ? 40   GLN A CB  1 
ATOM   289  C CG  . GLN A 1 45  ? 13.779  6.042   3.930   1.00 40.82  ? 40   GLN A CG  1 
ATOM   290  C CD  . GLN A 1 45  ? 14.995  6.566   4.671   1.00 47.49  ? 40   GLN A CD  1 
ATOM   291  O OE1 . GLN A 1 45  ? 14.887  6.953   5.833   1.00 52.16  ? 40   GLN A OE1 1 
ATOM   292  N NE2 . GLN A 1 45  ? 16.119  6.549   3.966   1.00 38.07  ? 40   GLN A NE2 1 
ATOM   293  N N   . GLY A 1 46  ? 11.793  1.769   2.793   1.00 24.20  ? 41   GLY A N   1 
ATOM   294  C CA  . GLY A 1 46  ? 11.811  0.319   2.932   1.00 19.08  ? 41   GLY A CA  1 
ATOM   295  C C   . GLY A 1 46  ? 12.204  -0.074  4.339   1.00 27.54  ? 41   GLY A C   1 
ATOM   296  O O   . GLY A 1 46  ? 12.857  -1.106  4.524   1.00 23.21  ? 41   GLY A O   1 
ATOM   297  N N   . LEU A 1 47  ? 11.821  0.731   5.340   1.00 19.51  ? 42   LEU A N   1 
ATOM   298  C CA  . LEU A 1 47  ? 12.203  0.339   6.693   1.00 19.82  ? 42   LEU A CA  1 
ATOM   299  C C   . LEU A 1 47  ? 11.374  -0.814  7.243   1.00 26.66  ? 42   LEU A C   1 
ATOM   300  O O   . LEU A 1 47  ? 10.210  -1.044  6.912   1.00 30.14  ? 42   LEU A O   1 
ATOM   301  C CB  . LEU A 1 47  ? 12.101  1.552   7.636   1.00 25.32  ? 42   LEU A CB  1 
ATOM   302  C CG  . LEU A 1 47  ? 12.938  2.779   7.244   1.00 29.24  ? 42   LEU A CG  1 
ATOM   303  C CD1 . LEU A 1 47  ? 13.008  3.780   8.384   1.00 17.36  ? 42   LEU A CD1 1 
ATOM   304  C CD2 . LEU A 1 47  ? 14.335  2.347   6.836   1.00 18.46  ? 42   LEU A CD2 1 
ATOM   305  N N   . THR A 1 48  ? 11.984  -1.565  8.158   1.00 19.96  ? 43   THR A N   1 
ATOM   306  C CA  . THR A 1 48  ? 11.242  -2.470  9.021   1.00 20.06  ? 43   THR A CA  1 
ATOM   307  C C   . THR A 1 48  ? 11.248  -1.864  10.425  1.00 21.41  ? 43   THR A C   1 
ATOM   308  O O   . THR A 1 48  ? 12.019  -0.902  10.588  1.00 20.25  ? 43   THR A O   1 
ATOM   309  C CB  . THR A 1 48  ? 11.858  -3.868  9.105   1.00 28.14  ? 43   THR A CB  1 
ATOM   310  O OG1 . THR A 1 48  ? 13.183  -3.695  9.632   1.00 18.46  ? 43   THR A OG1 1 
ATOM   311  C CG2 . THR A 1 48  ? 12.000  -4.490  7.727   1.00 21.93  ? 43   THR A CG2 1 
ATOM   312  N N   . ILE A 1 49  ? 10.442  -2.431  11.323  1.00 16.42  ? 44   ILE A N   1 
ATOM   313  C CA  . ILE A 1 49  ? 10.506  -1.983  12.722  1.00 20.40  ? 44   ILE A CA  1 
ATOM   314  C C   . ILE A 1 49  ? 11.975  -1.961  13.165  1.00 35.81  ? 44   ILE A C   1 
ATOM   315  O O   . ILE A 1 49  ? 12.490  -0.967  13.694  1.00 26.55  ? 44   ILE A O   1 
ATOM   316  C CB  . ILE A 1 49  ? 9.660   -2.882  13.634  1.00 35.70  ? 44   ILE A CB  1 
ATOM   317  C CG1 . ILE A 1 49  ? 8.156   -2.871  13.343  1.00 34.72  ? 44   ILE A CG1 1 
ATOM   318  C CG2 . ILE A 1 49  ? 9.890   -2.576  15.109  1.00 32.24  ? 44   ILE A CG2 1 
ATOM   319  C CD1 . ILE A 1 49  ? 7.387   -1.666  13.835  1.00 15.87  ? 44   ILE A CD1 1 
ATOM   320  N N   . ALA A 1 50  ? 12.727  -3.038  12.914  1.00 34.36  ? 45   ALA A N   1 
ATOM   321  C CA  . ALA A 1 50  ? 14.133  -3.086  13.326  1.00 42.17  ? 45   ALA A CA  1 
ATOM   322  C C   . ALA A 1 50  ? 14.989  -1.956  12.768  1.00 41.12  ? 45   ALA A C   1 
ATOM   323  O O   . ALA A 1 50  ? 16.022  -1.577  13.344  1.00 46.06  ? 45   ALA A O   1 
ATOM   324  C CB  . ALA A 1 50  ? 14.741  -4.430  12.933  1.00 29.08  ? 45   ALA A CB  1 
ATOM   325  N N   . SER A 1 51  ? 14.625  -1.365  11.624  1.00 24.68  ? 46   SER A N   1 
ATOM   326  C CA  . SER A 1 51  ? 15.485  -0.281  11.141  1.00 23.06  ? 46   SER A CA  1 
ATOM   327  C C   . SER A 1 51  ? 14.756  1.048   11.186  1.00 29.88  ? 46   SER A C   1 
ATOM   328  O O   . SER A 1 51  ? 15.016  1.925   10.368  1.00 30.12  ? 46   SER A O   1 
ATOM   329  C CB  . SER A 1 51  ? 15.957  -0.615  9.738   1.00 15.72  ? 46   SER A CB  1 
ATOM   330  O OG  . SER A 1 51  ? 14.860  -0.805  8.847   1.00 23.01  ? 46   SER A OG  1 
ATOM   331  N N   . GLY A 1 52  ? 13.813  1.228   12.122  1.00 26.46  ? 47   GLY A N   1 
ATOM   332  C CA  . GLY A 1 52  ? 13.194  2.538   12.212  1.00 29.47  ? 47   GLY A CA  1 
ATOM   333  C C   . GLY A 1 52  ? 11.759  2.694   11.785  1.00 35.76  ? 47   GLY A C   1 
ATOM   334  O O   . GLY A 1 52  ? 11.176  3.759   12.041  1.00 33.07  ? 47   GLY A O   1 
ATOM   335  N N   . ALA A 1 53  ? 11.093  1.736   11.142  1.00 27.63  ? 48   ALA A N   1 
ATOM   336  C CA  . ALA A 1 53  ? 9.677   1.974   10.815  1.00 26.37  ? 48   ALA A CA  1 
ATOM   337  C C   . ALA A 1 53  ? 8.843   2.137   12.075  1.00 14.47  ? 48   ALA A C   1 
ATOM   338  O O   . ALA A 1 53  ? 9.065   1.489   13.097  1.00 15.38  ? 48   ALA A O   1 
ATOM   339  C CB  . ALA A 1 53  ? 9.121   0.863   9.925   1.00 13.56  ? 48   ALA A CB  1 
ATOM   340  N N   . ARG A 1 54  ? 7.820   3.009   12.033  1.00 16.02  ? 49   ARG A N   1 
ATOM   341  C CA  . ARG A 1 54  ? 7.010   3.156   13.239  1.00 10.26  ? 49   ARG A CA  1 
ATOM   342  C C   . ARG A 1 54  ? 6.011   2.013   13.386  1.00 13.61  ? 49   ARG A C   1 
ATOM   343  O O   . ARG A 1 54  ? 5.593   1.407   12.406  1.00 11.89  ? 49   ARG A O   1 
ATOM   344  C CB  . ARG A 1 54  ? 6.235   4.477   13.255  1.00 15.02  ? 49   ARG A CB  1 
ATOM   345  C CG  . ARG A 1 54  ? 7.029   5.742   13.043  1.00 30.00  ? 49   ARG A CG  1 
ATOM   346  C CD  . ARG A 1 54  ? 8.362   5.737   13.793  1.00 38.58  ? 49   ARG A CD  1 
ATOM   347  N NE  . ARG A 1 54  ? 9.100   6.979   13.540  1.00 40.10  ? 49   ARG A NE  1 
ATOM   348  C CZ  . ARG A 1 54  ? 10.222  7.350   14.127  1.00 33.72  ? 49   ARG A CZ  1 
ATOM   349  N NH1 . ARG A 1 54  ? 10.786  6.570   15.040  1.00 39.02  ? 49   ARG A NH1 1 
ATOM   350  N NH2 . ARG A 1 54  ? 10.793  8.502   13.810  1.00 19.81  ? 49   ARG A NH2 1 
ATOM   351  N N   . GLU A 1 55  ? 5.601   1.755   14.628  1.00 12.04  ? 50   GLU A N   1 
ATOM   352  C CA  . GLU A 1 55  ? 4.597   0.704   14.822  1.00 15.24  ? 50   GLU A CA  1 
ATOM   353  C C   . GLU A 1 55  ? 3.341   0.999   14.016  1.00 14.27  ? 50   GLU A C   1 
ATOM   354  O O   . GLU A 1 55  ? 2.728   0.091   13.440  1.00 12.66  ? 50   GLU A O   1 
ATOM   355  C CB  . GLU A 1 55  ? 4.303   0.599   16.319  1.00 26.15  ? 50   GLU A CB  1 
ATOM   356  C CG  . GLU A 1 55  ? 5.518   0.051   17.066  1.00 46.80  ? 50   GLU A CG  1 
ATOM   357  C CD  . GLU A 1 55  ? 5.624   -1.458  16.895  1.00 55.11  ? 50   GLU A CD  1 
ATOM   358  O OE1 . GLU A 1 55  ? 4.670   -2.077  16.377  1.00 53.79  ? 50   GLU A OE1 1 
ATOM   359  O OE2 . GLU A 1 55  ? 6.664   -2.030  17.283  1.00 46.40  ? 50   GLU A OE2 1 
ATOM   360  N N   . SER A 1 56  ? 2.944   2.269   13.947  1.00 9.03   ? 51   SER A N   1 
ATOM   361  C CA  . SER A 1 56  ? 1.758   2.657   13.167  1.00 17.89  ? 51   SER A CA  1 
ATOM   362  C C   . SER A 1 56  ? 1.927   2.533   11.663  1.00 19.50  ? 51   SER A C   1 
ATOM   363  O O   . SER A 1 56  ? 0.956   2.329   10.909  1.00 17.36  ? 51   SER A O   1 
ATOM   364  C CB  . SER A 1 56  ? 1.402   4.107   13.508  1.00 16.68  ? 51   SER A CB  1 
ATOM   365  O OG  . SER A 1 56  ? 2.277   5.000   12.828  1.00 13.01  ? 51   SER A OG  1 
ATOM   366  N N   . GLU A 1 57  ? 3.156   2.665   11.172  1.00 20.52  ? 52   GLU A N   1 
ATOM   367  C CA  . GLU A 1 57  ? 3.456   2.361   9.775   1.00 13.93  ? 52   GLU A CA  1 
ATOM   368  C C   . GLU A 1 57  ? 3.294   0.877   9.469   1.00 15.10  ? 52   GLU A C   1 
ATOM   369  O O   . GLU A 1 57  ? 2.694   0.525   8.451   1.00 17.65  ? 52   GLU A O   1 
ATOM   370  C CB  . GLU A 1 57  ? 4.885   2.809   9.459   1.00 13.96  ? 52   GLU A CB  1 
ATOM   371  C CG  . GLU A 1 57  ? 5.048   4.324   9.420   1.00 13.23  ? 52   GLU A CG  1 
ATOM   372  C CD  . GLU A 1 57  ? 6.464   4.674   8.979   1.00 21.85  ? 52   GLU A CD  1 
ATOM   373  O OE1 . GLU A 1 57  ? 7.367   4.426   9.805   1.00 15.34  ? 52   GLU A OE1 1 
ATOM   374  O OE2 . GLU A 1 57  ? 6.622   5.164   7.844   1.00 14.85  ? 52   GLU A OE2 1 
ATOM   375  N N   . LYS A 1 58  ? 3.815   -0.018  10.333  1.00 12.88  ? 53   LYS A N   1 
ATOM   376  C CA  . LYS A 1 58  ? 3.620   -1.449  10.107  1.00 16.50  ? 53   LYS A CA  1 
ATOM   377  C C   . LYS A 1 58  ? 2.145   -1.850  10.119  1.00 13.87  ? 53   LYS A C   1 
ATOM   378  O O   . LYS A 1 58  ? 1.638   -2.573  9.271   1.00 16.35  ? 53   LYS A O   1 
ATOM   379  C CB  . LYS A 1 58  ? 4.354   -2.274  11.172  1.00 12.54  ? 53   LYS A CB  1 
ATOM   380  C CG  . LYS A 1 58  ? 4.016   -3.764  11.075  1.00 13.56  ? 53   LYS A CG  1 
ATOM   381  C CD  . LYS A 1 58  ? 5.204   -4.591  11.546  1.00 22.11  ? 53   LYS A CD  1 
ATOM   382  C CE  . LYS A 1 58  ? 4.807   -6.019  11.863  1.00 25.81  ? 53   LYS A CE  1 
ATOM   383  N NZ  . LYS A 1 58  ? 5.918   -6.810  12.455  1.00 39.67  ? 53   LYS A NZ  1 
ATOM   384  N N   . VAL A 1 59  ? 1.390   -1.349  11.089  1.00 15.83  ? 54   VAL A N   1 
ATOM   385  C CA  . VAL A 1 59  ? -0.061  -1.597  11.094  1.00 15.13  ? 54   VAL A CA  1 
ATOM   386  C C   . VAL A 1 59  ? -0.690  -1.111  9.801   1.00 18.60  ? 54   VAL A C   1 
ATOM   387  O O   . VAL A 1 59  ? -1.474  -1.827  9.149   1.00 13.71  ? 54   VAL A O   1 
ATOM   388  C CB  . VAL A 1 59  ? -0.660  -0.936  12.353  1.00 20.04  ? 54   VAL A CB  1 
ATOM   389  C CG1 . VAL A 1 59  ? -2.165  -1.127  12.468  1.00 9.63   ? 54   VAL A CG1 1 
ATOM   390  C CG2 . VAL A 1 59  ? 0.060   -1.522  13.564  1.00 14.83  ? 54   VAL A CG2 1 
ATOM   391  N N   . PHE A 1 60  ? -0.380  0.107   9.359   1.00 10.46  ? 55   PHE A N   1 
ATOM   392  C CA  . PHE A 1 60  ? -0.925  0.543   8.080   1.00 18.65  ? 55   PHE A CA  1 
ATOM   393  C C   . PHE A 1 60  ? -0.606  -0.404  6.917   1.00 22.44  ? 55   PHE A C   1 
ATOM   394  O O   . PHE A 1 60  ? -1.544  -0.838  6.222   1.00 9.29   ? 55   PHE A O   1 
ATOM   395  C CB  . PHE A 1 60  ? -0.428  1.968   7.774   1.00 11.64  ? 55   PHE A CB  1 
ATOM   396  C CG  . PHE A 1 60  ? -1.012  2.430   6.442   1.00 8.97   ? 55   PHE A CG  1 
ATOM   397  C CD1 . PHE A 1 60  ? -2.334  2.835   6.398   1.00 13.15  ? 55   PHE A CD1 1 
ATOM   398  C CD2 . PHE A 1 60  ? -0.246  2.443   5.291   1.00 17.05  ? 55   PHE A CD2 1 
ATOM   399  C CE1 . PHE A 1 60  ? -2.864  3.258   5.188   1.00 17.56  ? 55   PHE A CE1 1 
ATOM   400  C CE2 . PHE A 1 60  ? -0.778  2.853   4.070   1.00 14.20  ? 55   PHE A CE2 1 
ATOM   401  C CZ  . PHE A 1 60  ? -2.104  3.256   4.035   1.00 14.37  ? 55   PHE A CZ  1 
ATOM   402  N N   . ALA A 1 61  ? 0.662   -0.750  6.708   1.00 18.60  ? 56   ALA A N   1 
ATOM   403  C CA  . ALA A 1 61  ? 1.114   -1.642  5.652   1.00 16.13  ? 56   ALA A CA  1 
ATOM   404  C C   . ALA A 1 61  ? 0.434   -3.003  5.790   1.00 16.33  ? 56   ALA A C   1 
ATOM   405  O O   . ALA A 1 61  ? -0.162  -3.536  4.849   1.00 17.12  ? 56   ALA A O   1 
ATOM   406  C CB  . ALA A 1 61  ? 2.628   -1.859  5.608   1.00 8.89   ? 56   ALA A CB  1 
ATOM   407  N N   . GLN A 1 62  ? 0.492   -3.605  6.979   1.00 16.31  ? 57   GLN A N   1 
ATOM   408  C CA  . GLN A 1 62  ? -0.151  -4.916  7.101   1.00 17.12  ? 57   GLN A CA  1 
ATOM   409  C C   . GLN A 1 62  ? -1.671  -4.882  6.973   1.00 23.61  ? 57   GLN A C   1 
ATOM   410  O O   . GLN A 1 62  ? -2.317  -5.880  6.604   1.00 19.08  ? 57   GLN A O   1 
ATOM   411  C CB  . GLN A 1 62  ? 0.214   -5.525  8.461   1.00 16.48  ? 57   GLN A CB  1 
ATOM   412  C CG  . GLN A 1 62  ? 1.640   -6.030  8.568   1.00 16.34  ? 57   GLN A CG  1 
ATOM   413  C CD  . GLN A 1 62  ? 1.921   -7.173  7.607   1.00 28.86  ? 57   GLN A CD  1 
ATOM   414  O OE1 . GLN A 1 62  ? 1.118   -8.104  7.572   1.00 23.58  ? 57   GLN A OE1 1 
ATOM   415  N NE2 . GLN A 1 62  ? 3.014   -7.086  6.848   1.00 25.48  ? 57   GLN A NE2 1 
ATOM   416  N N   . THR A 1 63  ? -2.309  -3.762  7.297   1.00 18.87  ? 58   THR A N   1 
ATOM   417  C CA  . THR A 1 63  ? -3.777  -3.680  7.184   1.00 13.77  ? 58   THR A CA  1 
ATOM   418  C C   . THR A 1 63  ? -4.148  -3.708  5.716   1.00 14.81  ? 58   THR A C   1 
ATOM   419  O O   . THR A 1 63  ? -5.072  -4.328  5.207   1.00 15.52  ? 58   THR A O   1 
ATOM   420  C CB  . THR A 1 63  ? -4.300  -2.399  7.843   1.00 18.79  ? 58   THR A CB  1 
ATOM   421  O OG1 . THR A 1 63  ? -4.014  -2.501  9.243   1.00 16.50  ? 58   THR A OG1 1 
ATOM   422  C CG2 . THR A 1 63  ? -5.812  -2.233  7.713   1.00 11.15  ? 58   THR A CG2 1 
ATOM   423  N N   . VAL A 1 64  ? -3.312  -2.979  4.977   1.00 14.19  ? 59   VAL A N   1 
ATOM   424  C CA  . VAL A 1 64  ? -3.613  -2.931  3.536   1.00 13.04  ? 59   VAL A CA  1 
ATOM   425  C C   . VAL A 1 64  ? -3.362  -4.309  2.942   1.00 18.58  ? 59   VAL A C   1 
ATOM   426  O O   . VAL A 1 64  ? -4.235  -4.805  2.222   1.00 21.76  ? 59   VAL A O   1 
ATOM   427  C CB  . VAL A 1 64  ? -2.812  -1.836  2.836   1.00 7.62   ? 59   VAL A CB  1 
ATOM   428  C CG1 . VAL A 1 64  ? -3.022  -1.910  1.319   1.00 14.21  ? 59   VAL A CG1 1 
ATOM   429  C CG2 . VAL A 1 64  ? -3.247  -0.487  3.377   1.00 8.83   ? 59   VAL A CG2 1 
ATOM   430  N N   . LEU A 1 65  ? -2.220  -4.910  3.260   1.00 18.63  ? 60   LEU A N   1 
ATOM   431  C CA  . LEU A 1 65  ? -1.959  -6.284  2.836   1.00 20.57  ? 60   LEU A CA  1 
ATOM   432  C C   . LEU A 1 65  ? -3.143  -7.182  3.177   1.00 22.03  ? 60   LEU A C   1 
ATOM   433  O O   . LEU A 1 65  ? -3.619  -7.954  2.352   1.00 22.68  ? 60   LEU A O   1 
ATOM   434  C CB  . LEU A 1 65  ? -0.704  -6.819  3.524   1.00 30.99  ? 60   LEU A CB  1 
ATOM   435  C CG  . LEU A 1 65  ? -0.128  -8.166  3.094   1.00 30.03  ? 60   LEU A CG  1 
ATOM   436  C CD1 . LEU A 1 65  ? 0.315   -8.143  1.633   1.00 13.24  ? 60   LEU A CD1 1 
ATOM   437  C CD2 . LEU A 1 65  ? 1.055   -8.564  3.971   1.00 20.26  ? 60   LEU A CD2 1 
ATOM   438  N N   . SER A 1 66  ? -3.662  -7.083  4.406   1.00 20.85  ? 61   SER A N   1 
ATOM   439  C CA  . SER A 1 66  ? -4.729  -8.021  4.792   1.00 20.14  ? 61   SER A CA  1 
ATOM   440  C C   . SER A 1 66  ? -5.960  -7.834  3.922   1.00 27.13  ? 61   SER A C   1 
ATOM   441  O O   . SER A 1 66  ? -6.655  -8.795  3.592   1.00 31.45  ? 61   SER A O   1 
ATOM   442  C CB  . SER A 1 66  ? -5.084  -7.856  6.266   1.00 23.10  ? 61   SER A CB  1 
ATOM   443  O OG  . SER A 1 66  ? -5.704  -6.592  6.477   1.00 41.73  ? 61   SER A OG  1 
ATOM   444  N N   . HIS A 1 67  ? -6.228  -6.585  3.535   1.00 18.36  ? 62   HIS A N   1 
ATOM   445  C CA  . HIS A 1 67  ? -7.400  -6.310  2.732   1.00 16.42  ? 62   HIS A CA  1 
ATOM   446  C C   . HIS A 1 67  ? -7.202  -6.733  1.278   1.00 25.77  ? 62   HIS A C   1 
ATOM   447  O O   . HIS A 1 67  ? -8.201  -6.747  0.561   1.00 24.75  ? 62   HIS A O   1 
ATOM   448  C CB  . HIS A 1 67  ? -7.768  -4.824  2.761   1.00 21.88  ? 62   HIS A CB  1 
ATOM   449  C CG  . HIS A 1 67  ? -8.523  -4.402  3.984   1.00 21.23  ? 62   HIS A CG  1 
ATOM   450  N ND1 . HIS A 1 67  ? -9.861  -4.667  4.180   1.00 19.37  ? 62   HIS A ND1 1 
ATOM   451  C CD2 . HIS A 1 67  ? -8.128  -3.709  5.075   1.00 11.17  ? 62   HIS A CD2 1 
ATOM   452  C CE1 . HIS A 1 67  ? -10.249 -4.167  5.331   1.00 17.46  ? 62   HIS A CE1 1 
ATOM   453  N NE2 . HIS A 1 67  ? -9.214  -3.584  5.902   1.00 19.04  ? 62   HIS A NE2 1 
ATOM   454  N N   . VAL A 1 68  ? -6.008  -7.081  0.803   1.00 16.36  ? 63   VAL A N   1 
ATOM   455  C CA  . VAL A 1 68  ? -5.886  -7.460  -0.603  1.00 16.50  ? 63   VAL A CA  1 
ATOM   456  C C   . VAL A 1 68  ? -5.535  -8.933  -0.756  1.00 21.33  ? 63   VAL A C   1 
ATOM   457  O O   . VAL A 1 68  ? -5.138  -9.415  -1.825  1.00 26.76  ? 63   VAL A O   1 
ATOM   458  C CB  . VAL A 1 68  ? -4.866  -6.567  -1.336  1.00 29.21  ? 63   VAL A CB  1 
ATOM   459  C CG1 . VAL A 1 68  ? -5.292  -5.110  -1.178  1.00 34.21  ? 63   VAL A CG1 1 
ATOM   460  C CG2 . VAL A 1 68  ? -3.436  -6.764  -0.849  1.00 18.95  ? 63   VAL A CG2 1 
ATOM   461  N N   . ALA A 1 69  ? -5.679  -9.695  0.323   1.00 29.78  ? 64   ALA A N   1 
ATOM   462  C CA  . ALA A 1 69  ? -5.451  -11.140 0.254   1.00 33.14  ? 64   ALA A CA  1 
ATOM   463  C C   . ALA A 1 69  ? -6.258  -11.792 -0.864  1.00 35.50  ? 64   ALA A C   1 
ATOM   464  O O   . ALA A 1 69  ? -7.492  -11.786 -0.858  1.00 37.59  ? 64   ALA A O   1 
ATOM   465  C CB  . ALA A 1 69  ? -5.802  -11.809 1.581   1.00 23.32  ? 64   ALA A CB  1 
ATOM   466  N N   . ASN A 1 70  ? -5.562  -12.375 -1.837  1.00 39.76  ? 65   ASN A N   1 
ATOM   467  C CA  . ASN A 1 70  ? -6.277  -13.066 -2.906  1.00 47.63  ? 65   ASN A CA  1 
ATOM   468  C C   . ASN A 1 70  ? -7.073  -12.067 -3.741  1.00 59.25  ? 65   ASN A C   1 
ATOM   469  O O   . ASN A 1 70  ? -8.142  -12.382 -4.271  1.00 59.81  ? 65   ASN A O   1 
ATOM   470  C CB  . ASN A 1 70  ? -7.189  -14.144 -2.326  1.00 48.36  ? 65   ASN A CB  1 
ATOM   471  C CG  . ASN A 1 70  ? -6.450  -15.282 -1.657  1.00 53.09  ? 65   ASN A CG  1 
ATOM   472  O OD1 . ASN A 1 70  ? -5.450  -15.773 -2.179  1.00 57.31  ? 65   ASN A OD1 1 
ATOM   473  N ND2 . ASN A 1 70  ? -6.928  -15.723 -0.496  1.00 54.83  ? 65   ASN A ND2 1 
ATOM   474  N N   . VAL A 1 71  ? -6.560  -10.840 -3.868  1.00 46.28  ? 66   VAL A N   1 
ATOM   475  C CA  . VAL A 1 71  ? -7.204  -9.879  -4.769  1.00 31.34  ? 66   VAL A CA  1 
ATOM   476  C C   . VAL A 1 71  ? -6.366  -9.824  -6.032  1.00 27.90  ? 66   VAL A C   1 
ATOM   477  O O   . VAL A 1 71  ? -5.189  -9.489  -6.002  1.00 18.38  ? 66   VAL A O   1 
ATOM   478  C CB  . VAL A 1 71  ? -7.365  -8.491  -4.142  1.00 32.84  ? 66   VAL A CB  1 
ATOM   479  C CG1 . VAL A 1 71  ? -7.807  -7.444  -5.154  1.00 15.57  ? 66   VAL A CG1 1 
ATOM   480  C CG2 . VAL A 1 71  ? -8.360  -8.599  -2.988  1.00 24.02  ? 66   VAL A CG2 1 
ATOM   481  N N   . VAL A 1 72  ? -6.965  -10.200 -7.160  1.00 26.84  ? 67   VAL A N   1 
ATOM   482  C CA  . VAL A 1 72  ? -6.140  -10.209 -8.367  1.00 29.43  ? 67   VAL A CA  1 
ATOM   483  C C   . VAL A 1 72  ? -5.827  -8.758  -8.696  1.00 26.00  ? 67   VAL A C   1 
ATOM   484  O O   . VAL A 1 72  ? -6.687  -7.879  -8.685  1.00 35.90  ? 67   VAL A O   1 
ATOM   485  C CB  . VAL A 1 72  ? -6.799  -10.916 -9.559  1.00 32.51  ? 67   VAL A CB  1 
ATOM   486  C CG1 . VAL A 1 72  ? -7.715  -12.029 -9.076  1.00 24.73  ? 67   VAL A CG1 1 
ATOM   487  C CG2 . VAL A 1 72  ? -7.585  -9.931  -10.407 1.00 29.09  ? 67   VAL A CG2 1 
ATOM   488  N N   . LEU A 1 73  ? -4.558  -8.543  -8.955  1.00 27.55  ? 68   LEU A N   1 
ATOM   489  C CA  . LEU A 1 73  ? -4.050  -7.262  -9.415  1.00 31.18  ? 68   LEU A CA  1 
ATOM   490  C C   . LEU A 1 73  ? -3.790  -7.405  -10.919 1.00 33.85  ? 68   LEU A C   1 
ATOM   491  O O   . LEU A 1 73  ? -3.230  -8.409  -11.349 1.00 35.06  ? 68   LEU A O   1 
ATOM   492  C CB  . LEU A 1 73  ? -2.786  -6.828  -8.691  1.00 34.20  ? 68   LEU A CB  1 
ATOM   493  C CG  . LEU A 1 73  ? -2.868  -6.712  -7.166  1.00 34.59  ? 68   LEU A CG  1 
ATOM   494  C CD1 . LEU A 1 73  ? -1.478  -6.690  -6.550  1.00 41.19  ? 68   LEU A CD1 1 
ATOM   495  C CD2 . LEU A 1 73  ? -3.650  -5.473  -6.762  1.00 53.34  ? 68   LEU A CD2 1 
ATOM   496  N N   . THR A 1 74  ? -4.242  -6.394  -11.630 1.00 27.63  ? 69   THR A N   1 
ATOM   497  C CA  . THR A 1 74  ? -4.126  -6.321  -13.077 1.00 22.61  ? 69   THR A CA  1 
ATOM   498  C C   . THR A 1 74  ? -2.738  -5.831  -13.424 1.00 25.65  ? 69   THR A C   1 
ATOM   499  O O   . THR A 1 74  ? -2.057  -5.250  -12.573 1.00 30.27  ? 69   THR A O   1 
ATOM   500  C CB  . THR A 1 74  ? -5.204  -5.366  -13.598 1.00 26.51  ? 69   THR A CB  1 
ATOM   501  O OG1 . THR A 1 74  ? -4.964  -4.084  -12.997 1.00 32.86  ? 69   THR A OG1 1 
ATOM   502  C CG2 . THR A 1 74  ? -6.585  -5.819  -13.125 1.00 28.15  ? 69   THR A CG2 1 
ATOM   503  N N   . GLN A 1 75  ? -2.333  -6.051  -14.669 1.00 30.01  ? 70   GLN A N   1 
ATOM   504  C CA  . GLN A 1 75  ? -1.044  -5.500  -15.101 1.00 43.97  ? 70   GLN A CA  1 
ATOM   505  C C   . GLN A 1 75  ? -1.005  -3.986  -14.970 1.00 36.31  ? 70   GLN A C   1 
ATOM   506  O O   . GLN A 1 75  ? 0.049   -3.374  -14.827 1.00 27.05  ? 70   GLN A O   1 
ATOM   507  C CB  . GLN A 1 75  ? -0.763  -5.902  -16.552 1.00 59.38  ? 70   GLN A CB  1 
ATOM   508  C CG  . GLN A 1 75  ? -0.167  -4.792  -17.402 1.00 67.36  ? 70   GLN A CG  1 
ATOM   509  C CD  . GLN A 1 75  ? 1.348   -4.757  -17.331 1.00 72.02  ? 70   GLN A CD  1 
ATOM   510  O OE1 . GLN A 1 75  ? 1.927   -3.831  -16.759 1.00 77.23  ? 70   GLN A OE1 1 
ATOM   511  N NE2 . GLN A 1 75  ? 1.967   -5.777  -17.916 1.00 78.95  ? 70   GLN A NE2 1 
ATOM   512  N N   . GLU A 1 76  ? -2.187  -3.364  -15.052 1.00 36.63  ? 71   GLU A N   1 
ATOM   513  C CA  . GLU A 1 76  ? -2.194  -1.914  -14.893 1.00 36.76  ? 71   GLU A CA  1 
ATOM   514  C C   . GLU A 1 76  ? -1.891  -1.611  -13.429 1.00 32.89  ? 71   GLU A C   1 
ATOM   515  O O   . GLU A 1 76  ? -1.114  -0.694  -13.142 1.00 30.28  ? 71   GLU A O   1 
ATOM   516  C CB  . GLU A 1 76  ? -3.516  -1.308  -15.334 1.00 44.42  ? 71   GLU A CB  1 
ATOM   517  C CG  . GLU A 1 76  ? -4.762  -1.950  -14.783 1.00 54.92  ? 71   GLU A CG  1 
ATOM   518  C CD  . GLU A 1 76  ? -5.938  -1.043  -14.498 1.00 62.82  ? 71   GLU A CD  1 
ATOM   519  O OE1 . GLU A 1 76  ? -6.301  -0.216  -15.365 1.00 91.23  ? 71   GLU A OE1 1 
ATOM   520  O OE2 . GLU A 1 76  ? -6.535  -1.144  -13.400 1.00 79.86  ? 71   GLU A OE2 1 
ATOM   521  N N   . ASP A 1 77  ? -2.491  -2.399  -12.524 1.00 26.96  ? 72   ASP A N   1 
ATOM   522  C CA  . ASP A 1 77  ? -2.215  -2.117  -11.105 1.00 30.29  ? 72   ASP A CA  1 
ATOM   523  C C   . ASP A 1 77  ? -0.715  -2.211  -10.828 1.00 27.89  ? 72   ASP A C   1 
ATOM   524  O O   . ASP A 1 77  ? -0.082  -1.254  -10.397 1.00 45.94  ? 72   ASP A O   1 
ATOM   525  C CB  . ASP A 1 77  ? -2.961  -3.069  -10.191 1.00 32.63  ? 72   ASP A CB  1 
ATOM   526  C CG  . ASP A 1 77  ? -4.460  -2.978  -10.324 1.00 34.29  ? 72   ASP A CG  1 
ATOM   527  O OD1 . ASP A 1 77  ? -5.010  -1.888  -10.546 1.00 36.88  ? 72   ASP A OD1 1 
ATOM   528  O OD2 . ASP A 1 77  ? -5.085  -4.042  -10.209 1.00 30.65  ? 72   ASP A OD2 1 
ATOM   529  N N   . THR A 1 78  ? -0.238  -3.400  -11.119 1.00 39.55  ? 73   THR A N   1 
ATOM   530  C CA  . THR A 1 78  ? 1.140   -3.848  -11.158 1.00 39.54  ? 73   THR A CA  1 
ATOM   531  C C   . THR A 1 78  ? 2.071   -2.778  -11.685 1.00 36.82  ? 73   THR A C   1 
ATOM   532  O O   . THR A 1 78  ? 3.088   -2.400  -11.097 1.00 31.48  ? 73   THR A O   1 
ATOM   533  C CB  . THR A 1 78  ? 1.175   -5.103  -12.068 1.00 36.20  ? 73   THR A CB  1 
ATOM   534  O OG1 . THR A 1 78  ? 0.779   -6.223  -11.262 1.00 45.30  ? 73   THR A OG1 1 
ATOM   535  C CG2 . THR A 1 78  ? 2.553   -5.372  -12.626 1.00 47.27  ? 73   THR A CG2 1 
ATOM   536  N N   . ALA A 1 79  ? 1.714   -2.267  -12.867 1.00 38.77  ? 74   ALA A N   1 
ATOM   537  C CA  . ALA A 1 79  ? 2.532   -1.204  -13.455 1.00 42.62  ? 74   ALA A CA  1 
ATOM   538  C C   . ALA A 1 79  ? 2.591   -0.027  -12.495 1.00 41.57  ? 74   ALA A C   1 
ATOM   539  O O   . ALA A 1 79  ? 3.596   0.665   -12.354 1.00 36.97  ? 74   ALA A O   1 
ATOM   540  C CB  . ALA A 1 79  ? 1.977   -0.776  -14.803 1.00 45.13  ? 74   ALA A CB  1 
ATOM   541  N N   . LYS A 1 80  ? 1.458   0.196   -11.814 1.00 30.36  ? 75   LYS A N   1 
ATOM   542  C CA  . LYS A 1 80  ? 1.472   1.353   -10.905 1.00 38.66  ? 75   LYS A CA  1 
ATOM   543  C C   . LYS A 1 80  ? 2.511   1.127   -9.820  1.00 40.51  ? 75   LYS A C   1 
ATOM   544  O O   . LYS A 1 80  ? 3.384   1.950   -9.552  1.00 37.26  ? 75   LYS A O   1 
ATOM   545  C CB  . LYS A 1 80  ? 0.067   1.577   -10.357 1.00 32.95  ? 75   LYS A CB  1 
ATOM   546  C CG  . LYS A 1 80  ? -0.796  2.383   -11.331 1.00 37.67  ? 75   LYS A CG  1 
ATOM   547  C CD  . LYS A 1 80  ? -2.171  1.751   -11.480 1.00 52.91  ? 75   LYS A CD  1 
ATOM   548  C CE  . LYS A 1 80  ? -3.188  2.725   -12.051 1.00 62.31  ? 75   LYS A CE  1 
ATOM   549  N NZ  . LYS A 1 80  ? -4.505  2.654   -11.356 1.00 65.08  ? 75   LYS A NZ  1 
ATOM   550  N N   . LEU A 1 81  ? 2.406   -0.055  -9.215  1.00 42.32  ? 76   LEU A N   1 
ATOM   551  C CA  . LEU A 1 81  ? 3.357   -0.402  -8.167  1.00 43.17  ? 76   LEU A CA  1 
ATOM   552  C C   . LEU A 1 81  ? 4.782   -0.309  -8.689  1.00 49.42  ? 76   LEU A C   1 
ATOM   553  O O   . LEU A 1 81  ? 5.617   0.332   -8.043  1.00 56.52  ? 76   LEU A O   1 
ATOM   554  C CB  . LEU A 1 81  ? 3.031   -1.796  -7.624  1.00 34.56  ? 76   LEU A CB  1 
ATOM   555  C CG  . LEU A 1 81  ? 1.654   -1.929  -6.962  1.00 28.92  ? 76   LEU A CG  1 
ATOM   556  C CD1 . LEU A 1 81  ? 1.457   -3.339  -6.429  1.00 19.89  ? 76   LEU A CD1 1 
ATOM   557  C CD2 . LEU A 1 81  ? 1.494   -0.909  -5.844  1.00 26.12  ? 76   LEU A CD2 1 
ATOM   558  N N   . LEU A 1 82  ? 5.058   -0.912  -9.842  1.00 50.78  ? 77   LEU A N   1 
ATOM   559  C CA  . LEU A 1 82  ? 6.426   -0.907  -10.365 1.00 53.62  ? 77   LEU A CA  1 
ATOM   560  C C   . LEU A 1 82  ? 7.004   0.499   -10.472 1.00 44.42  ? 77   LEU A C   1 
ATOM   561  O O   . LEU A 1 82  ? 8.196   0.704   -10.235 1.00 44.51  ? 77   LEU A O   1 
ATOM   562  C CB  . LEU A 1 82  ? 6.496   -1.586  -11.733 1.00 57.87  ? 77   LEU A CB  1 
ATOM   563  C CG  . LEU A 1 82  ? 7.810   -2.302  -12.052 1.00 54.55  ? 77   LEU A CG  1 
ATOM   564  C CD1 . LEU A 1 82  ? 7.670   -3.794  -11.800 1.00 58.65  ? 77   LEU A CD1 1 
ATOM   565  C CD2 . LEU A 1 82  ? 8.234   -2.019  -13.486 1.00 39.56  ? 77   LEU A CD2 1 
ATOM   566  N N   . GLN A 1 83  ? 6.154   1.456   -10.814 1.00 49.29  ? 78   GLN A N   1 
ATOM   567  C CA  . GLN A 1 83  ? 6.536   2.866   -10.828 1.00 62.96  ? 78   GLN A CA  1 
ATOM   568  C C   . GLN A 1 83  ? 6.985   3.344   -9.446  1.00 65.58  ? 78   GLN A C   1 
ATOM   569  O O   . GLN A 1 83  ? 7.937   4.130   -9.369  1.00 45.36  ? 78   GLN A O   1 
ATOM   570  C CB  . GLN A 1 83  ? 5.374   3.713   -11.359 1.00 70.29  ? 78   GLN A CB  1 
ATOM   571  C CG  . GLN A 1 83  ? 5.313   3.686   -12.887 1.00 82.55  ? 78   GLN A CG  1 
ATOM   572  C CD  . GLN A 1 83  ? 6.576   3.083   -13.478 1.00 91.44  ? 78   GLN A CD  1 
ATOM   573  O OE1 . GLN A 1 83  ? 7.609   3.751   -13.571 1.00 99.16  ? 78   GLN A OE1 1 
ATOM   574  N NE2 . GLN A 1 83  ? 6.501   1.815   -13.875 1.00 82.95  ? 78   GLN A NE2 1 
ATOM   575  N N   . SER A 1 84  ? 6.317   2.863   -8.401  1.00 64.52  ? 79   SER A N   1 
ATOM   576  C CA  . SER A 1 84  ? 6.678   3.131   -7.008  1.00 51.77  ? 79   SER A CA  1 
ATOM   577  C C   . SER A 1 84  ? 8.043   2.504   -6.720  1.00 46.87  ? 79   SER A C   1 
ATOM   578  O O   . SER A 1 84  ? 8.944   3.203   -6.237  1.00 53.09  ? 79   SER A O   1 
ATOM   579  C CB  . SER A 1 84  ? 5.601   2.642   -6.043  1.00 43.23  ? 79   SER A CB  1 
ATOM   580  O OG  . SER A 1 84  ? 6.122   1.837   -4.991  1.00 40.97  ? 79   SER A OG  1 
ATOM   581  N N   . THR A 1 85  ? 8.210   1.221   -7.031  1.00 39.60  ? 80   THR A N   1 
ATOM   582  C CA  . THR A 1 85  ? 9.497   0.552   -6.826  1.00 43.62  ? 80   THR A CA  1 
ATOM   583  C C   . THR A 1 85  ? 10.611  1.349   -7.505  1.00 33.14  ? 80   THR A C   1 
ATOM   584  O O   . THR A 1 85  ? 11.695  1.522   -6.952  1.00 50.28  ? 80   THR A O   1 
ATOM   585  C CB  . THR A 1 85  ? 9.517   -0.895  -7.352  1.00 49.09  ? 80   THR A CB  1 
ATOM   586  O OG1 . THR A 1 85  ? 8.612   -1.710  -6.595  1.00 64.51  ? 80   THR A OG1 1 
ATOM   587  C CG2 . THR A 1 85  ? 10.902  -1.525  -7.190  1.00 38.03  ? 80   THR A CG2 1 
ATOM   588  N N   . VAL A 1 86  ? 10.312  1.836   -8.699  1.00 31.83  ? 81   VAL A N   1 
ATOM   589  C CA  . VAL A 1 86  ? 11.278  2.572   -9.507  1.00 35.38  ? 81   VAL A CA  1 
ATOM   590  C C   . VAL A 1 86  ? 11.429  4.011   -9.044  1.00 40.79  ? 81   VAL A C   1 
ATOM   591  O O   . VAL A 1 86  ? 12.529  4.545   -8.897  1.00 58.26  ? 81   VAL A O   1 
ATOM   592  C CB  . VAL A 1 86  ? 10.824  2.530   -10.982 1.00 43.43  ? 81   VAL A CB  1 
ATOM   593  C CG1 . VAL A 1 86  ? 11.629  3.496   -11.828 1.00 39.38  ? 81   VAL A CG1 1 
ATOM   594  C CG2 . VAL A 1 86  ? 10.921  1.095   -11.488 1.00 43.21  ? 81   VAL A CG2 1 
ATOM   595  N N   . LYS A 1 87  ? 10.300  4.676   -8.792  1.00 42.91  ? 82   LYS A N   1 
ATOM   596  C CA  . LYS A 1 87  ? 10.358  6.065   -8.335  1.00 51.77  ? 82   LYS A CA  1 
ATOM   597  C C   . LYS A 1 87  ? 11.106  6.140   -7.005  1.00 63.47  ? 82   LYS A C   1 
ATOM   598  O O   . LYS A 1 87  ? 11.775  7.127   -6.707  1.00 53.82  ? 82   LYS A O   1 
ATOM   599  C CB  . LYS A 1 87  ? 8.948   6.633   -8.207  1.00 54.58  ? 82   LYS A CB  1 
ATOM   600  C CG  . LYS A 1 87  ? 8.837   7.977   -7.514  1.00 54.75  ? 82   LYS A CG  1 
ATOM   601  C CD  . LYS A 1 87  ? 7.635   8.762   -8.022  1.00 61.57  ? 82   LYS A CD  1 
ATOM   602  C CE  . LYS A 1 87  ? 6.889   9.466   -6.903  1.00 68.86  ? 82   LYS A CE  1 
ATOM   603  N NZ  . LYS A 1 87  ? 6.468   10.851  -7.259  1.00 72.27  ? 82   LYS A NZ  1 
ATOM   604  N N   . HIS A 1 88  ? 10.959  5.064   -6.243  1.00 74.94  ? 83   HIS A N   1 
ATOM   605  C CA  . HIS A 1 88  ? 11.444  4.896   -4.886  1.00 69.80  ? 83   HIS A CA  1 
ATOM   606  C C   . HIS A 1 88  ? 12.736  4.095   -4.801  1.00 67.71  ? 83   HIS A C   1 
ATOM   607  O O   . HIS A 1 88  ? 13.372  4.078   -3.744  1.00 66.85  ? 83   HIS A O   1 
ATOM   608  C CB  . HIS A 1 88  ? 10.358  4.206   -4.041  1.00 70.64  ? 83   HIS A CB  1 
ATOM   609  C CG  . HIS A 1 88  ? 9.187   5.109   -3.793  1.00 70.77  ? 83   HIS A CG  1 
ATOM   610  N ND1 . HIS A 1 88  ? 9.339   6.383   -3.285  1.00 72.35  ? 83   HIS A ND1 1 
ATOM   611  C CD2 . HIS A 1 88  ? 7.859   4.946   -3.980  1.00 69.23  ? 83   HIS A CD2 1 
ATOM   612  C CE1 . HIS A 1 88  ? 8.160   6.965   -3.166  1.00 68.89  ? 83   HIS A CE1 1 
ATOM   613  N NE2 . HIS A 1 88  ? 7.246   6.110   -3.582  1.00 70.81  ? 83   HIS A NE2 1 
ATOM   614  N N   . ASN A 1 89  ? 13.103  3.450   -5.903  1.00 68.19  ? 84   ASN A N   1 
ATOM   615  C CA  . ASN A 1 89  ? 14.343  2.676   -5.972  1.00 64.33  ? 84   ASN A CA  1 
ATOM   616  C C   . ASN A 1 89  ? 14.226  1.395   -5.166  1.00 52.96  ? 84   ASN A C   1 
ATOM   617  O O   . ASN A 1 89  ? 15.188  0.668   -4.916  1.00 50.08  ? 84   ASN A O   1 
ATOM   618  C CB  . ASN A 1 89  ? 15.498  3.543   -5.474  1.00 77.94  ? 84   ASN A CB  1 
ATOM   619  C CG  . ASN A 1 89  ? 16.845  2.852   -5.458  1.00 83.84  ? 84   ASN A CG  1 
ATOM   620  O OD1 . ASN A 1 89  ? 17.079  1.901   -6.209  1.00 65.07  ? 84   ASN A OD1 1 
ATOM   621  N ND2 . ASN A 1 89  ? 17.731  3.330   -4.589  1.00 98.50  ? 84   ASN A ND2 1 
ATOM   622  N N   . LEU A 1 90  ? 13.004  1.090   -4.720  1.00 39.75  ? 85   LEU A N   1 
ATOM   623  C CA  . LEU A 1 90  ? 12.858  -0.020  -3.791  1.00 37.92  ? 85   LEU A CA  1 
ATOM   624  C C   . LEU A 1 90  ? 11.576  -0.800  -4.047  1.00 47.17  ? 85   LEU A C   1 
ATOM   625  O O   . LEU A 1 90  ? 10.513  -0.217  -4.249  1.00 38.32  ? 85   LEU A O   1 
ATOM   626  C CB  . LEU A 1 90  ? 12.857  0.476   -2.340  1.00 50.37  ? 85   LEU A CB  1 
ATOM   627  C CG  . LEU A 1 90  ? 12.963  -0.639  -1.294  1.00 56.88  ? 85   LEU A CG  1 
ATOM   628  C CD1 . LEU A 1 90  ? 13.891  -0.226  -0.161  1.00 83.79  ? 85   LEU A CD1 1 
ATOM   629  C CD2 . LEU A 1 90  ? 11.591  -1.015  -0.759  1.00 45.69  ? 85   LEU A CD2 1 
ATOM   630  N N   . ASN A 1 91  ? 11.759  -2.117  -4.016  1.00 52.74  ? 86   ASN A N   1 
ATOM   631  C CA  . ASN A 1 91  ? 10.692  -3.065  -4.279  1.00 48.17  ? 86   ASN A CA  1 
ATOM   632  C C   . ASN A 1 91  ? 10.072  -3.563  -2.979  1.00 33.76  ? 86   ASN A C   1 
ATOM   633  O O   . ASN A 1 91  ? 10.661  -4.294  -2.195  1.00 25.67  ? 86   ASN A O   1 
ATOM   634  C CB  . ASN A 1 91  ? 11.226  -4.230  -5.114  1.00 56.04  ? 86   ASN A CB  1 
ATOM   635  C CG  . ASN A 1 91  ? 10.110  -5.221  -5.403  1.00 63.55  ? 86   ASN A CG  1 
ATOM   636  O OD1 . ASN A 1 91  ? 8.930   -4.871  -5.300  1.00 48.43  ? 86   ASN A OD1 1 
ATOM   637  N ND2 . ASN A 1 91  ? 10.508  -6.437  -5.760  1.00 84.84  ? 86   ASN A ND2 1 
ATOM   638  N N   . ASN A 1 92  ? 8.833   -3.145  -2.737  1.00 31.64  ? 87   ASN A N   1 
ATOM   639  C CA  . ASN A 1 92  ? 8.218   -3.412  -1.440  1.00 29.35  ? 87   ASN A CA  1 
ATOM   640  C C   . ASN A 1 92  ? 7.352   -4.657  -1.451  1.00 25.18  ? 87   ASN A C   1 
ATOM   641  O O   . ASN A 1 92  ? 6.903   -5.167  -0.425  1.00 27.84  ? 87   ASN A O   1 
ATOM   642  C CB  . ASN A 1 92  ? 7.424   -2.149  -1.073  1.00 30.88  ? 87   ASN A CB  1 
ATOM   643  C CG  . ASN A 1 92  ? 7.121   -2.092  0.415   1.00 26.09  ? 87   ASN A CG  1 
ATOM   644  O OD1 . ASN A 1 92  ? 7.935   -2.494  1.243   1.00 23.54  ? 87   ASN A OD1 1 
ATOM   645  N ND2 . ASN A 1 92  ? 5.933   -1.588  0.736   1.00 20.72  ? 87   ASN A ND2 1 
ATOM   646  N N   . TYR A 1 93  ? 7.088   -5.176  -2.653  1.00 31.05  ? 88   TYR A N   1 
ATOM   647  C CA  . TYR A 1 93  ? 6.062   -6.194  -2.822  1.00 22.12  ? 88   TYR A CA  1 
ATOM   648  C C   . TYR A 1 93  ? 6.572   -7.544  -3.283  1.00 33.02  ? 88   TYR A C   1 
ATOM   649  O O   . TYR A 1 93  ? 7.488   -7.671  -4.088  1.00 28.34  ? 88   TYR A O   1 
ATOM   650  C CB  . TYR A 1 93  ? 5.048   -5.664  -3.852  1.00 20.60  ? 88   TYR A CB  1 
ATOM   651  C CG  . TYR A 1 93  ? 4.594   -4.274  -3.429  1.00 23.18  ? 88   TYR A CG  1 
ATOM   652  C CD1 . TYR A 1 93  ? 3.749   -4.148  -2.328  1.00 23.36  ? 88   TYR A CD1 1 
ATOM   653  C CD2 . TYR A 1 93  ? 5.002   -3.135  -4.101  1.00 24.68  ? 88   TYR A CD2 1 
ATOM   654  C CE1 . TYR A 1 93  ? 3.331   -2.889  -1.928  1.00 32.79  ? 88   TYR A CE1 1 
ATOM   655  C CE2 . TYR A 1 93  ? 4.582   -1.871  -3.707  1.00 29.98  ? 88   TYR A CE2 1 
ATOM   656  C CZ  . TYR A 1 93  ? 3.743   -1.765  -2.612  1.00 30.95  ? 88   TYR A CZ  1 
ATOM   657  O OH  . TYR A 1 93  ? 3.314   -0.527  -2.188  1.00 26.36  ? 88   TYR A OH  1 
ATOM   658  N N   . ASP A 1 94  ? 5.915   -8.561  -2.738  1.00 32.15  ? 89   ASP A N   1 
ATOM   659  C CA  . ASP A 1 94  ? 6.126   -9.921  -3.197  1.00 33.58  ? 89   ASP A CA  1 
ATOM   660  C C   . ASP A 1 94  ? 4.872   -10.325 -3.971  1.00 24.46  ? 89   ASP A C   1 
ATOM   661  O O   . ASP A 1 94  ? 3.890   -10.744 -3.364  1.00 25.40  ? 89   ASP A O   1 
ATOM   662  C CB  . ASP A 1 94  ? 6.406   -10.901 -2.061  1.00 36.74  ? 89   ASP A CB  1 
ATOM   663  C CG  . ASP A 1 94  ? 7.664   -10.556 -1.294  1.00 35.70  ? 89   ASP A CG  1 
ATOM   664  O OD1 . ASP A 1 94  ? 8.678   -10.234 -1.948  1.00 62.41  ? 89   ASP A OD1 1 
ATOM   665  O OD2 . ASP A 1 94  ? 7.665   -10.592 -0.044  1.00 45.67  ? 89   ASP A OD2 1 
ATOM   666  N N   . LEU A 1 95  ? 4.947   -10.173 -5.288  1.00 23.01  ? 90   LEU A N   1 
ATOM   667  C CA  . LEU A 1 95  ? 3.777   -10.452 -6.125  1.00 30.40  ? 90   LEU A CA  1 
ATOM   668  C C   . LEU A 1 95  ? 3.837   -11.781 -6.851  1.00 29.72  ? 90   LEU A C   1 
ATOM   669  O O   . LEU A 1 95  ? 4.827   -12.162 -7.482  1.00 32.89  ? 90   LEU A O   1 
ATOM   670  C CB  . LEU A 1 95  ? 3.651   -9.335  -7.166  1.00 30.82  ? 90   LEU A CB  1 
ATOM   671  C CG  . LEU A 1 95  ? 3.140   -7.995  -6.629  1.00 28.46  ? 90   LEU A CG  1 
ATOM   672  C CD1 . LEU A 1 95  ? 3.699   -6.863  -7.473  1.00 29.29  ? 90   LEU A CD1 1 
ATOM   673  C CD2 . LEU A 1 95  ? 1.627   -8.009  -6.594  1.00 20.52  ? 90   LEU A CD2 1 
ATOM   674  N N   . ARG A 1 96  ? 2.747   -12.556 -6.795  1.00 26.89  ? 91   ARG A N   1 
ATOM   675  C CA  . ARG A 1 96  ? 2.898   -13.836 -7.500  1.00 32.39  ? 91   ARG A CA  1 
ATOM   676  C C   . ARG A 1 96  ? 2.223   -13.736 -8.863  1.00 44.36  ? 91   ARG A C   1 
ATOM   677  O O   . ARG A 1 96  ? 1.040   -13.399 -8.891  1.00 37.33  ? 91   ARG A O   1 
ATOM   678  C CB  . ARG A 1 96  ? 2.313   -14.983 -6.695  1.00 41.51  ? 91   ARG A CB  1 
ATOM   679  C CG  . ARG A 1 96  ? 1.690   -16.073 -7.560  1.00 55.15  ? 91   ARG A CG  1 
ATOM   680  C CD  . ARG A 1 96  ? 0.868   -17.042 -6.728  1.00 73.97  ? 91   ARG A CD  1 
ATOM   681  N NE  . ARG A 1 96  ? -0.468  -16.546 -6.425  1.00 92.11  ? 91   ARG A NE  1 
ATOM   682  C CZ  . ARG A 1 96  ? -1.094  -16.629 -5.260  1.00 100.40 ? 91   ARG A CZ  1 
ATOM   683  N NH1 . ARG A 1 96  ? -0.514  -17.206 -4.214  1.00 108.53 ? 91   ARG A NH1 1 
ATOM   684  N NH2 . ARG A 1 96  ? -2.319  -16.130 -5.128  1.00 99.79  ? 91   ARG A NH2 1 
ATOM   685  N N   . SER A 1 97  ? 2.942   -14.021 -9.936  1.00 44.22  ? 92   SER A N   1 
ATOM   686  C CA  . SER A 1 97  ? 2.392   -14.010 -11.288 1.00 40.57  ? 92   SER A CA  1 
ATOM   687  C C   . SER A 1 97  ? 1.223   -14.961 -11.444 1.00 30.79  ? 92   SER A C   1 
ATOM   688  O O   . SER A 1 97  ? 1.301   -16.184 -11.401 1.00 48.83  ? 92   SER A O   1 
ATOM   689  C CB  . SER A 1 97  ? 3.474   -14.374 -12.314 1.00 45.81  ? 92   SER A CB  1 
ATOM   690  O OG  . SER A 1 97  ? 4.594   -13.510 -12.193 1.00 36.55  ? 92   SER A OG  1 
ATOM   691  N N   . VAL A 1 98  ? 0.033   -14.399 -11.636 1.00 41.58  ? 93   VAL A N   1 
ATOM   692  C CA  . VAL A 1 98  ? -1.135  -15.292 -11.682 1.00 46.17  ? 93   VAL A CA  1 
ATOM   693  C C   . VAL A 1 98  ? -1.605  -15.460 -13.120 1.00 47.32  ? 93   VAL A C   1 
ATOM   694  O O   . VAL A 1 98  ? -2.681  -15.977 -13.433 1.00 38.61  ? 93   VAL A O   1 
ATOM   695  C CB  . VAL A 1 98  ? -2.213  -14.744 -10.730 1.00 41.67  ? 93   VAL A CB  1 
ATOM   696  C CG1 . VAL A 1 98  ? -3.018  -13.643 -11.405 1.00 37.46  ? 93   VAL A CG1 1 
ATOM   697  C CG2 . VAL A 1 98  ? -3.126  -15.848 -10.218 1.00 43.57  ? 93   VAL A CG2 1 
ATOM   698  N N   . GLY A 1 99  ? -0.742  -15.005 -14.032 1.00 47.62  ? 94   GLY A N   1 
ATOM   699  C CA  . GLY A 1 99  ? -0.968  -15.142 -15.451 1.00 47.12  ? 94   GLY A CA  1 
ATOM   700  C C   . GLY A 1 99  ? -1.812  -14.068 -16.092 1.00 45.87  ? 94   GLY A C   1 
ATOM   701  O O   . GLY A 1 99  ? -2.780  -13.537 -15.534 1.00 49.99  ? 94   GLY A O   1 
ATOM   702  N N   . ASN A 1 100 ? -1.454  -13.754 -17.333 1.00 51.52  ? 95   ASN A N   1 
ATOM   703  C CA  . ASN A 1 100 ? -2.118  -12.748 -18.142 1.00 58.96  ? 95   ASN A CA  1 
ATOM   704  C C   . ASN A 1 100 ? -1.639  -11.364 -17.671 1.00 60.30  ? 95   ASN A C   1 
ATOM   705  O O   . ASN A 1 100 ? -2.409  -10.411 -17.789 1.00 45.42  ? 95   ASN A O   1 
ATOM   706  C CB  . ASN A 1 100 ? -3.637  -12.730 -18.083 1.00 49.89  ? 95   ASN A CB  1 
ATOM   707  C CG  . ASN A 1 100 ? -4.378  -14.037 -18.154 1.00 51.92  ? 95   ASN A CG  1 
ATOM   708  O OD1 . ASN A 1 100 ? -4.147  -14.882 -19.021 1.00 55.16  ? 95   ASN A OD1 1 
ATOM   709  N ND2 . ASN A 1 100 ? -5.300  -14.188 -17.205 1.00 39.69  ? 95   ASN A ND2 1 
ATOM   710  N N   . GLY A 1 101 ? -0.421  -11.327 -17.145 1.00 61.62  ? 96   GLY A N   1 
ATOM   711  C CA  . GLY A 1 101 ? 0.153   -10.102 -16.604 1.00 60.07  ? 96   GLY A CA  1 
ATOM   712  C C   . GLY A 1 101 ? -0.505  -9.720  -15.288 1.00 50.56  ? 96   GLY A C   1 
ATOM   713  O O   . GLY A 1 101 ? -0.225  -8.685  -14.690 1.00 56.11  ? 96   GLY A O   1 
ATOM   714  N N   . ASN A 1 102 ? -1.410  -10.560 -14.795 1.00 44.24  ? 97   ASN A N   1 
ATOM   715  C CA  . ASN A 1 102 ? -2.056  -10.238 -13.523 1.00 48.39  ? 97   ASN A CA  1 
ATOM   716  C C   . ASN A 1 102 ? -1.144  -10.661 -12.382 1.00 51.77  ? 97   ASN A C   1 
ATOM   717  O O   . ASN A 1 102 ? -0.105  -11.280 -12.624 1.00 69.63  ? 97   ASN A O   1 
ATOM   718  C CB  . ASN A 1 102 ? -3.421  -10.913 -13.429 1.00 33.97  ? 97   ASN A CB  1 
ATOM   719  C CG  . ASN A 1 102 ? -4.456  -10.182 -14.267 1.00 37.53  ? 97   ASN A CG  1 
ATOM   720  O OD1 . ASN A 1 102 ? -5.564  -10.683 -14.449 1.00 51.87  ? 97   ASN A OD1 1 
ATOM   721  N ND2 . ASN A 1 102 ? -4.096  -9.000  -14.757 1.00 34.00  ? 97   ASN A ND2 1 
ATOM   722  N N   . SER A 1 103 ? -1.535  -10.326 -11.160 1.00 49.71  ? 98   SER A N   1 
ATOM   723  C CA  . SER A 1 103 ? -0.727  -10.698 -10.004 1.00 40.41  ? 98   SER A CA  1 
ATOM   724  C C   . SER A 1 103 ? -1.606  -10.752 -8.752  1.00 33.39  ? 98   SER A C   1 
ATOM   725  O O   . SER A 1 103 ? -2.710  -10.211 -8.794  1.00 28.58  ? 98   SER A O   1 
ATOM   726  C CB  . SER A 1 103 ? 0.401   -9.704  -9.776  1.00 44.16  ? 98   SER A CB  1 
ATOM   727  O OG  . SER A 1 103 ? 1.359   -9.641  -10.801 1.00 37.01  ? 98   SER A OG  1 
ATOM   728  N N   . VAL A 1 104 ? -1.079  -11.383 -7.720  1.00 32.20  ? 99   VAL A N   1 
ATOM   729  C CA  . VAL A 1 104 ? -1.601  -11.392 -6.357  1.00 29.58  ? 99   VAL A CA  1 
ATOM   730  C C   . VAL A 1 104 ? -0.493  -10.951 -5.408  1.00 33.65  ? 99   VAL A C   1 
ATOM   731  O O   . VAL A 1 104 ? 0.675   -11.338 -5.540  1.00 28.33  ? 99   VAL A O   1 
ATOM   732  C CB  . VAL A 1 104 ? -2.187  -12.763 -6.006  1.00 41.41  ? 99   VAL A CB  1 
ATOM   733  C CG1 . VAL A 1 104 ? -2.708  -12.855 -4.582  1.00 38.10  ? 99   VAL A CG1 1 
ATOM   734  C CG2 . VAL A 1 104 ? -3.336  -13.067 -6.965  1.00 42.17  ? 99   VAL A CG2 1 
ATOM   735  N N   . LEU A 1 105 ? -0.840  -10.090 -4.446  1.00 35.38  ? 100  LEU A N   1 
ATOM   736  C CA  . LEU A 1 105 ? 0.162   -9.638  -3.476  1.00 24.48  ? 100  LEU A CA  1 
ATOM   737  C C   . LEU A 1 105 ? 0.253   -10.640 -2.330  1.00 18.94  ? 100  LEU A C   1 
ATOM   738  O O   . LEU A 1 105 ? -0.766  -10.825 -1.629  1.00 23.98  ? 100  LEU A O   1 
ATOM   739  C CB  . LEU A 1 105 ? -0.202  -8.251  -2.939  1.00 25.00  ? 100  LEU A CB  1 
ATOM   740  C CG  . LEU A 1 105 ? 0.799   -7.652  -1.944  1.00 28.68  ? 100  LEU A CG  1 
ATOM   741  C CD1 . LEU A 1 105 ? 2.173   -7.577  -2.598  1.00 18.30  ? 100  LEU A CD1 1 
ATOM   742  C CD2 . LEU A 1 105 ? 0.350   -6.292  -1.428  1.00 19.77  ? 100  LEU A CD2 1 
ATOM   743  N N   . VAL A 1 106 ? 1.403   -11.275 -2.121  1.00 30.61  ? 101  VAL A N   1 
ATOM   744  C CA  . VAL A 1 106 ? 1.447   -12.258 -1.021  1.00 28.37  ? 101  VAL A CA  1 
ATOM   745  C C   . VAL A 1 106 ? 2.169   -11.717 0.200   1.00 15.12  ? 101  VAL A C   1 
ATOM   746  O O   . VAL A 1 106 ? 1.957   -12.143 1.336   1.00 25.56  ? 101  VAL A O   1 
ATOM   747  C CB  . VAL A 1 106 ? 2.053   -13.609 -1.446  1.00 34.05  ? 101  VAL A CB  1 
ATOM   748  C CG1 . VAL A 1 106 ? 1.229   -14.192 -2.595  1.00 41.15  ? 101  VAL A CG1 1 
ATOM   749  C CG2 . VAL A 1 106 ? 3.512   -13.476 -1.829  1.00 32.51  ? 101  VAL A CG2 1 
ATOM   750  N N   . SER A 1 107 ? 3.048   -10.735 0.025   1.00 18.56  ? 102  SER A N   1 
ATOM   751  C CA  . SER A 1 107 ? 3.707   -10.233 1.231   1.00 17.33  ? 102  SER A CA  1 
ATOM   752  C C   . SER A 1 107 ? 4.430   -8.940  0.903   1.00 16.77  ? 102  SER A C   1 
ATOM   753  O O   . SER A 1 107 ? 4.666   -8.600  -0.254  1.00 20.28  ? 102  SER A O   1 
ATOM   754  C CB  . SER A 1 107 ? 4.661   -11.281 1.814   1.00 34.65  ? 102  SER A CB  1 
ATOM   755  O OG  . SER A 1 107 ? 5.759   -11.575 0.962   1.00 23.43  ? 102  SER A OG  1 
ATOM   756  N N   . LEU A 1 108 ? 4.778   -8.202  1.954   1.00 21.99  ? 103  LEU A N   1 
ATOM   757  C CA  . LEU A 1 108 ? 5.525   -6.965  1.748   1.00 20.17  ? 103  LEU A CA  1 
ATOM   758  C C   . LEU A 1 108 ? 6.993   -7.190  2.087   1.00 25.63  ? 103  LEU A C   1 
ATOM   759  O O   . LEU A 1 108 ? 7.361   -8.116  2.806   1.00 19.98  ? 103  LEU A O   1 
ATOM   760  C CB  . LEU A 1 108 ? 4.948   -5.837  2.599   1.00 22.68  ? 103  LEU A CB  1 
ATOM   761  C CG  . LEU A 1 108 ? 3.474   -5.498  2.383   1.00 22.11  ? 103  LEU A CG  1 
ATOM   762  C CD1 . LEU A 1 108 ? 3.004   -4.402  3.317   1.00 19.95  ? 103  LEU A CD1 1 
ATOM   763  C CD2 . LEU A 1 108 ? 3.217   -5.074  0.942   1.00 16.97  ? 103  LEU A CD2 1 
ATOM   764  N N   . ARG A 1 109 ? 7.859   -6.326  1.572   1.00 27.71  ? 104  ARG A N   1 
ATOM   765  C CA  . ARG A 1 109 ? 9.273   -6.454  1.921   1.00 28.49  ? 104  ARG A CA  1 
ATOM   766  C C   . ARG A 1 109 ? 9.694   -5.383  2.910   1.00 31.96  ? 104  ARG A C   1 
ATOM   767  O O   . ARG A 1 109 ? 10.866  -5.267  3.271   1.00 27.67  ? 104  ARG A O   1 
ATOM   768  C CB  . ARG A 1 109 ? 10.096  -6.420  0.619   1.00 18.68  ? 104  ARG A CB  1 
ATOM   769  C CG  . ARG A 1 109 ? 9.501   -7.343  -0.440  1.00 25.63  ? 104  ARG A CG  1 
ATOM   770  C CD  . ARG A 1 109 ? 10.580  -7.803  -1.403  1.00 35.24  ? 104  ARG A CD  1 
ATOM   771  N NE  . ARG A 1 109 ? 10.036  -8.201  -2.695  1.00 54.09  ? 104  ARG A NE  1 
ATOM   772  C CZ  . ARG A 1 109 ? 10.656  -9.041  -3.517  1.00 68.47  ? 104  ARG A CZ  1 
ATOM   773  N NH1 . ARG A 1 109 ? 11.826  -9.551  -3.149  1.00 103.54 ? 104  ARG A NH1 1 
ATOM   774  N NH2 . ARG A 1 109 ? 10.119  -9.372  -4.685  1.00 52.04  ? 104  ARG A NH2 1 
ATOM   775  N N   . SER A 1 110 ? 8.767   -4.553  3.409   1.00 18.86  ? 105  SER A N   1 
ATOM   776  C CA  . SER A 1 110 ? 9.129   -3.627  4.466   1.00 19.50  ? 105  SER A CA  1 
ATOM   777  C C   . SER A 1 110 ? 7.905   -3.423  5.373   1.00 23.88  ? 105  SER A C   1 
ATOM   778  O O   . SER A 1 110 ? 6.858   -3.989  5.053   1.00 16.67  ? 105  SER A O   1 
ATOM   779  C CB  . SER A 1 110 ? 9.621   -2.291  3.944   1.00 19.44  ? 105  SER A CB  1 
ATOM   780  O OG  . SER A 1 110 ? 8.516   -1.427  3.690   1.00 21.77  ? 105  SER A OG  1 
ATOM   781  N N   . ASP A 1 111 ? 8.077   -2.637  6.422   1.00 13.41  ? 106  ASP A N   1 
ATOM   782  C CA  . ASP A 1 111 ? 6.983   -2.237  7.303   1.00 20.67  ? 106  ASP A CA  1 
ATOM   783  C C   . ASP A 1 111 ? 6.480   -0.842  6.966   1.00 25.27  ? 106  ASP A C   1 
ATOM   784  O O   . ASP A 1 111 ? 5.910   -0.155  7.815   1.00 21.27  ? 106  ASP A O   1 
ATOM   785  C CB  . ASP A 1 111 ? 7.404   -2.306  8.773   1.00 15.39  ? 106  ASP A CB  1 
ATOM   786  C CG  . ASP A 1 111 ? 7.611   -3.747  9.216   1.00 20.56  ? 106  ASP A CG  1 
ATOM   787  O OD1 . ASP A 1 111 ? 6.822   -4.599  8.746   1.00 21.13  ? 106  ASP A OD1 1 
ATOM   788  O OD2 . ASP A 1 111 ? 8.526   -4.041  10.000  1.00 16.85  ? 106  ASP A OD2 1 
ATOM   789  N N   . GLN A 1 112 ? 6.671   -0.415  5.726   1.00 18.80  ? 107  GLN A N   1 
ATOM   790  C CA  . GLN A 1 112 ? 6.160   0.884   5.305   1.00 20.29  ? 107  GLN A CA  1 
ATOM   791  C C   . GLN A 1 112 ? 5.410   0.734   3.980   1.00 19.69  ? 107  GLN A C   1 
ATOM   792  O O   . GLN A 1 112 ? 5.744   -0.161  3.197   1.00 18.63  ? 107  GLN A O   1 
ATOM   793  C CB  . GLN A 1 112 ? 7.268   1.915   5.099   1.00 16.84  ? 107  GLN A CB  1 
ATOM   794  C CG  . GLN A 1 112 ? 8.122   2.218   6.335   1.00 13.51  ? 107  GLN A CG  1 
ATOM   795  C CD  . GLN A 1 112 ? 9.142   3.296   5.989   1.00 31.51  ? 107  GLN A CD  1 
ATOM   796  O OE1 . GLN A 1 112 ? 10.091  2.978   5.269   1.00 29.67  ? 107  GLN A OE1 1 
ATOM   797  N NE2 . GLN A 1 112 ? 8.944   4.518   6.464   1.00 21.85  ? 107  GLN A NE2 1 
ATOM   798  N N   . MET A 1 113 ? 4.452   1.610   3.755   1.00 17.31  ? 108  MET A N   1 
ATOM   799  C CA  . MET A 1 113 ? 3.700   1.667   2.502   1.00 17.60  ? 108  MET A CA  1 
ATOM   800  C C   . MET A 1 113 ? 3.185   3.081   2.268   1.00 13.95  ? 108  MET A C   1 
ATOM   801  O O   . MET A 1 113 ? 2.537   3.714   3.110   1.00 17.91  ? 108  MET A O   1 
ATOM   802  C CB  . MET A 1 113 ? 2.544   0.649   2.464   1.00 9.45   ? 108  MET A CB  1 
ATOM   803  C CG  . MET A 1 113 ? 1.747   0.696   1.165   1.00 9.89   ? 108  MET A CG  1 
ATOM   804  S SD  . MET A 1 113 ? 0.241   -0.306  1.160   1.00 20.76  ? 108  MET A SD  1 
ATOM   805  C CE  . MET A 1 113 ? 0.916   -1.901  1.596   1.00 15.46  ? 108  MET A CE  1 
ATOM   806  N N   . THR A 1 114 ? 3.480   3.621   1.087   1.00 17.98  ? 109  THR A N   1 
ATOM   807  C CA  . THR A 1 114 ? 3.020   4.956   0.741   1.00 20.01  ? 109  THR A CA  1 
ATOM   808  C C   . THR A 1 114 ? 1.514   4.910   0.527   1.00 15.49  ? 109  THR A C   1 
ATOM   809  O O   . THR A 1 114 ? 0.994   3.867   0.155   1.00 21.51  ? 109  THR A O   1 
ATOM   810  C CB  . THR A 1 114 ? 3.643   5.548   -0.534  1.00 26.56  ? 109  THR A CB  1 
ATOM   811  O OG1 . THR A 1 114 ? 3.239   4.769   -1.672  1.00 14.32  ? 109  THR A OG1 1 
ATOM   812  C CG2 . THR A 1 114 ? 5.163   5.510   -0.468  1.00 13.23  ? 109  THR A CG2 1 
ATOM   813  N N   . LEU A 1 115 ? 0.885   6.047   0.784   1.00 11.91  ? 110  LEU A N   1 
ATOM   814  C CA  . LEU A 1 115 ? -0.552  6.179   0.584   1.00 14.66  ? 110  LEU A CA  1 
ATOM   815  C C   . LEU A 1 115 ? -0.934  6.008   -0.873  1.00 18.99  ? 110  LEU A C   1 
ATOM   816  O O   . LEU A 1 115 ? -1.965  5.399   -1.167  1.00 17.75  ? 110  LEU A O   1 
ATOM   817  C CB  . LEU A 1 115 ? -0.978  7.563   1.087   1.00 11.31  ? 110  LEU A CB  1 
ATOM   818  C CG  . LEU A 1 115 ? -0.912  7.702   2.615   1.00 15.87  ? 110  LEU A CG  1 
ATOM   819  C CD1 . LEU A 1 115 ? -0.936  9.174   2.998   1.00 19.68  ? 110  LEU A CD1 1 
ATOM   820  C CD2 . LEU A 1 115 ? -2.062  6.961   3.277   1.00 12.23  ? 110  LEU A CD2 1 
ATOM   821  N N   . GLN A 1 116 ? -0.109  6.552   -1.785  1.00 19.95  ? 111  GLN A N   1 
ATOM   822  C CA  . GLN A 1 116 ? -0.433  6.371   -3.202  1.00 18.99  ? 111  GLN A CA  1 
ATOM   823  C C   . GLN A 1 116 ? -0.509  4.893   -3.548  1.00 22.11  ? 111  GLN A C   1 
ATOM   824  O O   . GLN A 1 116 ? -1.376  4.450   -4.302  1.00 31.30  ? 111  GLN A O   1 
ATOM   825  C CB  . GLN A 1 116 ? 0.613   7.023   -4.115  1.00 29.90  ? 111  GLN A CB  1 
ATOM   826  C CG  . GLN A 1 116 ? 2.038   6.883   -3.635  1.00 39.75  ? 111  GLN A CG  1 
ATOM   827  C CD  . GLN A 1 116 ? 3.011   7.945   -4.092  1.00 61.84  ? 111  GLN A CD  1 
ATOM   828  O OE1 . GLN A 1 116 ? 4.214   7.702   -4.268  1.00 45.75  ? 111  GLN A OE1 1 
ATOM   829  N NE2 . GLN A 1 116 ? 2.497   9.159   -4.285  1.00 89.81  ? 111  GLN A NE2 1 
ATOM   830  N N   . ASP A 1 117 ? 0.425   4.102   -3.012  1.00 21.96  ? 112  ASP A N   1 
ATOM   831  C CA  . ASP A 1 117 ? 0.400   2.666   -3.303  1.00 19.30  ? 112  ASP A CA  1 
ATOM   832  C C   . ASP A 1 117 ? -0.782  1.984   -2.632  1.00 21.05  ? 112  ASP A C   1 
ATOM   833  O O   . ASP A 1 117 ? -1.387  1.059   -3.183  1.00 19.61  ? 112  ASP A O   1 
ATOM   834  C CB  . ASP A 1 117 ? 1.675   1.976   -2.803  1.00 13.61  ? 112  ASP A CB  1 
ATOM   835  C CG  . ASP A 1 117 ? 2.787   2.133   -3.818  1.00 23.47  ? 112  ASP A CG  1 
ATOM   836  O OD1 . ASP A 1 117 ? 2.575   2.851   -4.810  1.00 28.97  ? 112  ASP A OD1 1 
ATOM   837  O OD2 . ASP A 1 117 ? 3.835   1.518   -3.582  1.00 28.48  ? 112  ASP A OD2 1 
ATOM   838  N N   . ALA A 1 118 ? -1.119  2.448   -1.420  1.00 18.92  ? 113  ALA A N   1 
ATOM   839  C CA  . ALA A 1 118 ? -2.241  1.816   -0.715  1.00 12.84  ? 113  ALA A CA  1 
ATOM   840  C C   . ALA A 1 118 ? -3.516  1.995   -1.514  1.00 12.42  ? 113  ALA A C   1 
ATOM   841  O O   . ALA A 1 118 ? -4.376  1.115   -1.577  1.00 19.53  ? 113  ALA A O   1 
ATOM   842  C CB  . ALA A 1 118 ? -2.378  2.362   0.702   1.00 8.12   ? 113  ALA A CB  1 
ATOM   843  N N   . LYS A 1 119 ? -3.624  3.172   -2.118  1.00 21.49  ? 114  LYS A N   1 
ATOM   844  C CA  . LYS A 1 119 ? -4.827  3.517   -2.885  1.00 12.33  ? 114  LYS A CA  1 
ATOM   845  C C   . LYS A 1 119 ? -4.989  2.538   -4.030  1.00 15.21  ? 114  LYS A C   1 
ATOM   846  O O   . LYS A 1 119 ? -6.066  1.970   -4.198  1.00 24.90  ? 114  LYS A O   1 
ATOM   847  C CB  . LYS A 1 119 ? -4.687  4.975   -3.311  1.00 17.00  ? 114  LYS A CB  1 
ATOM   848  C CG  . LYS A 1 119 ? -5.809  5.541   -4.154  1.00 24.36  ? 114  LYS A CG  1 
ATOM   849  C CD  . LYS A 1 119 ? -5.381  6.806   -4.894  1.00 33.36  ? 114  LYS A CD  1 
ATOM   850  C CE  . LYS A 1 119 ? -6.561  7.742   -5.120  1.00 32.34  ? 114  LYS A CE  1 
ATOM   851  N NZ  . LYS A 1 119 ? -7.605  7.105   -5.970  1.00 19.15  ? 114  LYS A NZ  1 
ATOM   852  N N   . VAL A 1 120 ? -3.924  2.311   -4.799  1.00 17.39  ? 115  VAL A N   1 
ATOM   853  C CA  . VAL A 1 120 ? -3.979  1.352   -5.898  1.00 16.67  ? 115  VAL A CA  1 
ATOM   854  C C   . VAL A 1 120 ? -4.496  0.014   -5.442  1.00 18.67  ? 115  VAL A C   1 
ATOM   855  O O   . VAL A 1 120 ? -5.408  -0.642  -5.964  1.00 23.81  ? 115  VAL A O   1 
ATOM   856  C CB  . VAL A 1 120 ? -2.569  1.156   -6.489  1.00 22.59  ? 115  VAL A CB  1 
ATOM   857  C CG1 . VAL A 1 120 ? -2.601  0.183   -7.658  1.00 29.22  ? 115  VAL A CG1 1 
ATOM   858  C CG2 . VAL A 1 120 ? -2.004  2.498   -6.907  1.00 23.32  ? 115  VAL A CG2 1 
ATOM   859  N N   . LEU A 1 121 ? -3.882  -0.470  -4.367  1.00 16.17  ? 116  LEU A N   1 
ATOM   860  C CA  . LEU A 1 121 ? -4.211  -1.803  -3.900  1.00 17.97  ? 116  LEU A CA  1 
ATOM   861  C C   . LEU A 1 121 ? -5.626  -1.898  -3.346  1.00 26.02  ? 116  LEU A C   1 
ATOM   862  O O   . LEU A 1 121 ? -6.326  -2.882  -3.571  1.00 22.21  ? 116  LEU A O   1 
ATOM   863  C CB  . LEU A 1 121 ? -3.239  -2.210  -2.784  1.00 26.92  ? 116  LEU A CB  1 
ATOM   864  C CG  . LEU A 1 121 ? -1.797  -2.470  -3.232  1.00 25.06  ? 116  LEU A CG  1 
ATOM   865  C CD1 . LEU A 1 121 ? -0.897  -2.582  -2.012  1.00 20.43  ? 116  LEU A CD1 1 
ATOM   866  C CD2 . LEU A 1 121 ? -1.766  -3.720  -4.091  1.00 20.40  ? 116  LEU A CD2 1 
ATOM   867  N N   . LEU A 1 122 ? -6.019  -0.861  -2.606  1.00 25.63  ? 117  LEU A N   1 
ATOM   868  C CA  . LEU A 1 122 ? -7.344  -0.826  -2.000  1.00 19.23  ? 117  LEU A CA  1 
ATOM   869  C C   . LEU A 1 122 ? -8.379  -0.716  -3.111  1.00 19.45  ? 117  LEU A C   1 
ATOM   870  O O   . LEU A 1 122 ? -9.505  -1.183  -2.998  1.00 23.49  ? 117  LEU A O   1 
ATOM   871  C CB  . LEU A 1 122 ? -7.434  0.328   -1.002  1.00 22.93  ? 117  LEU A CB  1 
ATOM   872  C CG  . LEU A 1 122 ? -6.611  0.153   0.282   1.00 29.06  ? 117  LEU A CG  1 
ATOM   873  C CD1 . LEU A 1 122 ? -6.737  1.344   1.209   1.00 18.50  ? 117  LEU A CD1 1 
ATOM   874  C CD2 . LEU A 1 122 ? -7.026  -1.102  1.038   1.00 10.94  ? 117  LEU A CD2 1 
ATOM   875  N N   . GLU A 1 123 ? -8.006  -0.103  -4.239  1.00 22.17  ? 118  GLU A N   1 
ATOM   876  C CA  . GLU A 1 123 ? -9.036  -0.008  -5.285  1.00 25.82  ? 118  GLU A CA  1 
ATOM   877  C C   . GLU A 1 123 ? -9.205  -1.311  -6.043  1.00 27.51  ? 118  GLU A C   1 
ATOM   878  O O   . GLU A 1 123 ? -10.316 -1.662  -6.462  1.00 35.12  ? 118  GLU A O   1 
ATOM   879  C CB  . GLU A 1 123 ? -8.686  1.179   -6.192  1.00 31.25  ? 118  GLU A CB  1 
ATOM   880  C CG  . GLU A 1 123 ? -9.315  2.442   -5.613  1.00 27.92  ? 118  GLU A CG  1 
ATOM   881  C CD  . GLU A 1 123 ? -8.728  3.701   -6.213  1.00 31.52  ? 118  GLU A CD  1 
ATOM   882  O OE1 . GLU A 1 123 ? -8.014  3.595   -7.234  1.00 32.67  ? 118  GLU A OE1 1 
ATOM   883  O OE2 . GLU A 1 123 ? -9.002  4.778   -5.639  1.00 31.94  ? 118  GLU A OE2 1 
ATOM   884  N N   . ALA A 1 124 ? -8.112  -2.055  -6.196  1.00 26.26  ? 119  ALA A N   1 
ATOM   885  C CA  . ALA A 1 124 ? -8.179  -3.403  -6.769  1.00 25.74  ? 119  ALA A CA  1 
ATOM   886  C C   . ALA A 1 124 ? -9.148  -4.219  -5.932  1.00 21.76  ? 119  ALA A C   1 
ATOM   887  O O   . ALA A 1 124 ? -10.006 -4.963  -6.400  1.00 28.31  ? 119  ALA A O   1 
ATOM   888  C CB  . ALA A 1 124 ? -6.795  -4.020  -6.842  1.00 29.46  ? 119  ALA A CB  1 
ATOM   889  N N   . ALA A 1 125 ? -9.035  -4.052  -4.614  1.00 23.27  ? 120  ALA A N   1 
ATOM   890  C CA  . ALA A 1 125 ? -9.857  -4.808  -3.686  1.00 22.02  ? 120  ALA A CA  1 
ATOM   891  C C   . ALA A 1 125 ? -11.331 -4.439  -3.808  1.00 30.76  ? 120  ALA A C   1 
ATOM   892  O O   . ALA A 1 125 ? -12.210 -5.289  -3.638  1.00 30.84  ? 120  ALA A O   1 
ATOM   893  C CB  . ALA A 1 125 ? -9.358  -4.588  -2.264  1.00 34.33  ? 120  ALA A CB  1 
ATOM   894  N N   . LEU A 1 126 ? -11.581 -3.159  -4.090  1.00 30.38  ? 121  LEU A N   1 
ATOM   895  C CA  . LEU A 1 126 ? -12.968 -2.713  -4.206  1.00 30.97  ? 121  LEU A CA  1 
ATOM   896  C C   . LEU A 1 126 ? -13.506 -3.272  -5.522  1.00 32.43  ? 121  LEU A C   1 
ATOM   897  O O   . LEU A 1 126 ? -14.606 -3.809  -5.533  1.00 27.78  ? 121  LEU A O   1 
ATOM   898  C CB  . LEU A 1 126 ? -13.080 -1.193  -4.097  1.00 26.90  ? 121  LEU A CB  1 
ATOM   899  C CG  . LEU A 1 126 ? -13.092 -0.709  -2.632  1.00 25.65  ? 121  LEU A CG  1 
ATOM   900  C CD1 . LEU A 1 126 ? -12.741 0.764   -2.513  1.00 19.93  ? 121  LEU A CD1 1 
ATOM   901  C CD2 . LEU A 1 126 ? -14.446 -0.999  -2.003  1.00 21.83  ? 121  LEU A CD2 1 
ATOM   902  N N   . ARG A 1 127 ? -12.680 -3.148  -6.549  1.00 27.06  ? 122  ARG A N   1 
ATOM   903  C CA  . ARG A 1 127 ? -12.992 -3.674  -7.861  1.00 39.34  ? 122  ARG A CA  1 
ATOM   904  C C   . ARG A 1 127 ? -13.492 -5.111  -7.743  1.00 48.50  ? 122  ARG A C   1 
ATOM   905  O O   . ARG A 1 127 ? -14.585 -5.414  -8.202  1.00 54.79  ? 122  ARG A O   1 
ATOM   906  C CB  . ARG A 1 127 ? -11.784 -3.678  -8.793  1.00 42.68  ? 122  ARG A CB  1 
ATOM   907  C CG  . ARG A 1 127 ? -12.136 -3.502  -10.260 1.00 51.35  ? 122  ARG A CG  1 
ATOM   908  C CD  . ARG A 1 127 ? -10.959 -2.888  -11.011 1.00 53.06  ? 122  ARG A CD  1 
ATOM   909  N NE  . ARG A 1 127 ? -9.743  -3.620  -10.705 1.00 52.17  ? 122  ARG A NE  1 
ATOM   910  C CZ  . ARG A 1 127 ? -8.490  -3.199  -10.691 1.00 57.27  ? 122  ARG A CZ  1 
ATOM   911  N NH1 . ARG A 1 127 ? -8.108  -1.964  -10.974 1.00 47.54  ? 122  ARG A NH1 1 
ATOM   912  N NH2 . ARG A 1 127 ? -7.560  -4.094  -10.370 1.00 45.96  ? 122  ARG A NH2 1 
ATOM   913  N N   . GLN A 1 128 ? -12.636 -5.919  -7.128  1.00 49.00  ? 123  GLN A N   1 
ATOM   914  C CA  . GLN A 1 128 ? -12.926 -7.345  -7.023  1.00 55.10  ? 123  GLN A CA  1 
ATOM   915  C C   . GLN A 1 128 ? -14.292 -7.497  -6.361  1.00 54.53  ? 123  GLN A C   1 
ATOM   916  O O   . GLN A 1 128 ? -15.117 -8.258  -6.861  1.00 61.93  ? 123  GLN A O   1 
ATOM   917  C CB  . GLN A 1 128 ? -11.849 -8.118  -6.261  1.00 58.02  ? 123  GLN A CB  1 
ATOM   918  C CG  . GLN A 1 128 ? -11.916 -9.617  -6.502  1.00 50.84  ? 123  GLN A CG  1 
ATOM   919  C CD  . GLN A 1 128 ? -10.631 -10.382 -6.307  1.00 44.39  ? 123  GLN A CD  1 
ATOM   920  O OE1 . GLN A 1 128 ? -9.700  -10.319 -7.117  1.00 43.18  ? 123  GLN A OE1 1 
ATOM   921  N NE2 . GLN A 1 128 ? -10.573 -11.140 -5.213  1.00 27.80  ? 123  GLN A NE2 1 
ATOM   922  N N   . GLU A 1 129 ? -14.450 -6.738  -5.282  1.00 53.58  ? 124  GLU A N   1 
ATOM   923  C CA  . GLU A 1 129 ? -15.720 -6.703  -4.559  1.00 48.08  ? 124  GLU A CA  1 
ATOM   924  C C   . GLU A 1 129 ? -16.845 -6.488  -5.566  1.00 44.00  ? 124  GLU A C   1 
ATOM   925  O O   . GLU A 1 129 ? -17.836 -7.204  -5.546  1.00 57.77  ? 124  GLU A O   1 
ATOM   926  C CB  . GLU A 1 129 ? -15.724 -5.613  -3.493  1.00 52.78  ? 124  GLU A CB  1 
ATOM   927  C CG  . GLU A 1 129 ? -15.650 -6.100  -2.061  1.00 63.11  ? 124  GLU A CG  1 
ATOM   928  C CD  . GLU A 1 129 ? -16.266 -5.180  -1.027  1.00 68.22  ? 124  GLU A CD  1 
ATOM   929  O OE1 . GLU A 1 129 ? -16.480 -3.978  -1.301  1.00 82.81  ? 124  GLU A OE1 1 
ATOM   930  O OE2 . GLU A 1 129 ? -16.550 -5.654  0.100   1.00 68.41  ? 124  GLU A OE2 1 
ATOM   931  N N   . SER A 1 130 ? -16.684 -5.517  -6.458  1.00 48.92  ? 125  SER A N   1 
ATOM   932  C CA  . SER A 1 130 ? -17.713 -5.243  -7.458  1.00 63.69  ? 125  SER A CA  1 
ATOM   933  C C   . SER A 1 130 ? -17.290 -5.685  -8.856  1.00 78.67  ? 125  SER A C   1 
ATOM   934  O O   . SER A 1 130 ? -16.657 -6.758  -8.977  1.00 105.33 ? 125  SER A O   1 
ATOM   935  C CB  . SER A 1 130 ? -18.068 -3.752  -7.475  1.00 49.85  ? 125  SER A CB  1 
ATOM   936  O OG  . SER A 1 130 ? -16.916 -2.961  -7.698  1.00 56.20  ? 125  SER A OG  1 
HETATM 937  O O   . HOH B 2 .   ? 3.251   2.332   6.306   1.00 12.47  ? 2001 HOH A O   1 
HETATM 938  O O   . HOH B 2 .   ? 4.888   -4.908  6.794   1.00 14.05  ? 2002 HOH A O   1 
HETATM 939  O O   . HOH B 2 .   ? 6.313   9.519   4.593   1.00 18.14  ? 2003 HOH A O   1 
HETATM 940  O O   . HOH B 2 .   ? 4.216   -9.009  4.782   1.00 23.60  ? 2004 HOH A O   1 
HETATM 941  O O   . HOH B 2 .   ? -8.319  10.857  5.536   1.00 17.77  ? 2005 HOH A O   1 
HETATM 942  O O   . HOH B 2 .   ? -3.419  -8.803  -4.198  1.00 24.69  ? 2006 HOH A O   1 
HETATM 943  O O   . HOH B 2 .   ? 4.035   11.595  11.651  1.00 31.92  ? 2007 HOH A O   1 
HETATM 944  O O   . HOH B 2 .   ? -0.872  12.691  -3.700  1.00 22.30  ? 2008 HOH A O   1 
HETATM 945  O O   . HOH B 2 .   ? -16.288 -2.095  2.781   1.00 22.92  ? 2009 HOH A O   1 
HETATM 946  O O   . HOH B 2 .   ? -2.443  -0.435  19.491  1.00 37.69  ? 2010 HOH A O   1 
HETATM 947  O O   . HOH B 2 .   ? -8.570  -6.016  8.384   1.00 22.14  ? 2011 HOH A O   1 
HETATM 948  O O   . HOH B 2 .   ? -8.974  -3.347  11.100  1.00 22.98  ? 2012 HOH A O   1 
HETATM 949  O O   . HOH B 2 .   ? -7.835  9.850   7.853   1.00 18.32  ? 2013 HOH A O   1 
HETATM 950  O O   . HOH B 2 .   ? -3.641  19.653  0.159   1.00 22.03  ? 2014 HOH A O   1 
HETATM 951  O O   . HOH B 2 .   ? 1.861   20.061  -2.107  1.00 17.88  ? 2015 HOH A O   1 
HETATM 952  O O   . HOH B 2 .   ? -6.042  -0.469  -8.608  1.00 22.76  ? 2016 HOH A O   1 
HETATM 953  O O   . HOH B 2 .   ? 5.175   1.836   -0.576  1.00 21.54  ? 2017 HOH A O   1 
HETATM 954  O O   . HOH B 2 .   ? 16.085  4.980   9.528   0.50 31.35  ? 2018 HOH A O   1 
HETATM 955  O O   . HOH B 2 .   ? -2.218  13.233  8.234   1.00 26.52  ? 2019 HOH A O   1 
HETATM 956  O O   . HOH B 2 .   ? 6.689   -7.813  8.052   1.00 40.34  ? 2020 HOH A O   1 
HETATM 957  O O   . HOH B 2 .   ? -14.495 7.430   5.708   1.00 27.37  ? 2021 HOH A O   1 
HETATM 958  O O   . HOH B 2 .   ? -14.145 3.963   -0.653  1.00 33.92  ? 2022 HOH A O   1 
HETATM 959  O O   . HOH B 2 .   ? -11.911 5.711   -6.121  1.00 46.12  ? 2023 HOH A O   1 
HETATM 960  O O   . HOH B 2 .   ? 1.031   -12.849 -14.574 1.00 48.62  ? 2024 HOH A O   1 
HETATM 961  O O   . HOH B 2 .   ? 2.232   -10.474 7.365   1.00 43.03  ? 2025 HOH A O   1 
HETATM 962  O O   . HOH B 2 .   ? 11.541  -5.474  11.858  1.00 31.96  ? 2026 HOH A O   1 
HETATM 963  O O   . HOH B 2 .   ? -14.775 -4.242  5.232   1.00 27.00  ? 2027 HOH A O   1 
HETATM 964  O O   . HOH B 2 .   ? -5.009  16.470  -5.528  1.00 30.46  ? 2028 HOH A O   1 
HETATM 965  O O   . HOH B 2 .   ? -11.284 -6.493  2.735   1.00 31.17  ? 2029 HOH A O   1 
HETATM 966  O O   . HOH B 2 .   ? -17.210 1.640   8.446   1.00 44.98  ? 2030 HOH A O   1 
HETATM 967  O O   . HOH B 2 .   ? -11.188 11.032  6.092   1.00 38.96  ? 2031 HOH A O   1 
HETATM 968  O O   . HOH B 2 .   ? -0.888  1.079   15.323  1.00 24.02  ? 2032 HOH A O   1 
HETATM 969  O O   . HOH B 2 .   ? 2.981   -2.556  14.529  1.00 24.68  ? 2033 HOH A O   1 
HETATM 970  O O   . HOH B 2 .   ? -6.851  -5.546  10.297  0.50 43.74  ? 2034 HOH A O   1 
HETATM 971  O O   . HOH B 2 .   ? 13.344  6.312   11.693  1.00 49.04  ? 2035 HOH A O   1 
HETATM 972  O O   . HOH B 2 .   ? 2.228   -18.259 -9.484  1.00 43.42  ? 2036 HOH A O   1 
HETATM 973  O O   . HOH B 2 .   ? -10.982 -7.587  0.484   1.00 34.44  ? 2037 HOH A O   1 
HETATM 974  O O   . HOH B 2 .   ? -18.513 -0.294  5.416   1.00 36.79  ? 2038 HOH A O   1 
HETATM 975  O O   . HOH B 2 .   ? 7.652   8.970   1.460   1.00 32.69  ? 2039 HOH A O   1 
HETATM 976  O O   . HOH B 2 .   ? -1.564  -8.557  7.348   1.00 30.64  ? 2040 HOH A O   1 
HETATM 977  O O   . HOH B 2 .   ? -0.443  10.532  -5.178  1.00 30.43  ? 2041 HOH A O   1 
HETATM 978  O O   . HOH B 2 .   ? -4.667  5.410   -7.706  1.00 29.86  ? 2042 HOH A O   1 
HETATM 979  O O   . HOH B 2 .   ? -3.415  7.083   13.055  1.00 35.85  ? 2043 HOH A O   1 
HETATM 980  O O   . HOH B 2 .   ? -2.862  15.622  4.277   1.00 30.58  ? 2044 HOH A O   1 
HETATM 981  O O   . HOH B 2 .   ? 3.987   15.556  1.392   1.00 38.83  ? 2045 HOH A O   1 
HETATM 982  O O   . HOH B 2 .   ? 11.251  13.946  6.854   1.00 69.61  ? 2046 HOH A O   1 
HETATM 983  O O   . HOH B 2 .   ? -12.269 -7.605  -2.507  1.00 39.56  ? 2047 HOH A O   1 
HETATM 984  O O   . HOH B 2 .   ? -13.593 -5.259  8.381   1.00 40.32  ? 2048 HOH A O   1 
HETATM 985  O O   . HOH B 2 .   ? -2.075  15.080  6.638   1.00 25.77  ? 2049 HOH A O   1 
HETATM 986  O O   . HOH B 2 .   ? 3.020   -11.574 4.478   1.00 40.76  ? 2050 HOH A O   1 
HETATM 987  O O   . HOH B 2 .   ? -3.783  14.456  -6.738  1.00 49.64  ? 2051 HOH A O   1 
HETATM 988  O O   . HOH B 2 .   ? 7.400   12.402  2.675   1.00 40.66  ? 2052 HOH A O   1 
HETATM 989  O O   . HOH B 2 .   ? 15.745  -0.205  2.662   1.00 36.67  ? 2053 HOH A O   1 
HETATM 990  O O   . HOH B 2 .   ? -0.588  7.340   14.283  1.00 42.71  ? 2054 HOH A O   1 
HETATM 991  O O   . HOH B 2 .   ? 15.518  -1.620  6.120   1.00 35.29  ? 2055 HOH A O   1 
HETATM 992  O O   . HOH B 2 .   ? 15.475  -4.927  8.190   1.00 49.82  ? 2056 HOH A O   1 
HETATM 993  O O   . HOH B 2 .   ? 9.000   -6.171  11.198  1.00 41.98  ? 2057 HOH A O   1 
HETATM 994  O O   . HOH B 2 .   ? 0.663   12.691  10.112  1.00 49.83  ? 2058 HOH A O   1 
HETATM 995  O O   . HOH B 2 .   ? 1.037   -18.651 -13.171 1.00 50.31  ? 2059 HOH A O   1 
HETATM 996  O O   . HOH B 2 .   ? 9.604   6.088   9.779   1.00 29.54  ? 2060 HOH A O   1 
HETATM 997  O O   . HOH B 2 .   ? -4.108  7.405   19.271  1.00 48.73  ? 2061 HOH A O   1 
HETATM 998  O O   . HOH B 2 .   ? -2.872  -12.959 -1.377  1.00 39.01  ? 2062 HOH A O   1 
HETATM 999  O O   . HOH B 2 .   ? -16.065 2.339   -1.715  1.00 41.79  ? 2063 HOH A O   1 
HETATM 1000 O O   . HOH B 2 .   ? 4.826   5.538   -3.797  1.00 34.97  ? 2064 HOH A O   1 
HETATM 1001 O O   . HOH B 2 .   ? -3.290  -10.625 2.300   1.00 57.63  ? 2065 HOH A O   1 
HETATM 1002 O O   . HOH B 2 .   ? 13.662  8.541   0.825   1.00 60.70  ? 2066 HOH A O   1 
HETATM 1003 O O   . HOH B 2 .   ? 0.527   18.003  1.363   1.00 47.62  ? 2067 HOH A O   1 
HETATM 1004 O O   . HOH B 2 .   ? -7.951  11.568  9.472   1.00 50.53  ? 2068 HOH A O   1 
HETATM 1005 O O   . HOH B 2 .   ? 8.876   12.738  17.750  1.00 46.73  ? 2069 HOH A O   1 
HETATM 1006 O O   . HOH B 2 .   ? -8.710  -17.527 -2.030  1.00 58.32  ? 2070 HOH A O   1 
HETATM 1007 O O   . HOH B 2 .   ? -16.572 -3.975  7.432   1.00 45.81  ? 2071 HOH A O   1 
HETATM 1008 O O   . HOH B 2 .   ? 13.025  7.380   7.108   1.00 49.65  ? 2072 HOH A O   1 
HETATM 1009 O O   . HOH B 2 .   ? 8.471   -7.040  6.642   1.00 40.34  ? 2073 HOH A O   1 
HETATM 1010 O O   . HOH B 2 .   ? -8.658  -6.664  -8.782  1.00 34.73  ? 2074 HOH A O   1 
HETATM 1011 O O   . HOH B 2 .   ? -11.367 9.369   9.554   1.00 44.65  ? 2075 HOH A O   1 
HETATM 1012 O O   . HOH B 2 .   ? 10.661  3.363   14.831  1.00 38.05  ? 2076 HOH A O   1 
HETATM 1013 O O   . HOH B 2 .   ? -11.549 8.784   -4.872  1.00 44.13  ? 2077 HOH A O   1 
HETATM 1014 O O   . HOH B 2 .   ? -7.991  13.534  5.554   1.00 35.92  ? 2078 HOH A O   1 
HETATM 1015 O O   . HOH B 2 .   ? 3.122   16.815  -3.996  1.00 33.69  ? 2079 HOH A O   1 
HETATM 1016 O O   . HOH B 2 .   ? -10.509 16.137  1.630   1.00 55.24  ? 2080 HOH A O   1 
HETATM 1017 O O   . HOH B 2 .   ? 10.084  0.414   17.628  1.00 72.01  ? 2081 HOH A O   1 
HETATM 1018 O O   . HOH B 2 .   ? 11.736  12.419  14.842  1.00 53.56  ? 2082 HOH A O   1 
HETATM 1019 O O   . HOH B 2 .   ? -9.502  8.610   -7.207  1.00 50.76  ? 2083 HOH A O   1 
HETATM 1020 O O   . HOH B 2 .   ? 16.034  -1.992  -4.245  1.00 76.89  ? 2084 HOH A O   1 
HETATM 1021 O O   . HOH B 2 .   ? 8.432   -10.657 2.268   1.00 50.93  ? 2085 HOH A O   1 
HETATM 1022 O O   . HOH B 2 .   ? 6.066   -16.086 -3.774  0.50 36.96  ? 2086 HOH A O   1 
HETATM 1023 O O   . HOH B 2 .   ? -7.719  -19.035 0.000   1.00 58.51  ? 2087 HOH A O   1 
HETATM 1024 O O   . HOH B 2 .   ? 9.992   -7.907  8.918   1.00 55.41  ? 2088 HOH A O   1 
HETATM 1025 O O   . HOH B 2 .   ? 1.023   11.278  12.407  1.00 48.65  ? 2089 HOH A O   1 
HETATM 1026 O O   . HOH B 2 .   ? -3.735  -19.532 -2.191  1.00 56.33  ? 2090 HOH A O   1 
HETATM 1027 O O   . HOH B 2 .   ? -9.488  -8.462  6.653   1.00 59.10  ? 2091 HOH A O   1 
HETATM 1028 O O   . HOH B 2 .   ? -12.902 8.816   -1.867  1.00 46.68  ? 2092 HOH A O   1 
HETATM 1029 O O   . HOH B 2 .   ? -2.579  6.283   -6.134  1.00 35.31  ? 2093 HOH A O   1 
HETATM 1030 O O   . HOH B 2 .   ? -12.802 10.329  11.749  1.00 61.41  ? 2094 HOH A O   1 
# 
